data_2C6U
# 
_entry.id   2C6U 
# 
_audit_conform.dict_name       mmcif_pdbx.dic 
_audit_conform.dict_version    5.397 
_audit_conform.dict_location   http://mmcif.pdb.org/dictionaries/ascii/mmcif_pdbx.dic 
# 
loop_
_database_2.database_id 
_database_2.database_code 
_database_2.pdbx_database_accession 
_database_2.pdbx_DOI 
PDB   2C6U         pdb_00002c6u 10.2210/pdb2c6u/pdb 
PDBE  EBI-26289    ?            ?                   
WWPDB D_1290026289 ?            ?                   
# 
loop_
_pdbx_audit_revision_history.ordinal 
_pdbx_audit_revision_history.data_content_type 
_pdbx_audit_revision_history.major_revision 
_pdbx_audit_revision_history.minor_revision 
_pdbx_audit_revision_history.revision_date 
1 'Structure model' 1 0 2006-11-20 
2 'Structure model' 1 1 2011-05-08 
3 'Structure model' 1 2 2011-07-13 
4 'Structure model' 1 3 2017-07-12 
5 'Structure model' 1 4 2024-05-01 
6 'Structure model' 1 5 2024-10-16 
# 
_pdbx_audit_revision_details.ordinal             1 
_pdbx_audit_revision_details.revision_ordinal    1 
_pdbx_audit_revision_details.data_content_type   'Structure model' 
_pdbx_audit_revision_details.provider            repository 
_pdbx_audit_revision_details.type                'Initial release' 
_pdbx_audit_revision_details.description         ? 
_pdbx_audit_revision_details.details             ? 
# 
loop_
_pdbx_audit_revision_group.ordinal 
_pdbx_audit_revision_group.revision_ordinal 
_pdbx_audit_revision_group.data_content_type 
_pdbx_audit_revision_group.group 
1 2 'Structure model' 'Version format compliance' 
2 3 'Structure model' 'Version format compliance' 
3 4 'Structure model' 'Refinement description'    
4 5 'Structure model' 'Data collection'           
5 5 'Structure model' 'Database references'       
6 5 'Structure model' 'Refinement description'    
7 6 'Structure model' 'Structure summary'         
# 
loop_
_pdbx_audit_revision_category.ordinal 
_pdbx_audit_revision_category.revision_ordinal 
_pdbx_audit_revision_category.data_content_type 
_pdbx_audit_revision_category.category 
1 4 'Structure model' software                      
2 5 'Structure model' chem_comp_atom                
3 5 'Structure model' chem_comp_bond                
4 5 'Structure model' database_2                    
5 5 'Structure model' pdbx_initial_refinement_model 
6 6 'Structure model' pdbx_entry_details            
7 6 'Structure model' pdbx_modification_feature     
# 
loop_
_pdbx_audit_revision_item.ordinal 
_pdbx_audit_revision_item.revision_ordinal 
_pdbx_audit_revision_item.data_content_type 
_pdbx_audit_revision_item.item 
1 4 'Structure model' '_software.name'                               
2 5 'Structure model' '_database_2.pdbx_DOI'                         
3 5 'Structure model' '_database_2.pdbx_database_accession'          
4 6 'Structure model' '_pdbx_entry_details.has_protein_modification' 
# 
_pdbx_database_status.status_code                     REL 
_pdbx_database_status.entry_id                        2C6U 
_pdbx_database_status.deposit_site                    PDBE 
_pdbx_database_status.process_site                    PDBE 
_pdbx_database_status.SG_entry                        . 
_pdbx_database_status.recvd_initial_deposition_date   2005-11-11 
_pdbx_database_status.pdb_format_compatible           Y 
_pdbx_database_status.status_code_sf                  ? 
_pdbx_database_status.status_code_mr                  ? 
_pdbx_database_status.status_code_cs                  ? 
_pdbx_database_status.methods_development_category    ? 
_pdbx_database_status.status_code_nmr_data            ? 
# 
loop_
_audit_author.name 
_audit_author.pdbx_ordinal 
'Watson, A.A.'      1 
'Brown, J.'         2 
;O'Callaghan, C.A.
;
3 
# 
_citation.id                        primary 
_citation.title                     
'The Crystal Structure and Mutational Binding Analysis of the Extracellular Domain of the Platelet-Activating Receptor Clec-2.' 
_citation.journal_abbrev            J.Biol.Chem. 
_citation.journal_volume            282 
_citation.page_first                3165 
_citation.page_last                 ? 
_citation.year                      2007 
_citation.journal_id_ASTM           JBCHA3 
_citation.country                   US 
_citation.journal_id_ISSN           0021-9258 
_citation.journal_id_CSD            0071 
_citation.book_publisher            ? 
_citation.pdbx_database_id_PubMed   17132623 
_citation.pdbx_database_id_DOI      10.1074/JBC.M610383200 
# 
loop_
_citation_author.citation_id 
_citation_author.name 
_citation_author.ordinal 
_citation_author.identifier_ORCID 
primary 'Watson, A.A.'      1 ? 
primary 'Brown, J.'         2 ? 
primary 'Harlos, K.'        3 ? 
primary 'Eble, J.A.'        4 ? 
primary 'Walter, T.S.'      5 ? 
primary 
;O'Callaghan, C.A.
;
6 ? 
# 
loop_
_entity.id 
_entity.type 
_entity.src_method 
_entity.pdbx_description 
_entity.formula_weight 
_entity.pdbx_number_of_molecules 
_entity.pdbx_ec 
_entity.pdbx_mutation 
_entity.pdbx_fragment 
_entity.details 
1 polymer man 'CLEC1B PROTEIN' 14601.466 1   ? ? 'C-TYPE LECTIN-LIKE DOMAIN, RESIDUES 100-221' ? 
2 water   nat water            18.015    246 ? ? ?                                             ? 
# 
_entity_name_com.entity_id   1 
_entity_name_com.name        'CLEC-2, C-TYPE LECTIN-LIKE RECEPTOR-2' 
# 
_entity_poly.entity_id                      1 
_entity_poly.type                           'polypeptide(L)' 
_entity_poly.nstd_linkage                   no 
_entity_poly.nstd_monomer                   no 
_entity_poly.pdbx_seq_one_letter_code       
;SPCDTNWRYYGDSCYGFFRHNLTWEESKQYCTDMNATLLKIDNRNIVEYIKARTHLIRWVGLSRQKSNEVWKWEDGSVIS
ENMFEFLEDGKGNMNCAYFHNGKMHPTFCENKHYLMCERKAG
;
_entity_poly.pdbx_seq_one_letter_code_can   
;SPCDTNWRYYGDSCYGFFRHNLTWEESKQYCTDMNATLLKIDNRNIVEYIKARTHLIRWVGLSRQKSNEVWKWEDGSVIS
ENMFEFLEDGKGNMNCAYFHNGKMHPTFCENKHYLMCERKAG
;
_entity_poly.pdbx_strand_id                 A 
_entity_poly.pdbx_target_identifier         ? 
# 
_pdbx_entity_nonpoly.entity_id   2 
_pdbx_entity_nonpoly.name        water 
_pdbx_entity_nonpoly.comp_id     HOH 
# 
loop_
_entity_poly_seq.entity_id 
_entity_poly_seq.num 
_entity_poly_seq.mon_id 
_entity_poly_seq.hetero 
1 1   SER n 
1 2   PRO n 
1 3   CYS n 
1 4   ASP n 
1 5   THR n 
1 6   ASN n 
1 7   TRP n 
1 8   ARG n 
1 9   TYR n 
1 10  TYR n 
1 11  GLY n 
1 12  ASP n 
1 13  SER n 
1 14  CYS n 
1 15  TYR n 
1 16  GLY n 
1 17  PHE n 
1 18  PHE n 
1 19  ARG n 
1 20  HIS n 
1 21  ASN n 
1 22  LEU n 
1 23  THR n 
1 24  TRP n 
1 25  GLU n 
1 26  GLU n 
1 27  SER n 
1 28  LYS n 
1 29  GLN n 
1 30  TYR n 
1 31  CYS n 
1 32  THR n 
1 33  ASP n 
1 34  MET n 
1 35  ASN n 
1 36  ALA n 
1 37  THR n 
1 38  LEU n 
1 39  LEU n 
1 40  LYS n 
1 41  ILE n 
1 42  ASP n 
1 43  ASN n 
1 44  ARG n 
1 45  ASN n 
1 46  ILE n 
1 47  VAL n 
1 48  GLU n 
1 49  TYR n 
1 50  ILE n 
1 51  LYS n 
1 52  ALA n 
1 53  ARG n 
1 54  THR n 
1 55  HIS n 
1 56  LEU n 
1 57  ILE n 
1 58  ARG n 
1 59  TRP n 
1 60  VAL n 
1 61  GLY n 
1 62  LEU n 
1 63  SER n 
1 64  ARG n 
1 65  GLN n 
1 66  LYS n 
1 67  SER n 
1 68  ASN n 
1 69  GLU n 
1 70  VAL n 
1 71  TRP n 
1 72  LYS n 
1 73  TRP n 
1 74  GLU n 
1 75  ASP n 
1 76  GLY n 
1 77  SER n 
1 78  VAL n 
1 79  ILE n 
1 80  SER n 
1 81  GLU n 
1 82  ASN n 
1 83  MET n 
1 84  PHE n 
1 85  GLU n 
1 86  PHE n 
1 87  LEU n 
1 88  GLU n 
1 89  ASP n 
1 90  GLY n 
1 91  LYS n 
1 92  GLY n 
1 93  ASN n 
1 94  MET n 
1 95  ASN n 
1 96  CYS n 
1 97  ALA n 
1 98  TYR n 
1 99  PHE n 
1 100 HIS n 
1 101 ASN n 
1 102 GLY n 
1 103 LYS n 
1 104 MET n 
1 105 HIS n 
1 106 PRO n 
1 107 THR n 
1 108 PHE n 
1 109 CYS n 
1 110 GLU n 
1 111 ASN n 
1 112 LYS n 
1 113 HIS n 
1 114 TYR n 
1 115 LEU n 
1 116 MET n 
1 117 CYS n 
1 118 GLU n 
1 119 ARG n 
1 120 LYS n 
1 121 ALA n 
1 122 GLY n 
# 
_entity_src_gen.entity_id                          1 
_entity_src_gen.pdbx_src_id                        1 
_entity_src_gen.pdbx_alt_source_flag               sample 
_entity_src_gen.pdbx_seq_type                      ? 
_entity_src_gen.pdbx_beg_seq_num                   ? 
_entity_src_gen.pdbx_end_seq_num                   ? 
_entity_src_gen.gene_src_common_name               HUMAN 
_entity_src_gen.gene_src_genus                     ? 
_entity_src_gen.pdbx_gene_src_gene                 ? 
_entity_src_gen.gene_src_species                   ? 
_entity_src_gen.gene_src_strain                    ? 
_entity_src_gen.gene_src_tissue                    ? 
_entity_src_gen.gene_src_tissue_fraction           ? 
_entity_src_gen.gene_src_details                   ? 
_entity_src_gen.pdbx_gene_src_fragment             ? 
_entity_src_gen.pdbx_gene_src_scientific_name      'HOMO SAPIENS' 
_entity_src_gen.pdbx_gene_src_ncbi_taxonomy_id     9606 
_entity_src_gen.pdbx_gene_src_variant              ? 
_entity_src_gen.pdbx_gene_src_cell_line            ? 
_entity_src_gen.pdbx_gene_src_atcc                 ? 
_entity_src_gen.pdbx_gene_src_organ                ? 
_entity_src_gen.pdbx_gene_src_organelle            ? 
_entity_src_gen.pdbx_gene_src_cell                 'PERIPHERAL BLOOD MONONUCLEAR CELLS' 
_entity_src_gen.pdbx_gene_src_cellular_location    ? 
_entity_src_gen.host_org_common_name               ? 
_entity_src_gen.pdbx_host_org_scientific_name      'ESCHERICHIA COLI' 
_entity_src_gen.pdbx_host_org_ncbi_taxonomy_id     469008 
_entity_src_gen.host_org_genus                     ? 
_entity_src_gen.pdbx_host_org_gene                 ? 
_entity_src_gen.pdbx_host_org_organ                ? 
_entity_src_gen.host_org_species                   ? 
_entity_src_gen.pdbx_host_org_tissue               ? 
_entity_src_gen.pdbx_host_org_tissue_fraction      ? 
_entity_src_gen.pdbx_host_org_strain               'BL21(DE3)' 
_entity_src_gen.pdbx_host_org_variant              PLYSS 
_entity_src_gen.pdbx_host_org_cell_line            ? 
_entity_src_gen.pdbx_host_org_atcc                 ? 
_entity_src_gen.pdbx_host_org_culture_collection   ? 
_entity_src_gen.pdbx_host_org_cell                 ? 
_entity_src_gen.pdbx_host_org_organelle            ? 
_entity_src_gen.pdbx_host_org_cellular_location    ? 
_entity_src_gen.pdbx_host_org_vector_type          ? 
_entity_src_gen.pdbx_host_org_vector               ? 
_entity_src_gen.host_org_details                   ? 
_entity_src_gen.expression_system_id               ? 
_entity_src_gen.plasmid_name                       PGMT7 
_entity_src_gen.plasmid_details                    ? 
_entity_src_gen.pdbx_description                   ? 
# 
loop_
_chem_comp.id 
_chem_comp.type 
_chem_comp.mon_nstd_flag 
_chem_comp.name 
_chem_comp.pdbx_synonyms 
_chem_comp.formula 
_chem_comp.formula_weight 
ALA 'L-peptide linking' y ALANINE         ? 'C3 H7 N O2'     89.093  
ARG 'L-peptide linking' y ARGININE        ? 'C6 H15 N4 O2 1' 175.209 
ASN 'L-peptide linking' y ASPARAGINE      ? 'C4 H8 N2 O3'    132.118 
ASP 'L-peptide linking' y 'ASPARTIC ACID' ? 'C4 H7 N O4'     133.103 
CYS 'L-peptide linking' y CYSTEINE        ? 'C3 H7 N O2 S'   121.158 
GLN 'L-peptide linking' y GLUTAMINE       ? 'C5 H10 N2 O3'   146.144 
GLU 'L-peptide linking' y 'GLUTAMIC ACID' ? 'C5 H9 N O4'     147.129 
GLY 'peptide linking'   y GLYCINE         ? 'C2 H5 N O2'     75.067  
HIS 'L-peptide linking' y HISTIDINE       ? 'C6 H10 N3 O2 1' 156.162 
HOH non-polymer         . WATER           ? 'H2 O'           18.015  
ILE 'L-peptide linking' y ISOLEUCINE      ? 'C6 H13 N O2'    131.173 
LEU 'L-peptide linking' y LEUCINE         ? 'C6 H13 N O2'    131.173 
LYS 'L-peptide linking' y LYSINE          ? 'C6 H15 N2 O2 1' 147.195 
MET 'L-peptide linking' y METHIONINE      ? 'C5 H11 N O2 S'  149.211 
PHE 'L-peptide linking' y PHENYLALANINE   ? 'C9 H11 N O2'    165.189 
PRO 'L-peptide linking' y PROLINE         ? 'C5 H9 N O2'     115.130 
SER 'L-peptide linking' y SERINE          ? 'C3 H7 N O3'     105.093 
THR 'L-peptide linking' y THREONINE       ? 'C4 H9 N O3'     119.119 
TRP 'L-peptide linking' y TRYPTOPHAN      ? 'C11 H12 N2 O2'  204.225 
TYR 'L-peptide linking' y TYROSINE        ? 'C9 H11 N O3'    181.189 
VAL 'L-peptide linking' y VALINE          ? 'C5 H11 N O2'    117.146 
# 
loop_
_pdbx_poly_seq_scheme.asym_id 
_pdbx_poly_seq_scheme.entity_id 
_pdbx_poly_seq_scheme.seq_id 
_pdbx_poly_seq_scheme.mon_id 
_pdbx_poly_seq_scheme.ndb_seq_num 
_pdbx_poly_seq_scheme.pdb_seq_num 
_pdbx_poly_seq_scheme.auth_seq_num 
_pdbx_poly_seq_scheme.pdb_mon_id 
_pdbx_poly_seq_scheme.auth_mon_id 
_pdbx_poly_seq_scheme.pdb_strand_id 
_pdbx_poly_seq_scheme.pdb_ins_code 
_pdbx_poly_seq_scheme.hetero 
A 1 1   SER 1   100 100 SER SER A . n 
A 1 2   PRO 2   101 101 PRO PRO A . n 
A 1 3   CYS 3   102 102 CYS CYS A . n 
A 1 4   ASP 4   103 103 ASP ASP A . n 
A 1 5   THR 5   104 104 THR THR A . n 
A 1 6   ASN 6   105 105 ASN ASN A . n 
A 1 7   TRP 7   106 106 TRP TRP A . n 
A 1 8   ARG 8   107 107 ARG ARG A . n 
A 1 9   TYR 9   108 108 TYR TYR A . n 
A 1 10  TYR 10  109 109 TYR TYR A . n 
A 1 11  GLY 11  110 110 GLY GLY A . n 
A 1 12  ASP 12  111 111 ASP ASP A . n 
A 1 13  SER 13  112 112 SER SER A . n 
A 1 14  CYS 14  113 113 CYS CYS A . n 
A 1 15  TYR 15  114 114 TYR TYR A . n 
A 1 16  GLY 16  115 115 GLY GLY A . n 
A 1 17  PHE 17  116 116 PHE PHE A . n 
A 1 18  PHE 18  117 117 PHE PHE A . n 
A 1 19  ARG 19  118 118 ARG ARG A . n 
A 1 20  HIS 20  119 119 HIS HIS A . n 
A 1 21  ASN 21  120 120 ASN ASN A . n 
A 1 22  LEU 22  121 121 LEU LEU A . n 
A 1 23  THR 23  122 122 THR THR A . n 
A 1 24  TRP 24  123 123 TRP TRP A . n 
A 1 25  GLU 25  124 124 GLU GLU A . n 
A 1 26  GLU 26  125 125 GLU GLU A . n 
A 1 27  SER 27  126 126 SER SER A . n 
A 1 28  LYS 28  127 127 LYS LYS A . n 
A 1 29  GLN 29  128 128 GLN GLN A . n 
A 1 30  TYR 30  129 129 TYR TYR A . n 
A 1 31  CYS 31  130 130 CYS CYS A . n 
A 1 32  THR 32  131 131 THR THR A . n 
A 1 33  ASP 33  132 132 ASP ASP A . n 
A 1 34  MET 34  133 133 MET MET A . n 
A 1 35  ASN 35  134 134 ASN ASN A . n 
A 1 36  ALA 36  135 135 ALA ALA A . n 
A 1 37  THR 37  136 136 THR THR A . n 
A 1 38  LEU 38  137 137 LEU LEU A . n 
A 1 39  LEU 39  138 138 LEU LEU A . n 
A 1 40  LYS 40  139 139 LYS LYS A . n 
A 1 41  ILE 41  140 140 ILE ILE A . n 
A 1 42  ASP 42  141 141 ASP ASP A . n 
A 1 43  ASN 43  142 142 ASN ASN A . n 
A 1 44  ARG 44  143 143 ARG ARG A . n 
A 1 45  ASN 45  144 144 ASN ASN A . n 
A 1 46  ILE 46  145 145 ILE ILE A . n 
A 1 47  VAL 47  146 146 VAL VAL A . n 
A 1 48  GLU 48  147 147 GLU GLU A . n 
A 1 49  TYR 49  148 148 TYR TYR A . n 
A 1 50  ILE 50  149 149 ILE ILE A . n 
A 1 51  LYS 51  150 150 LYS LYS A . n 
A 1 52  ALA 52  151 151 ALA ALA A . n 
A 1 53  ARG 53  152 152 ARG ARG A . n 
A 1 54  THR 54  153 153 THR THR A . n 
A 1 55  HIS 55  154 154 HIS HIS A . n 
A 1 56  LEU 56  155 155 LEU LEU A . n 
A 1 57  ILE 57  156 156 ILE ILE A . n 
A 1 58  ARG 58  157 157 ARG ARG A . n 
A 1 59  TRP 59  158 158 TRP TRP A . n 
A 1 60  VAL 60  159 159 VAL VAL A . n 
A 1 61  GLY 61  160 160 GLY GLY A . n 
A 1 62  LEU 62  161 161 LEU LEU A . n 
A 1 63  SER 63  162 162 SER SER A . n 
A 1 64  ARG 64  163 163 ARG ARG A . n 
A 1 65  GLN 65  164 164 GLN GLN A . n 
A 1 66  LYS 66  165 165 LYS LYS A . n 
A 1 67  SER 67  166 166 SER SER A . n 
A 1 68  ASN 68  167 167 ASN ASN A . n 
A 1 69  GLU 69  168 168 GLU GLU A . n 
A 1 70  VAL 70  169 169 VAL VAL A . n 
A 1 71  TRP 71  170 170 TRP TRP A . n 
A 1 72  LYS 72  171 171 LYS LYS A . n 
A 1 73  TRP 73  172 172 TRP TRP A . n 
A 1 74  GLU 74  173 173 GLU GLU A . n 
A 1 75  ASP 75  174 174 ASP ASP A . n 
A 1 76  GLY 76  175 175 GLY GLY A . n 
A 1 77  SER 77  176 176 SER SER A . n 
A 1 78  VAL 78  177 177 VAL VAL A . n 
A 1 79  ILE 79  178 178 ILE ILE A . n 
A 1 80  SER 80  179 179 SER SER A . n 
A 1 81  GLU 81  180 180 GLU GLU A . n 
A 1 82  ASN 82  181 181 ASN ASN A . n 
A 1 83  MET 83  182 182 MET MET A . n 
A 1 84  PHE 84  183 183 PHE PHE A . n 
A 1 85  GLU 85  184 184 GLU GLU A . n 
A 1 86  PHE 86  185 185 PHE PHE A . n 
A 1 87  LEU 87  186 186 LEU LEU A . n 
A 1 88  GLU 88  187 187 GLU GLU A . n 
A 1 89  ASP 89  188 188 ASP ASP A . n 
A 1 90  GLY 90  189 189 GLY GLY A . n 
A 1 91  LYS 91  190 190 LYS LYS A . n 
A 1 92  GLY 92  191 191 GLY GLY A . n 
A 1 93  ASN 93  192 192 ASN ASN A . n 
A 1 94  MET 94  193 193 MET MET A . n 
A 1 95  ASN 95  194 194 ASN ASN A . n 
A 1 96  CYS 96  195 195 CYS CYS A . n 
A 1 97  ALA 97  196 196 ALA ALA A . n 
A 1 98  TYR 98  197 197 TYR TYR A . n 
A 1 99  PHE 99  198 198 PHE PHE A . n 
A 1 100 HIS 100 199 199 HIS HIS A . n 
A 1 101 ASN 101 200 200 ASN ASN A . n 
A 1 102 GLY 102 201 201 GLY GLY A . n 
A 1 103 LYS 103 202 202 LYS LYS A . n 
A 1 104 MET 104 203 203 MET MET A . n 
A 1 105 HIS 105 204 204 HIS HIS A . n 
A 1 106 PRO 106 205 205 PRO PRO A . n 
A 1 107 THR 107 206 206 THR THR A . n 
A 1 108 PHE 108 207 207 PHE PHE A . n 
A 1 109 CYS 109 208 208 CYS CYS A . n 
A 1 110 GLU 110 209 209 GLU GLU A . n 
A 1 111 ASN 111 210 210 ASN ASN A . n 
A 1 112 LYS 112 211 211 LYS LYS A . n 
A 1 113 HIS 113 212 212 HIS HIS A . n 
A 1 114 TYR 114 213 213 TYR TYR A . n 
A 1 115 LEU 115 214 214 LEU LEU A . n 
A 1 116 MET 116 215 215 MET MET A . n 
A 1 117 CYS 117 216 216 CYS CYS A . n 
A 1 118 GLU 118 217 217 GLU GLU A . n 
A 1 119 ARG 119 218 218 ARG ARG A . n 
A 1 120 LYS 120 219 219 LYS LYS A . n 
A 1 121 ALA 121 220 220 ALA ALA A . n 
A 1 122 GLY 122 221 221 GLY GLY A . n 
# 
loop_
_pdbx_nonpoly_scheme.asym_id 
_pdbx_nonpoly_scheme.entity_id 
_pdbx_nonpoly_scheme.mon_id 
_pdbx_nonpoly_scheme.ndb_seq_num 
_pdbx_nonpoly_scheme.pdb_seq_num 
_pdbx_nonpoly_scheme.auth_seq_num 
_pdbx_nonpoly_scheme.pdb_mon_id 
_pdbx_nonpoly_scheme.auth_mon_id 
_pdbx_nonpoly_scheme.pdb_strand_id 
_pdbx_nonpoly_scheme.pdb_ins_code 
B 2 HOH 1   2001 2001 HOH HOH A . 
B 2 HOH 2   2002 2002 HOH HOH A . 
B 2 HOH 3   2003 2003 HOH HOH A . 
B 2 HOH 4   2004 2004 HOH HOH A . 
B 2 HOH 5   2005 2005 HOH HOH A . 
B 2 HOH 6   2006 2006 HOH HOH A . 
B 2 HOH 7   2007 2007 HOH HOH A . 
B 2 HOH 8   2008 2008 HOH HOH A . 
B 2 HOH 9   2009 2009 HOH HOH A . 
B 2 HOH 10  2010 2010 HOH HOH A . 
B 2 HOH 11  2011 2011 HOH HOH A . 
B 2 HOH 12  2012 2012 HOH HOH A . 
B 2 HOH 13  2013 2013 HOH HOH A . 
B 2 HOH 14  2014 2014 HOH HOH A . 
B 2 HOH 15  2015 2015 HOH HOH A . 
B 2 HOH 16  2016 2016 HOH HOH A . 
B 2 HOH 17  2017 2017 HOH HOH A . 
B 2 HOH 18  2018 2018 HOH HOH A . 
B 2 HOH 19  2019 2019 HOH HOH A . 
B 2 HOH 20  2020 2020 HOH HOH A . 
B 2 HOH 21  2021 2021 HOH HOH A . 
B 2 HOH 22  2022 2022 HOH HOH A . 
B 2 HOH 23  2023 2023 HOH HOH A . 
B 2 HOH 24  2024 2024 HOH HOH A . 
B 2 HOH 25  2025 2025 HOH HOH A . 
B 2 HOH 26  2026 2026 HOH HOH A . 
B 2 HOH 27  2027 2027 HOH HOH A . 
B 2 HOH 28  2028 2028 HOH HOH A . 
B 2 HOH 29  2029 2029 HOH HOH A . 
B 2 HOH 30  2030 2030 HOH HOH A . 
B 2 HOH 31  2031 2031 HOH HOH A . 
B 2 HOH 32  2032 2032 HOH HOH A . 
B 2 HOH 33  2033 2033 HOH HOH A . 
B 2 HOH 34  2034 2034 HOH HOH A . 
B 2 HOH 35  2035 2035 HOH HOH A . 
B 2 HOH 36  2036 2036 HOH HOH A . 
B 2 HOH 37  2037 2037 HOH HOH A . 
B 2 HOH 38  2038 2038 HOH HOH A . 
B 2 HOH 39  2039 2039 HOH HOH A . 
B 2 HOH 40  2040 2040 HOH HOH A . 
B 2 HOH 41  2041 2041 HOH HOH A . 
B 2 HOH 42  2042 2042 HOH HOH A . 
B 2 HOH 43  2043 2043 HOH HOH A . 
B 2 HOH 44  2044 2044 HOH HOH A . 
B 2 HOH 45  2045 2045 HOH HOH A . 
B 2 HOH 46  2046 2046 HOH HOH A . 
B 2 HOH 47  2047 2047 HOH HOH A . 
B 2 HOH 48  2048 2048 HOH HOH A . 
B 2 HOH 49  2049 2049 HOH HOH A . 
B 2 HOH 50  2050 2050 HOH HOH A . 
B 2 HOH 51  2051 2051 HOH HOH A . 
B 2 HOH 52  2052 2052 HOH HOH A . 
B 2 HOH 53  2053 2053 HOH HOH A . 
B 2 HOH 54  2054 2054 HOH HOH A . 
B 2 HOH 55  2055 2055 HOH HOH A . 
B 2 HOH 56  2056 2056 HOH HOH A . 
B 2 HOH 57  2057 2057 HOH HOH A . 
B 2 HOH 58  2058 2058 HOH HOH A . 
B 2 HOH 59  2059 2059 HOH HOH A . 
B 2 HOH 60  2060 2060 HOH HOH A . 
B 2 HOH 61  2061 2061 HOH HOH A . 
B 2 HOH 62  2062 2062 HOH HOH A . 
B 2 HOH 63  2063 2063 HOH HOH A . 
B 2 HOH 64  2064 2064 HOH HOH A . 
B 2 HOH 65  2065 2065 HOH HOH A . 
B 2 HOH 66  2066 2066 HOH HOH A . 
B 2 HOH 67  2067 2067 HOH HOH A . 
B 2 HOH 68  2068 2068 HOH HOH A . 
B 2 HOH 69  2069 2069 HOH HOH A . 
B 2 HOH 70  2070 2070 HOH HOH A . 
B 2 HOH 71  2071 2071 HOH HOH A . 
B 2 HOH 72  2072 2072 HOH HOH A . 
B 2 HOH 73  2073 2073 HOH HOH A . 
B 2 HOH 74  2074 2074 HOH HOH A . 
B 2 HOH 75  2075 2075 HOH HOH A . 
B 2 HOH 76  2076 2076 HOH HOH A . 
B 2 HOH 77  2077 2077 HOH HOH A . 
B 2 HOH 78  2078 2078 HOH HOH A . 
B 2 HOH 79  2079 2079 HOH HOH A . 
B 2 HOH 80  2080 2080 HOH HOH A . 
B 2 HOH 81  2081 2081 HOH HOH A . 
B 2 HOH 82  2082 2082 HOH HOH A . 
B 2 HOH 83  2083 2083 HOH HOH A . 
B 2 HOH 84  2084 2084 HOH HOH A . 
B 2 HOH 85  2085 2085 HOH HOH A . 
B 2 HOH 86  2086 2086 HOH HOH A . 
B 2 HOH 87  2087 2087 HOH HOH A . 
B 2 HOH 88  2088 2088 HOH HOH A . 
B 2 HOH 89  2089 2089 HOH HOH A . 
B 2 HOH 90  2090 2090 HOH HOH A . 
B 2 HOH 91  2091 2091 HOH HOH A . 
B 2 HOH 92  2092 2092 HOH HOH A . 
B 2 HOH 93  2093 2093 HOH HOH A . 
B 2 HOH 94  2094 2094 HOH HOH A . 
B 2 HOH 95  2095 2095 HOH HOH A . 
B 2 HOH 96  2096 2096 HOH HOH A . 
B 2 HOH 97  2097 2097 HOH HOH A . 
B 2 HOH 98  2098 2098 HOH HOH A . 
B 2 HOH 99  2099 2099 HOH HOH A . 
B 2 HOH 100 2100 2100 HOH HOH A . 
B 2 HOH 101 2101 2101 HOH HOH A . 
B 2 HOH 102 2102 2102 HOH HOH A . 
B 2 HOH 103 2103 2103 HOH HOH A . 
B 2 HOH 104 2104 2104 HOH HOH A . 
B 2 HOH 105 2105 2105 HOH HOH A . 
B 2 HOH 106 2106 2106 HOH HOH A . 
B 2 HOH 107 2107 2107 HOH HOH A . 
B 2 HOH 108 2108 2108 HOH HOH A . 
B 2 HOH 109 2109 2109 HOH HOH A . 
B 2 HOH 110 2110 2110 HOH HOH A . 
B 2 HOH 111 2111 2111 HOH HOH A . 
B 2 HOH 112 2112 2112 HOH HOH A . 
B 2 HOH 113 2113 2113 HOH HOH A . 
B 2 HOH 114 2114 2114 HOH HOH A . 
B 2 HOH 115 2115 2115 HOH HOH A . 
B 2 HOH 116 2116 2116 HOH HOH A . 
B 2 HOH 117 2117 2117 HOH HOH A . 
B 2 HOH 118 2118 2118 HOH HOH A . 
B 2 HOH 119 2119 2119 HOH HOH A . 
B 2 HOH 120 2120 2120 HOH HOH A . 
B 2 HOH 121 2121 2121 HOH HOH A . 
B 2 HOH 122 2122 2122 HOH HOH A . 
B 2 HOH 123 2123 2123 HOH HOH A . 
B 2 HOH 124 2124 2124 HOH HOH A . 
B 2 HOH 125 2125 2125 HOH HOH A . 
B 2 HOH 126 2126 2126 HOH HOH A . 
B 2 HOH 127 2127 2127 HOH HOH A . 
B 2 HOH 128 2128 2128 HOH HOH A . 
B 2 HOH 129 2129 2129 HOH HOH A . 
B 2 HOH 130 2130 2130 HOH HOH A . 
B 2 HOH 131 2131 2131 HOH HOH A . 
B 2 HOH 132 2132 2132 HOH HOH A . 
B 2 HOH 133 2133 2133 HOH HOH A . 
B 2 HOH 134 2134 2134 HOH HOH A . 
B 2 HOH 135 2135 2135 HOH HOH A . 
B 2 HOH 136 2136 2136 HOH HOH A . 
B 2 HOH 137 2137 2137 HOH HOH A . 
B 2 HOH 138 2138 2138 HOH HOH A . 
B 2 HOH 139 2139 2139 HOH HOH A . 
B 2 HOH 140 2140 2140 HOH HOH A . 
B 2 HOH 141 2141 2141 HOH HOH A . 
B 2 HOH 142 2142 2142 HOH HOH A . 
B 2 HOH 143 2143 2143 HOH HOH A . 
B 2 HOH 144 2144 2144 HOH HOH A . 
B 2 HOH 145 2145 2145 HOH HOH A . 
B 2 HOH 146 2146 2146 HOH HOH A . 
B 2 HOH 147 2147 2147 HOH HOH A . 
B 2 HOH 148 2148 2148 HOH HOH A . 
B 2 HOH 149 2149 2149 HOH HOH A . 
B 2 HOH 150 2150 2150 HOH HOH A . 
B 2 HOH 151 2151 2151 HOH HOH A . 
B 2 HOH 152 2152 2152 HOH HOH A . 
B 2 HOH 153 2153 2153 HOH HOH A . 
B 2 HOH 154 2154 2154 HOH HOH A . 
B 2 HOH 155 2155 2155 HOH HOH A . 
B 2 HOH 156 2156 2156 HOH HOH A . 
B 2 HOH 157 2157 2157 HOH HOH A . 
B 2 HOH 158 2158 2158 HOH HOH A . 
B 2 HOH 159 2159 2159 HOH HOH A . 
B 2 HOH 160 2160 2160 HOH HOH A . 
B 2 HOH 161 2161 2161 HOH HOH A . 
B 2 HOH 162 2162 2162 HOH HOH A . 
B 2 HOH 163 2163 2163 HOH HOH A . 
B 2 HOH 164 2164 2164 HOH HOH A . 
B 2 HOH 165 2165 2165 HOH HOH A . 
B 2 HOH 166 2166 2166 HOH HOH A . 
B 2 HOH 167 2167 2167 HOH HOH A . 
B 2 HOH 168 2168 2168 HOH HOH A . 
B 2 HOH 169 2169 2169 HOH HOH A . 
B 2 HOH 170 2170 2170 HOH HOH A . 
B 2 HOH 171 2171 2171 HOH HOH A . 
B 2 HOH 172 2172 2172 HOH HOH A . 
B 2 HOH 173 2173 2173 HOH HOH A . 
B 2 HOH 174 2174 2174 HOH HOH A . 
B 2 HOH 175 2175 2175 HOH HOH A . 
B 2 HOH 176 2176 2176 HOH HOH A . 
B 2 HOH 177 2177 2177 HOH HOH A . 
B 2 HOH 178 2178 2178 HOH HOH A . 
B 2 HOH 179 2179 2179 HOH HOH A . 
B 2 HOH 180 2180 2180 HOH HOH A . 
B 2 HOH 181 2181 2181 HOH HOH A . 
B 2 HOH 182 2182 2182 HOH HOH A . 
B 2 HOH 183 2183 2183 HOH HOH A . 
B 2 HOH 184 2184 2184 HOH HOH A . 
B 2 HOH 185 2185 2185 HOH HOH A . 
B 2 HOH 186 2186 2186 HOH HOH A . 
B 2 HOH 187 2187 2187 HOH HOH A . 
B 2 HOH 188 2188 2188 HOH HOH A . 
B 2 HOH 189 2189 2189 HOH HOH A . 
B 2 HOH 190 2190 2190 HOH HOH A . 
B 2 HOH 191 2191 2191 HOH HOH A . 
B 2 HOH 192 2192 2192 HOH HOH A . 
B 2 HOH 193 2193 2193 HOH HOH A . 
B 2 HOH 194 2194 2194 HOH HOH A . 
B 2 HOH 195 2195 2195 HOH HOH A . 
B 2 HOH 196 2196 2196 HOH HOH A . 
B 2 HOH 197 2197 2197 HOH HOH A . 
B 2 HOH 198 2198 2198 HOH HOH A . 
B 2 HOH 199 2199 2199 HOH HOH A . 
B 2 HOH 200 2200 2200 HOH HOH A . 
B 2 HOH 201 2201 2201 HOH HOH A . 
B 2 HOH 202 2202 2202 HOH HOH A . 
B 2 HOH 203 2203 2203 HOH HOH A . 
B 2 HOH 204 2204 2204 HOH HOH A . 
B 2 HOH 205 2205 2205 HOH HOH A . 
B 2 HOH 206 2206 2206 HOH HOH A . 
B 2 HOH 207 2207 2207 HOH HOH A . 
B 2 HOH 208 2208 2208 HOH HOH A . 
B 2 HOH 209 2209 2209 HOH HOH A . 
B 2 HOH 210 2210 2210 HOH HOH A . 
B 2 HOH 211 2211 2211 HOH HOH A . 
B 2 HOH 212 2212 2212 HOH HOH A . 
B 2 HOH 213 2213 2213 HOH HOH A . 
B 2 HOH 214 2214 2214 HOH HOH A . 
B 2 HOH 215 2215 2215 HOH HOH A . 
B 2 HOH 216 2216 2216 HOH HOH A . 
B 2 HOH 217 2217 2217 HOH HOH A . 
B 2 HOH 218 2218 2218 HOH HOH A . 
B 2 HOH 219 2219 2219 HOH HOH A . 
B 2 HOH 220 2220 2220 HOH HOH A . 
B 2 HOH 221 2221 2221 HOH HOH A . 
B 2 HOH 222 2222 2222 HOH HOH A . 
B 2 HOH 223 2223 2223 HOH HOH A . 
B 2 HOH 224 2224 2224 HOH HOH A . 
B 2 HOH 225 2225 2225 HOH HOH A . 
B 2 HOH 226 2226 2226 HOH HOH A . 
B 2 HOH 227 2227 2227 HOH HOH A . 
B 2 HOH 228 2228 2228 HOH HOH A . 
B 2 HOH 229 2229 2229 HOH HOH A . 
B 2 HOH 230 2230 2230 HOH HOH A . 
B 2 HOH 231 2231 2231 HOH HOH A . 
B 2 HOH 232 2232 2232 HOH HOH A . 
B 2 HOH 233 2233 2233 HOH HOH A . 
B 2 HOH 234 2234 2234 HOH HOH A . 
B 2 HOH 235 2235 2235 HOH HOH A . 
B 2 HOH 236 2236 2236 HOH HOH A . 
B 2 HOH 237 2237 2237 HOH HOH A . 
B 2 HOH 238 2238 2238 HOH HOH A . 
B 2 HOH 239 2239 2239 HOH HOH A . 
B 2 HOH 240 2240 2240 HOH HOH A . 
B 2 HOH 241 2241 2241 HOH HOH A . 
B 2 HOH 242 2242 2242 HOH HOH A . 
B 2 HOH 243 2243 2243 HOH HOH A . 
B 2 HOH 244 2244 2244 HOH HOH A . 
B 2 HOH 245 2245 2245 HOH HOH A . 
B 2 HOH 246 2246 2246 HOH HOH A . 
# 
loop_
_pdbx_unobs_or_zero_occ_atoms.id 
_pdbx_unobs_or_zero_occ_atoms.PDB_model_num 
_pdbx_unobs_or_zero_occ_atoms.polymer_flag 
_pdbx_unobs_or_zero_occ_atoms.occupancy_flag 
_pdbx_unobs_or_zero_occ_atoms.auth_asym_id 
_pdbx_unobs_or_zero_occ_atoms.auth_comp_id 
_pdbx_unobs_or_zero_occ_atoms.auth_seq_id 
_pdbx_unobs_or_zero_occ_atoms.PDB_ins_code 
_pdbx_unobs_or_zero_occ_atoms.auth_atom_id 
_pdbx_unobs_or_zero_occ_atoms.label_alt_id 
_pdbx_unobs_or_zero_occ_atoms.label_asym_id 
_pdbx_unobs_or_zero_occ_atoms.label_comp_id 
_pdbx_unobs_or_zero_occ_atoms.label_seq_id 
_pdbx_unobs_or_zero_occ_atoms.label_atom_id 
1 1 Y 1 A SER 100 ? CB ? A SER 1 CB 
2 1 Y 1 A SER 100 ? OG ? A SER 1 OG 
# 
loop_
_software.name 
_software.classification 
_software.version 
_software.citation_id 
_software.pdbx_ordinal 
REFMAC   refinement       5.2.0019 ? 1 
HKL-2000 'data reduction' .        ? 2 
HKL-2000 'data scaling'   .        ? 3 
CaspR    phasing          .        ? 4 
# 
_cell.entry_id           2C6U 
_cell.length_a           35.064 
_cell.length_b           55.065 
_cell.length_c           56.165 
_cell.angle_alpha        90.00 
_cell.angle_beta         90.00 
_cell.angle_gamma        90.00 
_cell.Z_PDB              4 
_cell.pdbx_unique_axis   ? 
# 
_symmetry.entry_id                         2C6U 
_symmetry.space_group_name_H-M             'P 21 21 21' 
_symmetry.pdbx_full_space_group_name_H-M   ? 
_symmetry.cell_setting                     ? 
_symmetry.Int_Tables_number                19 
# 
_exptl.entry_id          2C6U 
_exptl.method            'X-RAY DIFFRACTION' 
_exptl.crystals_number   1 
# 
_exptl_crystal.id                    1 
_exptl_crystal.density_meas          ? 
_exptl_crystal.density_Matthews      1.81 
_exptl_crystal.density_percent_sol   31.99 
_exptl_crystal.description           
'A COMPOSITE MODEL WAS CONSTRUCTED USING THE CASPR WEBSERVER FROM THE FOLLOWING PDB ENTRIES 1MPU, 1K9I, 1P4L, 1QO3, 1XPH AND 1YPQ.' 
# 
_exptl_crystal_grow.crystal_id      1 
_exptl_crystal_grow.method          ? 
_exptl_crystal_grow.temp            ? 
_exptl_crystal_grow.temp_details    ? 
_exptl_crystal_grow.pH              6.50 
_exptl_crystal_grow.pdbx_pH_range   ? 
_exptl_crystal_grow.pdbx_details    '20% W/V POLYETHYLENE GLYCOL MONOMETHYL ETHER 5000 0.1M BIS-TRIS PH 6.5' 
# 
_diffrn.id                     1 
_diffrn.ambient_temp           100.0 
_diffrn.ambient_temp_details   ? 
_diffrn.crystal_id             1 
# 
_diffrn_detector.diffrn_id              1 
_diffrn_detector.detector               CCD 
_diffrn_detector.type                   'ADSC CCD' 
_diffrn_detector.pdbx_collection_date   2005-10-28 
_diffrn_detector.details                MIRRORS 
# 
_diffrn_radiation.diffrn_id                        1 
_diffrn_radiation.wavelength_id                    1 
_diffrn_radiation.pdbx_monochromatic_or_laue_m_l   M 
_diffrn_radiation.monochromator                    'ASYMMETRIC CUT SI (111) CRYTALS' 
_diffrn_radiation.pdbx_diffrn_protocol             'SINGLE WAVELENGTH' 
_diffrn_radiation.pdbx_scattering_type             x-ray 
# 
_diffrn_radiation_wavelength.id           1 
_diffrn_radiation_wavelength.wavelength   1.488 
_diffrn_radiation_wavelength.wt           1.0 
# 
_diffrn_source.diffrn_id                   1 
_diffrn_source.source                      SYNCHROTRON 
_diffrn_source.type                        'SRS BEAMLINE PX14.1' 
_diffrn_source.pdbx_synchrotron_site       SRS 
_diffrn_source.pdbx_synchrotron_beamline   PX14.1 
_diffrn_source.pdbx_wavelength             1.488 
_diffrn_source.pdbx_wavelength_list        ? 
# 
_reflns.pdbx_diffrn_id               1 
_reflns.pdbx_ordinal                 1 
_reflns.entry_id                     2C6U 
_reflns.observed_criterion_sigma_I   -3.000 
_reflns.observed_criterion_sigma_F   ? 
_reflns.d_resolution_low             50.000 
_reflns.d_resolution_high            1.440 
_reflns.number_obs                   20396 
_reflns.number_all                   ? 
_reflns.percent_possible_obs         88.0 
_reflns.pdbx_Rmerge_I_obs            0.04000 
_reflns.pdbx_Rsym_value              ? 
_reflns.pdbx_netI_over_sigmaI        49.0200 
_reflns.B_iso_Wilson_estimate        ? 
_reflns.pdbx_redundancy              11.400 
# 
_reflns_shell.pdbx_diffrn_id         1 
_reflns_shell.pdbx_ordinal           1 
_reflns_shell.d_res_high             1.44 
_reflns_shell.d_res_low              1.49 
_reflns_shell.percent_possible_all   24.4 
_reflns_shell.Rmerge_I_obs           0.11000 
_reflns_shell.pdbx_Rsym_value        ? 
_reflns_shell.meanI_over_sigI_obs    10.130 
_reflns_shell.pdbx_redundancy        2.90 
# 
_refine.pdbx_refine_id                           'X-RAY DIFFRACTION' 
_refine.entry_id                                 2C6U 
_refine.pdbx_diffrn_id                           1 
_refine.pdbx_TLS_residual_ADP_flag               ? 
_refine.ls_number_reflns_obs                     14114 
_refine.ls_number_reflns_all                     ? 
_refine.pdbx_ls_sigma_I                          ? 
_refine.pdbx_ls_sigma_F                          ? 
_refine.pdbx_data_cutoff_high_absF               ? 
_refine.pdbx_data_cutoff_low_absF                ? 
_refine.pdbx_data_cutoff_high_rms_absF           ? 
_refine.ls_d_res_low                             39.31 
_refine.ls_d_res_high                            1.60 
_refine.ls_percent_reflns_obs                    99.8 
_refine.ls_R_factor_obs                          0.161 
_refine.ls_R_factor_all                          ? 
_refine.ls_R_factor_R_work                       0.159 
_refine.ls_R_factor_R_free                       0.198 
_refine.ls_R_factor_R_free_error                 ? 
_refine.ls_R_factor_R_free_error_details         ? 
_refine.ls_percent_reflns_R_free                 5.100 
_refine.ls_number_reflns_R_free                  762 
_refine.ls_number_parameters                     ? 
_refine.ls_number_restraints                     ? 
_refine.occupancy_min                            ? 
_refine.occupancy_max                            ? 
_refine.correlation_coeff_Fo_to_Fc               0.963 
_refine.correlation_coeff_Fo_to_Fc_free          0.945 
_refine.B_iso_mean                               13.02 
_refine.aniso_B[1][1]                            0.66000 
_refine.aniso_B[2][2]                            -0.43000 
_refine.aniso_B[3][3]                            -0.23000 
_refine.aniso_B[1][2]                            0.00000 
_refine.aniso_B[1][3]                            0.00000 
_refine.aniso_B[2][3]                            0.00000 
_refine.solvent_model_details                    MASK 
_refine.solvent_model_param_ksol                 ? 
_refine.solvent_model_param_bsol                 ? 
_refine.pdbx_solvent_vdw_probe_radii             1.20 
_refine.pdbx_solvent_ion_probe_radii             0.80 
_refine.pdbx_solvent_shrinkage_radii             0.80 
_refine.pdbx_ls_cross_valid_method               THROUGHOUT 
_refine.details                                  'HYDROGENS HAVE BEEN ADDED IN THE RIDING POSITIONS.' 
_refine.pdbx_starting_model                      'COMPOSITE MODEL - SEE REMARKS' 
_refine.pdbx_method_to_determine_struct          'MOLECULAR REPLACEMENT' 
_refine.pdbx_isotropic_thermal_model             ? 
_refine.pdbx_stereochemistry_target_values       'MAXIMUM LIKELIHOOD' 
_refine.pdbx_stereochem_target_val_spec_case     ? 
_refine.pdbx_R_Free_selection_details            RANDOM 
_refine.pdbx_overall_ESU_R                       0.100 
_refine.pdbx_overall_ESU_R_Free                  0.099 
_refine.overall_SU_ML                            0.058 
_refine.pdbx_overall_phase_error                 ? 
_refine.overall_SU_B                             1.593 
_refine.overall_SU_R_Cruickshank_DPI             ? 
_refine.pdbx_overall_SU_R_free_Cruickshank_DPI   ? 
_refine.pdbx_overall_SU_R_Blow_DPI               ? 
_refine.pdbx_overall_SU_R_free_Blow_DPI          ? 
# 
_refine_hist.pdbx_refine_id                   'X-RAY DIFFRACTION' 
_refine_hist.cycle_id                         LAST 
_refine_hist.pdbx_number_atoms_protein        1021 
_refine_hist.pdbx_number_atoms_nucleic_acid   0 
_refine_hist.pdbx_number_atoms_ligand         0 
_refine_hist.number_atoms_solvent             246 
_refine_hist.number_atoms_total               1267 
_refine_hist.d_res_high                       1.60 
_refine_hist.d_res_low                        39.31 
# 
loop_
_refine_ls_restr.type 
_refine_ls_restr.dev_ideal 
_refine_ls_restr.dev_ideal_target 
_refine_ls_restr.weight 
_refine_ls_restr.number 
_refine_ls_restr.pdbx_refine_id 
_refine_ls_restr.pdbx_restraint_function 
r_bond_refined_d             0.009  0.021  ? 1119 'X-RAY DIFFRACTION' ? 
r_bond_other_d               ?      ?      ? ?    'X-RAY DIFFRACTION' ? 
r_angle_refined_deg          1.187  1.909  ? 1516 'X-RAY DIFFRACTION' ? 
r_angle_other_deg            ?      ?      ? ?    'X-RAY DIFFRACTION' ? 
r_dihedral_angle_1_deg       6.163  5.000  ? 131  'X-RAY DIFFRACTION' ? 
r_dihedral_angle_2_deg       30.264 24.265 ? 68   'X-RAY DIFFRACTION' ? 
r_dihedral_angle_3_deg       14.222 15.000 ? 202  'X-RAY DIFFRACTION' ? 
r_dihedral_angle_4_deg       18.920 15.000 ? 8    'X-RAY DIFFRACTION' ? 
r_chiral_restr               0.089  0.200  ? 144  'X-RAY DIFFRACTION' ? 
r_gen_planes_refined         0.005  0.020  ? 890  'X-RAY DIFFRACTION' ? 
r_gen_planes_other           ?      ?      ? ?    'X-RAY DIFFRACTION' ? 
r_nbd_refined                0.210  0.200  ? 537  'X-RAY DIFFRACTION' ? 
r_nbd_other                  ?      ?      ? ?    'X-RAY DIFFRACTION' ? 
r_nbtor_refined              0.310  0.200  ? 763  'X-RAY DIFFRACTION' ? 
r_nbtor_other                ?      ?      ? ?    'X-RAY DIFFRACTION' ? 
r_xyhbond_nbd_refined        0.145  0.200  ? 171  'X-RAY DIFFRACTION' ? 
r_xyhbond_nbd_other          ?      ?      ? ?    'X-RAY DIFFRACTION' ? 
r_metal_ion_refined          ?      ?      ? ?    'X-RAY DIFFRACTION' ? 
r_metal_ion_other            ?      ?      ? ?    'X-RAY DIFFRACTION' ? 
r_symmetry_vdw_refined       0.165  0.200  ? 54   'X-RAY DIFFRACTION' ? 
r_symmetry_vdw_other         ?      ?      ? ?    'X-RAY DIFFRACTION' ? 
r_symmetry_hbond_refined     0.126  0.200  ? 58   'X-RAY DIFFRACTION' ? 
r_symmetry_hbond_other       ?      ?      ? ?    'X-RAY DIFFRACTION' ? 
r_symmetry_metal_ion_refined ?      ?      ? ?    'X-RAY DIFFRACTION' ? 
r_symmetry_metal_ion_other   ?      ?      ? ?    'X-RAY DIFFRACTION' ? 
r_mcbond_it                  0.779  1.500  ? 647  'X-RAY DIFFRACTION' ? 
r_mcbond_other               ?      ?      ? ?    'X-RAY DIFFRACTION' ? 
r_mcangle_it                 1.191  2.000  ? 1020 'X-RAY DIFFRACTION' ? 
r_mcangle_other              ?      ?      ? ?    'X-RAY DIFFRACTION' ? 
r_scbond_it                  2.168  3.000  ? 555  'X-RAY DIFFRACTION' ? 
r_scbond_other               ?      ?      ? ?    'X-RAY DIFFRACTION' ? 
r_scangle_it                 3.131  4.500  ? 495  'X-RAY DIFFRACTION' ? 
r_scangle_other              ?      ?      ? ?    'X-RAY DIFFRACTION' ? 
r_long_range_B_refined       ?      ?      ? ?    'X-RAY DIFFRACTION' ? 
r_long_range_B_other         ?      ?      ? ?    'X-RAY DIFFRACTION' ? 
r_rigid_bond_restr           ?      ?      ? ?    'X-RAY DIFFRACTION' ? 
r_sphericity_free            ?      ?      ? ?    'X-RAY DIFFRACTION' ? 
r_sphericity_bonded          ?      ?      ? ?    'X-RAY DIFFRACTION' ? 
# 
_refine_ls_shell.pdbx_refine_id                   'X-RAY DIFFRACTION' 
_refine_ls_shell.pdbx_total_number_of_bins_used   20 
_refine_ls_shell.d_res_high                       1.60 
_refine_ls_shell.d_res_low                        1.64 
_refine_ls_shell.number_reflns_R_work             999 
_refine_ls_shell.R_factor_R_work                  0.2030 
_refine_ls_shell.percent_reflns_obs               ? 
_refine_ls_shell.R_factor_R_free                  0.2980 
_refine_ls_shell.R_factor_R_free_error            ? 
_refine_ls_shell.percent_reflns_R_free            ? 
_refine_ls_shell.number_reflns_R_free             45 
_refine_ls_shell.number_reflns_all                ? 
_refine_ls_shell.R_factor_all                     ? 
# 
_struct.entry_id                  2C6U 
_struct.title                     'Crystal structure of human CLEC-2 (CLEC1B)' 
_struct.pdbx_model_details        ? 
_struct.pdbx_CASP_flag            ? 
_struct.pdbx_model_type_details   ? 
# 
_struct_keywords.entry_id        2C6U 
_struct_keywords.pdbx_keywords   LECTIN 
_struct_keywords.text            'LECTIN, CLEC-2, RHODOCYTIN, AGGRETIN, C-TYPE LECTIN-LIKE, PLATELETS, THROMBOSIS, CLEC1B' 
# 
loop_
_struct_asym.id 
_struct_asym.pdbx_blank_PDB_chainid_flag 
_struct_asym.pdbx_modified 
_struct_asym.entity_id 
_struct_asym.details 
A N N 1 ? 
B N N 2 ? 
# 
_struct_ref.id                         1 
_struct_ref.db_name                    UNP 
_struct_ref.db_code                    Q9P126_HUMAN 
_struct_ref.entity_id                  1 
_struct_ref.pdbx_seq_one_letter_code   ? 
_struct_ref.pdbx_align_begin           ? 
_struct_ref.pdbx_db_accession          Q9P126 
_struct_ref.pdbx_db_isoform            ? 
# 
_struct_ref_seq.align_id                      1 
_struct_ref_seq.ref_id                        1 
_struct_ref_seq.pdbx_PDB_id_code              2C6U 
_struct_ref_seq.pdbx_strand_id                A 
_struct_ref_seq.seq_align_beg                 1 
_struct_ref_seq.pdbx_seq_align_beg_ins_code   ? 
_struct_ref_seq.seq_align_end                 122 
_struct_ref_seq.pdbx_seq_align_end_ins_code   ? 
_struct_ref_seq.pdbx_db_accession             Q9P126 
_struct_ref_seq.db_align_beg                  100 
_struct_ref_seq.pdbx_db_align_beg_ins_code    ? 
_struct_ref_seq.db_align_end                  221 
_struct_ref_seq.pdbx_db_align_end_ins_code    ? 
_struct_ref_seq.pdbx_auth_seq_align_beg       100 
_struct_ref_seq.pdbx_auth_seq_align_end       221 
# 
_pdbx_struct_assembly.id                   1 
_pdbx_struct_assembly.details              author_and_software_defined_assembly 
_pdbx_struct_assembly.method_details       PQS 
_pdbx_struct_assembly.oligomeric_details   monomeric 
_pdbx_struct_assembly.oligomeric_count     1 
# 
_pdbx_struct_assembly_gen.assembly_id       1 
_pdbx_struct_assembly_gen.oper_expression   1 
_pdbx_struct_assembly_gen.asym_id_list      A,B 
# 
_pdbx_struct_oper_list.id                   1 
_pdbx_struct_oper_list.type                 'identity operation' 
_pdbx_struct_oper_list.name                 1_555 
_pdbx_struct_oper_list.symmetry_operation   x,y,z 
_pdbx_struct_oper_list.matrix[1][1]         1.0000000000 
_pdbx_struct_oper_list.matrix[1][2]         0.0000000000 
_pdbx_struct_oper_list.matrix[1][3]         0.0000000000 
_pdbx_struct_oper_list.vector[1]            0.0000000000 
_pdbx_struct_oper_list.matrix[2][1]         0.0000000000 
_pdbx_struct_oper_list.matrix[2][2]         1.0000000000 
_pdbx_struct_oper_list.matrix[2][3]         0.0000000000 
_pdbx_struct_oper_list.vector[2]            0.0000000000 
_pdbx_struct_oper_list.matrix[3][1]         0.0000000000 
_pdbx_struct_oper_list.matrix[3][2]         0.0000000000 
_pdbx_struct_oper_list.matrix[3][3]         1.0000000000 
_pdbx_struct_oper_list.vector[3]            0.0000000000 
# 
_struct_biol.id   1 
# 
loop_
_struct_conf.conf_type_id 
_struct_conf.id 
_struct_conf.pdbx_PDB_helix_id 
_struct_conf.beg_label_comp_id 
_struct_conf.beg_label_asym_id 
_struct_conf.beg_label_seq_id 
_struct_conf.pdbx_beg_PDB_ins_code 
_struct_conf.end_label_comp_id 
_struct_conf.end_label_asym_id 
_struct_conf.end_label_seq_id 
_struct_conf.pdbx_end_PDB_ins_code 
_struct_conf.beg_auth_comp_id 
_struct_conf.beg_auth_asym_id 
_struct_conf.beg_auth_seq_id 
_struct_conf.end_auth_comp_id 
_struct_conf.end_auth_asym_id 
_struct_conf.end_auth_seq_id 
_struct_conf.pdbx_PDB_helix_class 
_struct_conf.details 
_struct_conf.pdbx_PDB_helix_length 
HELX_P HELX_P1 1 THR A 23 ? MET A 34 ? THR A 122 MET A 133 1 ? 12 
HELX_P HELX_P2 2 ASN A 43 ? ALA A 52 ? ASN A 142 ALA A 151 1 ? 10 
HELX_P HELX_P3 3 SER A 80 ? PHE A 86 ? SER A 179 PHE A 185 5 ? 7  
# 
_struct_conf_type.id          HELX_P 
_struct_conf_type.criteria    ? 
_struct_conf_type.reference   ? 
# 
loop_
_struct_conn.id 
_struct_conn.conn_type_id 
_struct_conn.pdbx_leaving_atom_flag 
_struct_conn.pdbx_PDB_id 
_struct_conn.ptnr1_label_asym_id 
_struct_conn.ptnr1_label_comp_id 
_struct_conn.ptnr1_label_seq_id 
_struct_conn.ptnr1_label_atom_id 
_struct_conn.pdbx_ptnr1_label_alt_id 
_struct_conn.pdbx_ptnr1_PDB_ins_code 
_struct_conn.pdbx_ptnr1_standard_comp_id 
_struct_conn.ptnr1_symmetry 
_struct_conn.ptnr2_label_asym_id 
_struct_conn.ptnr2_label_comp_id 
_struct_conn.ptnr2_label_seq_id 
_struct_conn.ptnr2_label_atom_id 
_struct_conn.pdbx_ptnr2_label_alt_id 
_struct_conn.pdbx_ptnr2_PDB_ins_code 
_struct_conn.ptnr1_auth_asym_id 
_struct_conn.ptnr1_auth_comp_id 
_struct_conn.ptnr1_auth_seq_id 
_struct_conn.ptnr2_auth_asym_id 
_struct_conn.ptnr2_auth_comp_id 
_struct_conn.ptnr2_auth_seq_id 
_struct_conn.ptnr2_symmetry 
_struct_conn.pdbx_ptnr3_label_atom_id 
_struct_conn.pdbx_ptnr3_label_seq_id 
_struct_conn.pdbx_ptnr3_label_comp_id 
_struct_conn.pdbx_ptnr3_label_asym_id 
_struct_conn.pdbx_ptnr3_label_alt_id 
_struct_conn.pdbx_ptnr3_PDB_ins_code 
_struct_conn.details 
_struct_conn.pdbx_dist_value 
_struct_conn.pdbx_value_order 
_struct_conn.pdbx_role 
disulf1 disulf ? ? A CYS 3  SG ? ? ? 1_555 A CYS 14  SG ? ? A CYS 102 A CYS 113 1_555 ? ? ? ? ? ? ? 2.035 ? ? 
disulf2 disulf ? ? A CYS 31 SG ? ? ? 1_555 A CYS 117 SG ? ? A CYS 130 A CYS 216 1_555 ? ? ? ? ? ? ? 2.072 ? ? 
disulf3 disulf ? ? A CYS 96 SG ? ? ? 1_555 A CYS 109 SG ? ? A CYS 195 A CYS 208 1_555 ? ? ? ? ? ? ? 2.041 ? ? 
# 
_struct_conn_type.id          disulf 
_struct_conn_type.criteria    ? 
_struct_conn_type.reference   ? 
# 
loop_
_pdbx_modification_feature.ordinal 
_pdbx_modification_feature.label_comp_id 
_pdbx_modification_feature.label_asym_id 
_pdbx_modification_feature.label_seq_id 
_pdbx_modification_feature.label_alt_id 
_pdbx_modification_feature.modified_residue_label_comp_id 
_pdbx_modification_feature.modified_residue_label_asym_id 
_pdbx_modification_feature.modified_residue_label_seq_id 
_pdbx_modification_feature.modified_residue_label_alt_id 
_pdbx_modification_feature.auth_comp_id 
_pdbx_modification_feature.auth_asym_id 
_pdbx_modification_feature.auth_seq_id 
_pdbx_modification_feature.PDB_ins_code 
_pdbx_modification_feature.symmetry 
_pdbx_modification_feature.modified_residue_auth_comp_id 
_pdbx_modification_feature.modified_residue_auth_asym_id 
_pdbx_modification_feature.modified_residue_auth_seq_id 
_pdbx_modification_feature.modified_residue_PDB_ins_code 
_pdbx_modification_feature.modified_residue_symmetry 
_pdbx_modification_feature.comp_id_linking_atom 
_pdbx_modification_feature.modified_residue_id_linking_atom 
_pdbx_modification_feature.modified_residue_id 
_pdbx_modification_feature.ref_pcm_id 
_pdbx_modification_feature.ref_comp_id 
_pdbx_modification_feature.type 
_pdbx_modification_feature.category 
1 CYS A 3  ? CYS A 14  ? CYS A 102 ? 1_555 CYS A 113 ? 1_555 SG SG . . . None 'Disulfide bridge' 
2 CYS A 31 ? CYS A 117 ? CYS A 130 ? 1_555 CYS A 216 ? 1_555 SG SG . . . None 'Disulfide bridge' 
3 CYS A 96 ? CYS A 109 ? CYS A 195 ? 1_555 CYS A 208 ? 1_555 SG SG . . . None 'Disulfide bridge' 
# 
loop_
_struct_sheet.id 
_struct_sheet.type 
_struct_sheet.number_strands 
_struct_sheet.details 
AA ? 4 ? 
AB ? 6 ? 
# 
loop_
_struct_sheet_order.sheet_id 
_struct_sheet_order.range_id_1 
_struct_sheet_order.range_id_2 
_struct_sheet_order.offset 
_struct_sheet_order.sense 
AA 1 2 ? anti-parallel 
AA 2 3 ? anti-parallel 
AA 3 4 ? anti-parallel 
AB 1 2 ? anti-parallel 
AB 2 3 ? anti-parallel 
AB 3 4 ? parallel      
AB 4 5 ? anti-parallel 
AB 5 6 ? anti-parallel 
# 
loop_
_struct_sheet_range.sheet_id 
_struct_sheet_range.id 
_struct_sheet_range.beg_label_comp_id 
_struct_sheet_range.beg_label_asym_id 
_struct_sheet_range.beg_label_seq_id 
_struct_sheet_range.pdbx_beg_PDB_ins_code 
_struct_sheet_range.end_label_comp_id 
_struct_sheet_range.end_label_asym_id 
_struct_sheet_range.end_label_seq_id 
_struct_sheet_range.pdbx_end_PDB_ins_code 
_struct_sheet_range.beg_auth_comp_id 
_struct_sheet_range.beg_auth_asym_id 
_struct_sheet_range.beg_auth_seq_id 
_struct_sheet_range.end_auth_comp_id 
_struct_sheet_range.end_auth_asym_id 
_struct_sheet_range.end_auth_seq_id 
AA 1 TRP A 7   ? TYR A 10  ? TRP A 106 TYR A 109 
AA 2 SER A 13  ? LEU A 22  ? SER A 112 LEU A 121 
AA 3 HIS A 113 ? LYS A 120 ? HIS A 212 LYS A 219 
AA 4 THR A 37  ? LEU A 38  ? THR A 136 LEU A 137 
AB 1 TRP A 7   ? TYR A 10  ? TRP A 106 TYR A 109 
AB 2 SER A 13  ? LEU A 22  ? SER A 112 LEU A 121 
AB 3 HIS A 113 ? LYS A 120 ? HIS A 212 LYS A 219 
AB 4 ARG A 58  ? SER A 63  ? ARG A 157 SER A 162 
AB 5 CYS A 96  ? HIS A 100 ? CYS A 195 HIS A 199 
AB 6 LYS A 103 ? THR A 107 ? LYS A 202 THR A 206 
# 
loop_
_pdbx_struct_sheet_hbond.sheet_id 
_pdbx_struct_sheet_hbond.range_id_1 
_pdbx_struct_sheet_hbond.range_id_2 
_pdbx_struct_sheet_hbond.range_1_label_atom_id 
_pdbx_struct_sheet_hbond.range_1_label_comp_id 
_pdbx_struct_sheet_hbond.range_1_label_asym_id 
_pdbx_struct_sheet_hbond.range_1_label_seq_id 
_pdbx_struct_sheet_hbond.range_1_PDB_ins_code 
_pdbx_struct_sheet_hbond.range_1_auth_atom_id 
_pdbx_struct_sheet_hbond.range_1_auth_comp_id 
_pdbx_struct_sheet_hbond.range_1_auth_asym_id 
_pdbx_struct_sheet_hbond.range_1_auth_seq_id 
_pdbx_struct_sheet_hbond.range_2_label_atom_id 
_pdbx_struct_sheet_hbond.range_2_label_comp_id 
_pdbx_struct_sheet_hbond.range_2_label_asym_id 
_pdbx_struct_sheet_hbond.range_2_label_seq_id 
_pdbx_struct_sheet_hbond.range_2_PDB_ins_code 
_pdbx_struct_sheet_hbond.range_2_auth_atom_id 
_pdbx_struct_sheet_hbond.range_2_auth_comp_id 
_pdbx_struct_sheet_hbond.range_2_auth_asym_id 
_pdbx_struct_sheet_hbond.range_2_auth_seq_id 
AA 1 2 N TYR A 10  ? N TYR A 109 O SER A 13  ? O SER A 112 
AA 2 3 N LEU A 22  ? N LEU A 121 O HIS A 113 ? O HIS A 212 
AA 3 4 N GLU A 118 ? N GLU A 217 O THR A 37  ? O THR A 136 
AB 1 2 N TYR A 10  ? N TYR A 109 O SER A 13  ? O SER A 112 
AB 2 3 N LEU A 22  ? N LEU A 121 O HIS A 113 ? O HIS A 212 
AB 3 4 N MET A 116 ? N MET A 215 O TRP A 59  ? O TRP A 158 
AB 4 5 N VAL A 60  ? N VAL A 159 O ALA A 97  ? O ALA A 196 
AB 5 6 N HIS A 100 ? N HIS A 199 O LYS A 103 ? O LYS A 202 
# 
_pdbx_entry_details.entry_id                   2C6U 
_pdbx_entry_details.compound_details           ? 
_pdbx_entry_details.source_details             ? 
_pdbx_entry_details.nonpolymer_details         ? 
_pdbx_entry_details.sequence_details           
;MODELLED AS GLY, PROVEN BY DNA SEQUENCING AND MASS
SPECTROSCOPY TO BE SER
UNIPROT REFERENCE Q8NHR6_HUMAN REPRESENTS A SPLICE VARIANT
OF THE FULL LENGTH CLEC-2 PROTEIN IN WHICH THE TRANSMEMBRANE
DOMAIN IS ABSENT. A SINGLE NUCLEOTIDE POLYMORPHISM RS612593
IS PRESENT AT RESIDUE 115
;
_pdbx_entry_details.has_ligand_of_interest     ? 
_pdbx_entry_details.has_protein_modification   Y 
# 
_pdbx_validate_torsion.id              1 
_pdbx_validate_torsion.PDB_model_num   1 
_pdbx_validate_torsion.auth_comp_id    ASN 
_pdbx_validate_torsion.auth_asym_id    A 
_pdbx_validate_torsion.auth_seq_id     105 
_pdbx_validate_torsion.PDB_ins_code    ? 
_pdbx_validate_torsion.label_alt_id    B 
_pdbx_validate_torsion.phi             88.56 
_pdbx_validate_torsion.psi             -6.95 
# 
_pdbx_database_remark.id     700 
_pdbx_database_remark.text   
;
SHEET
THE SHEET STRUCTURE OF THIS MOLECULE IS BIFURCATED. IN
ORDER TO REPRESENT THIS FEATURE IN THE SHEET RECORDS BELOW,
TWO SHEETS ARE DEFINED.
;
# 
loop_
_pdbx_distant_solvent_atoms.id 
_pdbx_distant_solvent_atoms.PDB_model_num 
_pdbx_distant_solvent_atoms.auth_atom_id 
_pdbx_distant_solvent_atoms.label_alt_id 
_pdbx_distant_solvent_atoms.auth_asym_id 
_pdbx_distant_solvent_atoms.auth_comp_id 
_pdbx_distant_solvent_atoms.auth_seq_id 
_pdbx_distant_solvent_atoms.PDB_ins_code 
_pdbx_distant_solvent_atoms.neighbor_macromolecule_distance 
_pdbx_distant_solvent_atoms.neighbor_ligand_distance 
1 1 O ? A HOH 2085 ? 7.34 . 
2 1 O ? A HOH 2110 ? 8.50 . 
3 1 O ? A HOH 2115 ? 5.97 . 
# 
loop_
_chem_comp_atom.comp_id 
_chem_comp_atom.atom_id 
_chem_comp_atom.type_symbol 
_chem_comp_atom.pdbx_aromatic_flag 
_chem_comp_atom.pdbx_stereo_config 
_chem_comp_atom.pdbx_ordinal 
ALA N    N N N 1   
ALA CA   C N S 2   
ALA C    C N N 3   
ALA O    O N N 4   
ALA CB   C N N 5   
ALA OXT  O N N 6   
ALA H    H N N 7   
ALA H2   H N N 8   
ALA HA   H N N 9   
ALA HB1  H N N 10  
ALA HB2  H N N 11  
ALA HB3  H N N 12  
ALA HXT  H N N 13  
ARG N    N N N 14  
ARG CA   C N S 15  
ARG C    C N N 16  
ARG O    O N N 17  
ARG CB   C N N 18  
ARG CG   C N N 19  
ARG CD   C N N 20  
ARG NE   N N N 21  
ARG CZ   C N N 22  
ARG NH1  N N N 23  
ARG NH2  N N N 24  
ARG OXT  O N N 25  
ARG H    H N N 26  
ARG H2   H N N 27  
ARG HA   H N N 28  
ARG HB2  H N N 29  
ARG HB3  H N N 30  
ARG HG2  H N N 31  
ARG HG3  H N N 32  
ARG HD2  H N N 33  
ARG HD3  H N N 34  
ARG HE   H N N 35  
ARG HH11 H N N 36  
ARG HH12 H N N 37  
ARG HH21 H N N 38  
ARG HH22 H N N 39  
ARG HXT  H N N 40  
ASN N    N N N 41  
ASN CA   C N S 42  
ASN C    C N N 43  
ASN O    O N N 44  
ASN CB   C N N 45  
ASN CG   C N N 46  
ASN OD1  O N N 47  
ASN ND2  N N N 48  
ASN OXT  O N N 49  
ASN H    H N N 50  
ASN H2   H N N 51  
ASN HA   H N N 52  
ASN HB2  H N N 53  
ASN HB3  H N N 54  
ASN HD21 H N N 55  
ASN HD22 H N N 56  
ASN HXT  H N N 57  
ASP N    N N N 58  
ASP CA   C N S 59  
ASP C    C N N 60  
ASP O    O N N 61  
ASP CB   C N N 62  
ASP CG   C N N 63  
ASP OD1  O N N 64  
ASP OD2  O N N 65  
ASP OXT  O N N 66  
ASP H    H N N 67  
ASP H2   H N N 68  
ASP HA   H N N 69  
ASP HB2  H N N 70  
ASP HB3  H N N 71  
ASP HD2  H N N 72  
ASP HXT  H N N 73  
CYS N    N N N 74  
CYS CA   C N R 75  
CYS C    C N N 76  
CYS O    O N N 77  
CYS CB   C N N 78  
CYS SG   S N N 79  
CYS OXT  O N N 80  
CYS H    H N N 81  
CYS H2   H N N 82  
CYS HA   H N N 83  
CYS HB2  H N N 84  
CYS HB3  H N N 85  
CYS HG   H N N 86  
CYS HXT  H N N 87  
GLN N    N N N 88  
GLN CA   C N S 89  
GLN C    C N N 90  
GLN O    O N N 91  
GLN CB   C N N 92  
GLN CG   C N N 93  
GLN CD   C N N 94  
GLN OE1  O N N 95  
GLN NE2  N N N 96  
GLN OXT  O N N 97  
GLN H    H N N 98  
GLN H2   H N N 99  
GLN HA   H N N 100 
GLN HB2  H N N 101 
GLN HB3  H N N 102 
GLN HG2  H N N 103 
GLN HG3  H N N 104 
GLN HE21 H N N 105 
GLN HE22 H N N 106 
GLN HXT  H N N 107 
GLU N    N N N 108 
GLU CA   C N S 109 
GLU C    C N N 110 
GLU O    O N N 111 
GLU CB   C N N 112 
GLU CG   C N N 113 
GLU CD   C N N 114 
GLU OE1  O N N 115 
GLU OE2  O N N 116 
GLU OXT  O N N 117 
GLU H    H N N 118 
GLU H2   H N N 119 
GLU HA   H N N 120 
GLU HB2  H N N 121 
GLU HB3  H N N 122 
GLU HG2  H N N 123 
GLU HG3  H N N 124 
GLU HE2  H N N 125 
GLU HXT  H N N 126 
GLY N    N N N 127 
GLY CA   C N N 128 
GLY C    C N N 129 
GLY O    O N N 130 
GLY OXT  O N N 131 
GLY H    H N N 132 
GLY H2   H N N 133 
GLY HA2  H N N 134 
GLY HA3  H N N 135 
GLY HXT  H N N 136 
HIS N    N N N 137 
HIS CA   C N S 138 
HIS C    C N N 139 
HIS O    O N N 140 
HIS CB   C N N 141 
HIS CG   C Y N 142 
HIS ND1  N Y N 143 
HIS CD2  C Y N 144 
HIS CE1  C Y N 145 
HIS NE2  N Y N 146 
HIS OXT  O N N 147 
HIS H    H N N 148 
HIS H2   H N N 149 
HIS HA   H N N 150 
HIS HB2  H N N 151 
HIS HB3  H N N 152 
HIS HD1  H N N 153 
HIS HD2  H N N 154 
HIS HE1  H N N 155 
HIS HE2  H N N 156 
HIS HXT  H N N 157 
HOH O    O N N 158 
HOH H1   H N N 159 
HOH H2   H N N 160 
ILE N    N N N 161 
ILE CA   C N S 162 
ILE C    C N N 163 
ILE O    O N N 164 
ILE CB   C N S 165 
ILE CG1  C N N 166 
ILE CG2  C N N 167 
ILE CD1  C N N 168 
ILE OXT  O N N 169 
ILE H    H N N 170 
ILE H2   H N N 171 
ILE HA   H N N 172 
ILE HB   H N N 173 
ILE HG12 H N N 174 
ILE HG13 H N N 175 
ILE HG21 H N N 176 
ILE HG22 H N N 177 
ILE HG23 H N N 178 
ILE HD11 H N N 179 
ILE HD12 H N N 180 
ILE HD13 H N N 181 
ILE HXT  H N N 182 
LEU N    N N N 183 
LEU CA   C N S 184 
LEU C    C N N 185 
LEU O    O N N 186 
LEU CB   C N N 187 
LEU CG   C N N 188 
LEU CD1  C N N 189 
LEU CD2  C N N 190 
LEU OXT  O N N 191 
LEU H    H N N 192 
LEU H2   H N N 193 
LEU HA   H N N 194 
LEU HB2  H N N 195 
LEU HB3  H N N 196 
LEU HG   H N N 197 
LEU HD11 H N N 198 
LEU HD12 H N N 199 
LEU HD13 H N N 200 
LEU HD21 H N N 201 
LEU HD22 H N N 202 
LEU HD23 H N N 203 
LEU HXT  H N N 204 
LYS N    N N N 205 
LYS CA   C N S 206 
LYS C    C N N 207 
LYS O    O N N 208 
LYS CB   C N N 209 
LYS CG   C N N 210 
LYS CD   C N N 211 
LYS CE   C N N 212 
LYS NZ   N N N 213 
LYS OXT  O N N 214 
LYS H    H N N 215 
LYS H2   H N N 216 
LYS HA   H N N 217 
LYS HB2  H N N 218 
LYS HB3  H N N 219 
LYS HG2  H N N 220 
LYS HG3  H N N 221 
LYS HD2  H N N 222 
LYS HD3  H N N 223 
LYS HE2  H N N 224 
LYS HE3  H N N 225 
LYS HZ1  H N N 226 
LYS HZ2  H N N 227 
LYS HZ3  H N N 228 
LYS HXT  H N N 229 
MET N    N N N 230 
MET CA   C N S 231 
MET C    C N N 232 
MET O    O N N 233 
MET CB   C N N 234 
MET CG   C N N 235 
MET SD   S N N 236 
MET CE   C N N 237 
MET OXT  O N N 238 
MET H    H N N 239 
MET H2   H N N 240 
MET HA   H N N 241 
MET HB2  H N N 242 
MET HB3  H N N 243 
MET HG2  H N N 244 
MET HG3  H N N 245 
MET HE1  H N N 246 
MET HE2  H N N 247 
MET HE3  H N N 248 
MET HXT  H N N 249 
PHE N    N N N 250 
PHE CA   C N S 251 
PHE C    C N N 252 
PHE O    O N N 253 
PHE CB   C N N 254 
PHE CG   C Y N 255 
PHE CD1  C Y N 256 
PHE CD2  C Y N 257 
PHE CE1  C Y N 258 
PHE CE2  C Y N 259 
PHE CZ   C Y N 260 
PHE OXT  O N N 261 
PHE H    H N N 262 
PHE H2   H N N 263 
PHE HA   H N N 264 
PHE HB2  H N N 265 
PHE HB3  H N N 266 
PHE HD1  H N N 267 
PHE HD2  H N N 268 
PHE HE1  H N N 269 
PHE HE2  H N N 270 
PHE HZ   H N N 271 
PHE HXT  H N N 272 
PRO N    N N N 273 
PRO CA   C N S 274 
PRO C    C N N 275 
PRO O    O N N 276 
PRO CB   C N N 277 
PRO CG   C N N 278 
PRO CD   C N N 279 
PRO OXT  O N N 280 
PRO H    H N N 281 
PRO HA   H N N 282 
PRO HB2  H N N 283 
PRO HB3  H N N 284 
PRO HG2  H N N 285 
PRO HG3  H N N 286 
PRO HD2  H N N 287 
PRO HD3  H N N 288 
PRO HXT  H N N 289 
SER N    N N N 290 
SER CA   C N S 291 
SER C    C N N 292 
SER O    O N N 293 
SER CB   C N N 294 
SER OG   O N N 295 
SER OXT  O N N 296 
SER H    H N N 297 
SER H2   H N N 298 
SER HA   H N N 299 
SER HB2  H N N 300 
SER HB3  H N N 301 
SER HG   H N N 302 
SER HXT  H N N 303 
THR N    N N N 304 
THR CA   C N S 305 
THR C    C N N 306 
THR O    O N N 307 
THR CB   C N R 308 
THR OG1  O N N 309 
THR CG2  C N N 310 
THR OXT  O N N 311 
THR H    H N N 312 
THR H2   H N N 313 
THR HA   H N N 314 
THR HB   H N N 315 
THR HG1  H N N 316 
THR HG21 H N N 317 
THR HG22 H N N 318 
THR HG23 H N N 319 
THR HXT  H N N 320 
TRP N    N N N 321 
TRP CA   C N S 322 
TRP C    C N N 323 
TRP O    O N N 324 
TRP CB   C N N 325 
TRP CG   C Y N 326 
TRP CD1  C Y N 327 
TRP CD2  C Y N 328 
TRP NE1  N Y N 329 
TRP CE2  C Y N 330 
TRP CE3  C Y N 331 
TRP CZ2  C Y N 332 
TRP CZ3  C Y N 333 
TRP CH2  C Y N 334 
TRP OXT  O N N 335 
TRP H    H N N 336 
TRP H2   H N N 337 
TRP HA   H N N 338 
TRP HB2  H N N 339 
TRP HB3  H N N 340 
TRP HD1  H N N 341 
TRP HE1  H N N 342 
TRP HE3  H N N 343 
TRP HZ2  H N N 344 
TRP HZ3  H N N 345 
TRP HH2  H N N 346 
TRP HXT  H N N 347 
TYR N    N N N 348 
TYR CA   C N S 349 
TYR C    C N N 350 
TYR O    O N N 351 
TYR CB   C N N 352 
TYR CG   C Y N 353 
TYR CD1  C Y N 354 
TYR CD2  C Y N 355 
TYR CE1  C Y N 356 
TYR CE2  C Y N 357 
TYR CZ   C Y N 358 
TYR OH   O N N 359 
TYR OXT  O N N 360 
TYR H    H N N 361 
TYR H2   H N N 362 
TYR HA   H N N 363 
TYR HB2  H N N 364 
TYR HB3  H N N 365 
TYR HD1  H N N 366 
TYR HD2  H N N 367 
TYR HE1  H N N 368 
TYR HE2  H N N 369 
TYR HH   H N N 370 
TYR HXT  H N N 371 
VAL N    N N N 372 
VAL CA   C N S 373 
VAL C    C N N 374 
VAL O    O N N 375 
VAL CB   C N N 376 
VAL CG1  C N N 377 
VAL CG2  C N N 378 
VAL OXT  O N N 379 
VAL H    H N N 380 
VAL H2   H N N 381 
VAL HA   H N N 382 
VAL HB   H N N 383 
VAL HG11 H N N 384 
VAL HG12 H N N 385 
VAL HG13 H N N 386 
VAL HG21 H N N 387 
VAL HG22 H N N 388 
VAL HG23 H N N 389 
VAL HXT  H N N 390 
# 
loop_
_chem_comp_bond.comp_id 
_chem_comp_bond.atom_id_1 
_chem_comp_bond.atom_id_2 
_chem_comp_bond.value_order 
_chem_comp_bond.pdbx_aromatic_flag 
_chem_comp_bond.pdbx_stereo_config 
_chem_comp_bond.pdbx_ordinal 
ALA N   CA   sing N N 1   
ALA N   H    sing N N 2   
ALA N   H2   sing N N 3   
ALA CA  C    sing N N 4   
ALA CA  CB   sing N N 5   
ALA CA  HA   sing N N 6   
ALA C   O    doub N N 7   
ALA C   OXT  sing N N 8   
ALA CB  HB1  sing N N 9   
ALA CB  HB2  sing N N 10  
ALA CB  HB3  sing N N 11  
ALA OXT HXT  sing N N 12  
ARG N   CA   sing N N 13  
ARG N   H    sing N N 14  
ARG N   H2   sing N N 15  
ARG CA  C    sing N N 16  
ARG CA  CB   sing N N 17  
ARG CA  HA   sing N N 18  
ARG C   O    doub N N 19  
ARG C   OXT  sing N N 20  
ARG CB  CG   sing N N 21  
ARG CB  HB2  sing N N 22  
ARG CB  HB3  sing N N 23  
ARG CG  CD   sing N N 24  
ARG CG  HG2  sing N N 25  
ARG CG  HG3  sing N N 26  
ARG CD  NE   sing N N 27  
ARG CD  HD2  sing N N 28  
ARG CD  HD3  sing N N 29  
ARG NE  CZ   sing N N 30  
ARG NE  HE   sing N N 31  
ARG CZ  NH1  sing N N 32  
ARG CZ  NH2  doub N N 33  
ARG NH1 HH11 sing N N 34  
ARG NH1 HH12 sing N N 35  
ARG NH2 HH21 sing N N 36  
ARG NH2 HH22 sing N N 37  
ARG OXT HXT  sing N N 38  
ASN N   CA   sing N N 39  
ASN N   H    sing N N 40  
ASN N   H2   sing N N 41  
ASN CA  C    sing N N 42  
ASN CA  CB   sing N N 43  
ASN CA  HA   sing N N 44  
ASN C   O    doub N N 45  
ASN C   OXT  sing N N 46  
ASN CB  CG   sing N N 47  
ASN CB  HB2  sing N N 48  
ASN CB  HB3  sing N N 49  
ASN CG  OD1  doub N N 50  
ASN CG  ND2  sing N N 51  
ASN ND2 HD21 sing N N 52  
ASN ND2 HD22 sing N N 53  
ASN OXT HXT  sing N N 54  
ASP N   CA   sing N N 55  
ASP N   H    sing N N 56  
ASP N   H2   sing N N 57  
ASP CA  C    sing N N 58  
ASP CA  CB   sing N N 59  
ASP CA  HA   sing N N 60  
ASP C   O    doub N N 61  
ASP C   OXT  sing N N 62  
ASP CB  CG   sing N N 63  
ASP CB  HB2  sing N N 64  
ASP CB  HB3  sing N N 65  
ASP CG  OD1  doub N N 66  
ASP CG  OD2  sing N N 67  
ASP OD2 HD2  sing N N 68  
ASP OXT HXT  sing N N 69  
CYS N   CA   sing N N 70  
CYS N   H    sing N N 71  
CYS N   H2   sing N N 72  
CYS CA  C    sing N N 73  
CYS CA  CB   sing N N 74  
CYS CA  HA   sing N N 75  
CYS C   O    doub N N 76  
CYS C   OXT  sing N N 77  
CYS CB  SG   sing N N 78  
CYS CB  HB2  sing N N 79  
CYS CB  HB3  sing N N 80  
CYS SG  HG   sing N N 81  
CYS OXT HXT  sing N N 82  
GLN N   CA   sing N N 83  
GLN N   H    sing N N 84  
GLN N   H2   sing N N 85  
GLN CA  C    sing N N 86  
GLN CA  CB   sing N N 87  
GLN CA  HA   sing N N 88  
GLN C   O    doub N N 89  
GLN C   OXT  sing N N 90  
GLN CB  CG   sing N N 91  
GLN CB  HB2  sing N N 92  
GLN CB  HB3  sing N N 93  
GLN CG  CD   sing N N 94  
GLN CG  HG2  sing N N 95  
GLN CG  HG3  sing N N 96  
GLN CD  OE1  doub N N 97  
GLN CD  NE2  sing N N 98  
GLN NE2 HE21 sing N N 99  
GLN NE2 HE22 sing N N 100 
GLN OXT HXT  sing N N 101 
GLU N   CA   sing N N 102 
GLU N   H    sing N N 103 
GLU N   H2   sing N N 104 
GLU CA  C    sing N N 105 
GLU CA  CB   sing N N 106 
GLU CA  HA   sing N N 107 
GLU C   O    doub N N 108 
GLU C   OXT  sing N N 109 
GLU CB  CG   sing N N 110 
GLU CB  HB2  sing N N 111 
GLU CB  HB3  sing N N 112 
GLU CG  CD   sing N N 113 
GLU CG  HG2  sing N N 114 
GLU CG  HG3  sing N N 115 
GLU CD  OE1  doub N N 116 
GLU CD  OE2  sing N N 117 
GLU OE2 HE2  sing N N 118 
GLU OXT HXT  sing N N 119 
GLY N   CA   sing N N 120 
GLY N   H    sing N N 121 
GLY N   H2   sing N N 122 
GLY CA  C    sing N N 123 
GLY CA  HA2  sing N N 124 
GLY CA  HA3  sing N N 125 
GLY C   O    doub N N 126 
GLY C   OXT  sing N N 127 
GLY OXT HXT  sing N N 128 
HIS N   CA   sing N N 129 
HIS N   H    sing N N 130 
HIS N   H2   sing N N 131 
HIS CA  C    sing N N 132 
HIS CA  CB   sing N N 133 
HIS CA  HA   sing N N 134 
HIS C   O    doub N N 135 
HIS C   OXT  sing N N 136 
HIS CB  CG   sing N N 137 
HIS CB  HB2  sing N N 138 
HIS CB  HB3  sing N N 139 
HIS CG  ND1  sing Y N 140 
HIS CG  CD2  doub Y N 141 
HIS ND1 CE1  doub Y N 142 
HIS ND1 HD1  sing N N 143 
HIS CD2 NE2  sing Y N 144 
HIS CD2 HD2  sing N N 145 
HIS CE1 NE2  sing Y N 146 
HIS CE1 HE1  sing N N 147 
HIS NE2 HE2  sing N N 148 
HIS OXT HXT  sing N N 149 
HOH O   H1   sing N N 150 
HOH O   H2   sing N N 151 
ILE N   CA   sing N N 152 
ILE N   H    sing N N 153 
ILE N   H2   sing N N 154 
ILE CA  C    sing N N 155 
ILE CA  CB   sing N N 156 
ILE CA  HA   sing N N 157 
ILE C   O    doub N N 158 
ILE C   OXT  sing N N 159 
ILE CB  CG1  sing N N 160 
ILE CB  CG2  sing N N 161 
ILE CB  HB   sing N N 162 
ILE CG1 CD1  sing N N 163 
ILE CG1 HG12 sing N N 164 
ILE CG1 HG13 sing N N 165 
ILE CG2 HG21 sing N N 166 
ILE CG2 HG22 sing N N 167 
ILE CG2 HG23 sing N N 168 
ILE CD1 HD11 sing N N 169 
ILE CD1 HD12 sing N N 170 
ILE CD1 HD13 sing N N 171 
ILE OXT HXT  sing N N 172 
LEU N   CA   sing N N 173 
LEU N   H    sing N N 174 
LEU N   H2   sing N N 175 
LEU CA  C    sing N N 176 
LEU CA  CB   sing N N 177 
LEU CA  HA   sing N N 178 
LEU C   O    doub N N 179 
LEU C   OXT  sing N N 180 
LEU CB  CG   sing N N 181 
LEU CB  HB2  sing N N 182 
LEU CB  HB3  sing N N 183 
LEU CG  CD1  sing N N 184 
LEU CG  CD2  sing N N 185 
LEU CG  HG   sing N N 186 
LEU CD1 HD11 sing N N 187 
LEU CD1 HD12 sing N N 188 
LEU CD1 HD13 sing N N 189 
LEU CD2 HD21 sing N N 190 
LEU CD2 HD22 sing N N 191 
LEU CD2 HD23 sing N N 192 
LEU OXT HXT  sing N N 193 
LYS N   CA   sing N N 194 
LYS N   H    sing N N 195 
LYS N   H2   sing N N 196 
LYS CA  C    sing N N 197 
LYS CA  CB   sing N N 198 
LYS CA  HA   sing N N 199 
LYS C   O    doub N N 200 
LYS C   OXT  sing N N 201 
LYS CB  CG   sing N N 202 
LYS CB  HB2  sing N N 203 
LYS CB  HB3  sing N N 204 
LYS CG  CD   sing N N 205 
LYS CG  HG2  sing N N 206 
LYS CG  HG3  sing N N 207 
LYS CD  CE   sing N N 208 
LYS CD  HD2  sing N N 209 
LYS CD  HD3  sing N N 210 
LYS CE  NZ   sing N N 211 
LYS CE  HE2  sing N N 212 
LYS CE  HE3  sing N N 213 
LYS NZ  HZ1  sing N N 214 
LYS NZ  HZ2  sing N N 215 
LYS NZ  HZ3  sing N N 216 
LYS OXT HXT  sing N N 217 
MET N   CA   sing N N 218 
MET N   H    sing N N 219 
MET N   H2   sing N N 220 
MET CA  C    sing N N 221 
MET CA  CB   sing N N 222 
MET CA  HA   sing N N 223 
MET C   O    doub N N 224 
MET C   OXT  sing N N 225 
MET CB  CG   sing N N 226 
MET CB  HB2  sing N N 227 
MET CB  HB3  sing N N 228 
MET CG  SD   sing N N 229 
MET CG  HG2  sing N N 230 
MET CG  HG3  sing N N 231 
MET SD  CE   sing N N 232 
MET CE  HE1  sing N N 233 
MET CE  HE2  sing N N 234 
MET CE  HE3  sing N N 235 
MET OXT HXT  sing N N 236 
PHE N   CA   sing N N 237 
PHE N   H    sing N N 238 
PHE N   H2   sing N N 239 
PHE CA  C    sing N N 240 
PHE CA  CB   sing N N 241 
PHE CA  HA   sing N N 242 
PHE C   O    doub N N 243 
PHE C   OXT  sing N N 244 
PHE CB  CG   sing N N 245 
PHE CB  HB2  sing N N 246 
PHE CB  HB3  sing N N 247 
PHE CG  CD1  doub Y N 248 
PHE CG  CD2  sing Y N 249 
PHE CD1 CE1  sing Y N 250 
PHE CD1 HD1  sing N N 251 
PHE CD2 CE2  doub Y N 252 
PHE CD2 HD2  sing N N 253 
PHE CE1 CZ   doub Y N 254 
PHE CE1 HE1  sing N N 255 
PHE CE2 CZ   sing Y N 256 
PHE CE2 HE2  sing N N 257 
PHE CZ  HZ   sing N N 258 
PHE OXT HXT  sing N N 259 
PRO N   CA   sing N N 260 
PRO N   CD   sing N N 261 
PRO N   H    sing N N 262 
PRO CA  C    sing N N 263 
PRO CA  CB   sing N N 264 
PRO CA  HA   sing N N 265 
PRO C   O    doub N N 266 
PRO C   OXT  sing N N 267 
PRO CB  CG   sing N N 268 
PRO CB  HB2  sing N N 269 
PRO CB  HB3  sing N N 270 
PRO CG  CD   sing N N 271 
PRO CG  HG2  sing N N 272 
PRO CG  HG3  sing N N 273 
PRO CD  HD2  sing N N 274 
PRO CD  HD3  sing N N 275 
PRO OXT HXT  sing N N 276 
SER N   CA   sing N N 277 
SER N   H    sing N N 278 
SER N   H2   sing N N 279 
SER CA  C    sing N N 280 
SER CA  CB   sing N N 281 
SER CA  HA   sing N N 282 
SER C   O    doub N N 283 
SER C   OXT  sing N N 284 
SER CB  OG   sing N N 285 
SER CB  HB2  sing N N 286 
SER CB  HB3  sing N N 287 
SER OG  HG   sing N N 288 
SER OXT HXT  sing N N 289 
THR N   CA   sing N N 290 
THR N   H    sing N N 291 
THR N   H2   sing N N 292 
THR CA  C    sing N N 293 
THR CA  CB   sing N N 294 
THR CA  HA   sing N N 295 
THR C   O    doub N N 296 
THR C   OXT  sing N N 297 
THR CB  OG1  sing N N 298 
THR CB  CG2  sing N N 299 
THR CB  HB   sing N N 300 
THR OG1 HG1  sing N N 301 
THR CG2 HG21 sing N N 302 
THR CG2 HG22 sing N N 303 
THR CG2 HG23 sing N N 304 
THR OXT HXT  sing N N 305 
TRP N   CA   sing N N 306 
TRP N   H    sing N N 307 
TRP N   H2   sing N N 308 
TRP CA  C    sing N N 309 
TRP CA  CB   sing N N 310 
TRP CA  HA   sing N N 311 
TRP C   O    doub N N 312 
TRP C   OXT  sing N N 313 
TRP CB  CG   sing N N 314 
TRP CB  HB2  sing N N 315 
TRP CB  HB3  sing N N 316 
TRP CG  CD1  doub Y N 317 
TRP CG  CD2  sing Y N 318 
TRP CD1 NE1  sing Y N 319 
TRP CD1 HD1  sing N N 320 
TRP CD2 CE2  doub Y N 321 
TRP CD2 CE3  sing Y N 322 
TRP NE1 CE2  sing Y N 323 
TRP NE1 HE1  sing N N 324 
TRP CE2 CZ2  sing Y N 325 
TRP CE3 CZ3  doub Y N 326 
TRP CE3 HE3  sing N N 327 
TRP CZ2 CH2  doub Y N 328 
TRP CZ2 HZ2  sing N N 329 
TRP CZ3 CH2  sing Y N 330 
TRP CZ3 HZ3  sing N N 331 
TRP CH2 HH2  sing N N 332 
TRP OXT HXT  sing N N 333 
TYR N   CA   sing N N 334 
TYR N   H    sing N N 335 
TYR N   H2   sing N N 336 
TYR CA  C    sing N N 337 
TYR CA  CB   sing N N 338 
TYR CA  HA   sing N N 339 
TYR C   O    doub N N 340 
TYR C   OXT  sing N N 341 
TYR CB  CG   sing N N 342 
TYR CB  HB2  sing N N 343 
TYR CB  HB3  sing N N 344 
TYR CG  CD1  doub Y N 345 
TYR CG  CD2  sing Y N 346 
TYR CD1 CE1  sing Y N 347 
TYR CD1 HD1  sing N N 348 
TYR CD2 CE2  doub Y N 349 
TYR CD2 HD2  sing N N 350 
TYR CE1 CZ   doub Y N 351 
TYR CE1 HE1  sing N N 352 
TYR CE2 CZ   sing Y N 353 
TYR CE2 HE2  sing N N 354 
TYR CZ  OH   sing N N 355 
TYR OH  HH   sing N N 356 
TYR OXT HXT  sing N N 357 
VAL N   CA   sing N N 358 
VAL N   H    sing N N 359 
VAL N   H2   sing N N 360 
VAL CA  C    sing N N 361 
VAL CA  CB   sing N N 362 
VAL CA  HA   sing N N 363 
VAL C   O    doub N N 364 
VAL C   OXT  sing N N 365 
VAL CB  CG1  sing N N 366 
VAL CB  CG2  sing N N 367 
VAL CB  HB   sing N N 368 
VAL CG1 HG11 sing N N 369 
VAL CG1 HG12 sing N N 370 
VAL CG1 HG13 sing N N 371 
VAL CG2 HG21 sing N N 372 
VAL CG2 HG22 sing N N 373 
VAL CG2 HG23 sing N N 374 
VAL OXT HXT  sing N N 375 
# 
_pdbx_initial_refinement_model.accession_code   ? 
_pdbx_initial_refinement_model.id               1 
_pdbx_initial_refinement_model.entity_id_list   ? 
_pdbx_initial_refinement_model.type             other 
_pdbx_initial_refinement_model.source_name      ? 
_pdbx_initial_refinement_model.details          'COMPOSITE MODEL - SEE REMARKS' 
# 
_atom_sites.entry_id                    2C6U 
_atom_sites.fract_transf_matrix[1][1]   -0.00043473 
_atom_sites.fract_transf_matrix[1][2]   0.02847464 
_atom_sites.fract_transf_matrix[1][3]   -0.00152942 
_atom_sites.fract_transf_matrix[2][1]   0.01810926 
_atom_sites.fract_transf_matrix[2][2]   0.00034692 
_atom_sites.fract_transf_matrix[2][3]   0.00131143 
_atom_sites.fract_transf_matrix[3][1]   0.00130204 
_atom_sites.fract_transf_matrix[3][2]   -0.00093258 
_atom_sites.fract_transf_matrix[3][3]   -0.01773282 
_atom_sites.fract_transf_vector[1]      0.525118 
_atom_sites.fract_transf_vector[2]      -0.028967 
_atom_sites.fract_transf_vector[3]      0.113210 
# 
loop_
_atom_type.symbol 
C 
N 
O 
S 
# 
loop_
_atom_site.group_PDB 
_atom_site.id 
_atom_site.type_symbol 
_atom_site.label_atom_id 
_atom_site.label_alt_id 
_atom_site.label_comp_id 
_atom_site.label_asym_id 
_atom_site.label_entity_id 
_atom_site.label_seq_id 
_atom_site.pdbx_PDB_ins_code 
_atom_site.Cartn_x 
_atom_site.Cartn_y 
_atom_site.Cartn_z 
_atom_site.occupancy 
_atom_site.B_iso_or_equiv 
_atom_site.pdbx_formal_charge 
_atom_site.auth_seq_id 
_atom_site.auth_comp_id 
_atom_site.auth_asym_id 
_atom_site.auth_atom_id 
_atom_site.pdbx_PDB_model_num 
ATOM   1    N N   . SER A 1 1   ? 19.402  13.333  -1.485  1.00 16.96 ? 100  SER A N   1 
ATOM   2    C CA  . SER A 1 1   ? 17.900  13.334  -1.470  1.00 16.18 ? 100  SER A CA  1 
ATOM   3    C C   . SER A 1 1   ? 17.257  13.867  -0.199  1.00 15.92 ? 100  SER A C   1 
ATOM   4    O O   . SER A 1 1   ? 17.907  13.927  0.841   1.00 15.44 ? 100  SER A O   1 
ATOM   5    N N   . PRO A 1 2   ? 15.971  14.274  -0.274  1.00 15.91 ? 101  PRO A N   1 
ATOM   6    C CA  . PRO A 1 2   ? 15.257  14.771  0.911   1.00 15.57 ? 101  PRO A CA  1 
ATOM   7    C C   . PRO A 1 2   ? 14.769  13.701  1.888   1.00 15.11 ? 101  PRO A C   1 
ATOM   8    O O   . PRO A 1 2   ? 14.283  14.042  2.967   1.00 15.93 ? 101  PRO A O   1 
ATOM   9    C CB  . PRO A 1 2   ? 14.056  15.512  0.318   1.00 16.54 ? 101  PRO A CB  1 
ATOM   10   C CG  . PRO A 1 2   ? 13.793  14.820  -0.966  1.00 15.73 ? 101  PRO A CG  1 
ATOM   11   C CD  . PRO A 1 2   ? 15.128  14.322  -1.485  1.00 16.49 ? 101  PRO A CD  1 
ATOM   12   N N   . CYS A 1 3   ? 14.907  12.427  1.530   1.00 13.71 ? 102  CYS A N   1 
ATOM   13   C CA  . CYS A 1 3   ? 14.399  11.346  2.376   1.00 12.10 ? 102  CYS A CA  1 
ATOM   14   C C   . CYS A 1 3   ? 15.498  10.739  3.240   1.00 11.54 ? 102  CYS A C   1 
ATOM   15   O O   . CYS A 1 3   ? 16.661  10.674  2.823   1.00 11.58 ? 102  CYS A O   1 
ATOM   16   C CB  . CYS A 1 3   ? 13.750  10.254  1.517   1.00 11.86 ? 102  CYS A CB  1 
ATOM   17   S SG  . CYS A 1 3   ? 12.487  10.883  0.395   1.00 11.05 ? 102  CYS A SG  1 
ATOM   18   N N   . ASP A 1 4   ? 15.120  10.269  4.424   1.00 10.37 ? 103  ASP A N   1 
ATOM   19   C CA  . ASP A 1 4   ? 16.089  9.650   5.347   1.00 10.71 ? 103  ASP A CA  1 
ATOM   20   C C   . ASP A 1 4   ? 16.632  8.352   4.776   1.00 10.67 ? 103  ASP A C   1 
ATOM   21   O O   . ASP A 1 4   ? 16.054  7.776   3.844   1.00 9.95  ? 103  ASP A O   1 
ATOM   22   C CB  . ASP A 1 4   ? 15.462  9.344   6.702   1.00 11.34 ? 103  ASP A CB  1 
ATOM   23   C CG  . ASP A 1 4   ? 15.103  10.603  7.497   1.00 14.59 ? 103  ASP A CG  1 
ATOM   24   O OD1 . ASP A 1 4   ? 15.646  11.692  7.203   1.00 17.81 ? 103  ASP A OD1 1 
ATOM   25   O OD2 . ASP A 1 4   ? 14.247  10.480  8.397   1.00 18.43 ? 103  ASP A OD2 1 
ATOM   26   N N   . THR A 1 5   ? 17.731  7.874   5.350   1.00 10.54 ? 104  THR A N   1 
ATOM   27   C CA  . THR A 1 5   ? 18.254  6.553   4.999   1.00 11.30 ? 104  THR A CA  1 
ATOM   28   C C   . THR A 1 5   ? 17.180  5.476   5.163   1.00 11.35 ? 104  THR A C   1 
ATOM   29   O O   . THR A 1 5   ? 16.431  5.499   6.132   1.00 11.82 ? 104  THR A O   1 
ATOM   30   C CB  . THR A 1 5   ? 19.512  6.242   5.832   1.00 11.28 ? 104  THR A CB  1 
ATOM   31   O OG1 . THR A 1 5   ? 20.522  7.193   5.454   1.00 12.75 ? 104  THR A OG1 1 
ATOM   32   C CG2 . THR A 1 5   ? 20.026  4.809   5.598   1.00 12.60 ? 104  THR A CG2 1 
ATOM   33   N N   A ASN A 1 6   ? 17.151  4.577   4.172   0.60 11.87 ? 105  ASN A N   1 
ATOM   34   N N   B ASN A 1 6   ? 17.114  4.532   4.226   0.40 11.58 ? 105  ASN A N   1 
ATOM   35   C CA  A ASN A 1 6   ? 16.169  3.486   4.006   0.60 12.09 ? 105  ASN A CA  1 
ATOM   36   C CA  B ASN A 1 6   ? 16.058  3.497   4.192   0.40 11.54 ? 105  ASN A CA  1 
ATOM   37   C C   . ASN A 1 6   ? 14.818  3.934   3.416   1.00 11.61 ? 105  ASN A C   1 
ATOM   38   O O   . ASN A 1 6   ? 13.881  3.133   3.258   1.00 12.22 ? 105  ASN A O   1 
ATOM   39   C CB  A ASN A 1 6   ? 16.045  2.617   5.271   0.60 13.03 ? 105  ASN A CB  1 
ATOM   40   C CB  B ASN A 1 6   ? 15.593  3.061   5.600   0.40 11.72 ? 105  ASN A CB  1 
ATOM   41   C CG  A ASN A 1 6   ? 17.384  1.985   5.673   0.60 14.29 ? 105  ASN A CG  1 
ATOM   42   C CG  B ASN A 1 6   ? 16.678  2.369   6.420   0.40 11.81 ? 105  ASN A CG  1 
ATOM   43   O OD1 A ASN A 1 6   ? 17.741  1.958   6.849   0.60 16.59 ? 105  ASN A OD1 1 
ATOM   44   O OD1 B ASN A 1 6   ? 16.537  2.237   7.638   0.40 14.17 ? 105  ASN A OD1 1 
ATOM   45   N ND2 A ASN A 1 6   ? 18.139  1.502   4.684   0.60 15.76 ? 105  ASN A ND2 1 
ATOM   46   N ND2 B ASN A 1 6   ? 17.754  1.922   5.766   0.40 12.67 ? 105  ASN A ND2 1 
ATOM   47   N N   . TRP A 1 7   ? 14.773  5.201   3.000   1.00 10.39 ? 106  TRP A N   1 
ATOM   48   C CA  . TRP A 1 7   ? 13.631  5.760   2.274   1.00 9.44  ? 106  TRP A CA  1 
ATOM   49   C C   . TRP A 1 7   ? 14.076  6.273   0.913   1.00 9.44  ? 106  TRP A C   1 
ATOM   50   O O   . TRP A 1 7   ? 15.231  6.639   0.724   1.00 9.76  ? 106  TRP A O   1 
ATOM   51   C CB  . TRP A 1 7   ? 12.937  6.866   3.085   1.00 9.03  ? 106  TRP A CB  1 
ATOM   52   C CG  . TRP A 1 7   ? 12.415  6.360   4.429   1.00 9.37  ? 106  TRP A CG  1 
ATOM   53   C CD1 . TRP A 1 7   ? 13.162  5.995   5.511   1.00 9.86  ? 106  TRP A CD1 1 
ATOM   54   C CD2 . TRP A 1 7   ? 11.041  6.180   4.808   1.00 8.29  ? 106  TRP A CD2 1 
ATOM   55   N NE1 . TRP A 1 7   ? 12.341  5.574   6.542   1.00 10.77 ? 106  TRP A NE1 1 
ATOM   56   C CE2 . TRP A 1 7   ? 11.035  5.684   6.136   1.00 10.02 ? 106  TRP A CE2 1 
ATOM   57   C CE3 . TRP A 1 7   ? 9.816   6.391   4.155   1.00 8.99  ? 106  TRP A CE3 1 
ATOM   58   C CZ2 . TRP A 1 7   ? 9.855   5.401   6.827   1.00 8.42  ? 106  TRP A CZ2 1 
ATOM   59   C CZ3 . TRP A 1 7   ? 8.636   6.103   4.842   1.00 8.87  ? 106  TRP A CZ3 1 
ATOM   60   C CH2 . TRP A 1 7   ? 8.668   5.617   6.163   1.00 8.53  ? 106  TRP A CH2 1 
ATOM   61   N N   . ARG A 1 8   ? 13.143  6.322   -0.027  1.00 8.90  ? 107  ARG A N   1 
ATOM   62   C CA  . ARG A 1 8   ? 13.462  6.666   -1.405  1.00 8.96  ? 107  ARG A CA  1 
ATOM   63   C C   . ARG A 1 8   ? 12.530  7.750   -1.883  1.00 9.27  ? 107  ARG A C   1 
ATOM   64   O O   . ARG A 1 8   ? 11.341  7.709   -1.602  1.00 8.37  ? 107  ARG A O   1 
ATOM   65   C CB  . ARG A 1 8   ? 13.328  5.435   -2.304  1.00 9.94  ? 107  ARG A CB  1 
ATOM   66   C CG  . ARG A 1 8   ? 14.345  4.348   -1.995  1.00 10.27 ? 107  ARG A CG  1 
ATOM   67   C CD  . ARG A 1 8   ? 15.734  4.839   -2.372  1.00 12.61 ? 107  ARG A CD  1 
ATOM   68   N NE  . ARG A 1 8   ? 16.773  3.825   -2.236  1.00 13.45 ? 107  ARG A NE  1 
ATOM   69   C CZ  . ARG A 1 8   ? 17.426  3.575   -1.107  1.00 14.97 ? 107  ARG A CZ  1 
ATOM   70   N NH1 . ARG A 1 8   ? 17.102  4.229   0.008   1.00 15.53 ? 107  ARG A NH1 1 
ATOM   71   N NH2 . ARG A 1 8   ? 18.388  2.657   -1.082  1.00 17.08 ? 107  ARG A NH2 1 
ATOM   72   N N   . TYR A 1 9   ? 13.081  8.712   -2.614  1.00 9.26  ? 108  TYR A N   1 
ATOM   73   C CA  . TYR A 1 9   ? 12.328  9.897   -3.036  1.00 10.57 ? 108  TYR A CA  1 
ATOM   74   C C   . TYR A 1 9   ? 11.756  9.737   -4.437  1.00 11.00 ? 108  TYR A C   1 
ATOM   75   O O   . TYR A 1 9   ? 12.494  9.448   -5.394  1.00 11.39 ? 108  TYR A O   1 
ATOM   76   C CB  . TYR A 1 9   ? 13.245  11.135  -2.979  1.00 11.53 ? 108  TYR A CB  1 
ATOM   77   C CG  . TYR A 1 9   ? 12.630  12.434  -3.437  1.00 12.66 ? 108  TYR A CG  1 
ATOM   78   C CD1 . TYR A 1 9   ? 11.411  12.880  -2.929  1.00 12.50 ? 108  TYR A CD1 1 
ATOM   79   C CD2 . TYR A 1 9   ? 13.308  13.256  -4.340  1.00 13.75 ? 108  TYR A CD2 1 
ATOM   80   C CE1 . TYR A 1 9   ? 10.863  14.098  -3.347  1.00 14.59 ? 108  TYR A CE1 1 
ATOM   81   C CE2 . TYR A 1 9   ? 12.778  14.469  -4.757  1.00 15.58 ? 108  TYR A CE2 1 
ATOM   82   C CZ  . TYR A 1 9   ? 11.556  14.888  -4.260  1.00 15.78 ? 108  TYR A CZ  1 
ATOM   83   O OH  . TYR A 1 9   ? 11.039  16.102  -4.663  1.00 17.05 ? 108  TYR A OH  1 
ATOM   84   N N   . TYR A 1 10  ? 10.445  9.938   -4.562  1.00 10.80 ? 109  TYR A N   1 
ATOM   85   C CA  . TYR A 1 10  ? 9.810   9.975   -5.866  1.00 12.25 ? 109  TYR A CA  1 
ATOM   86   C C   . TYR A 1 10  ? 8.580   10.866  -5.843  1.00 12.43 ? 109  TYR A C   1 
ATOM   87   O O   . TYR A 1 10  ? 7.744   10.765  -4.943  1.00 12.49 ? 109  TYR A O   1 
ATOM   88   C CB  . TYR A 1 10  ? 9.446   8.566   -6.338  1.00 13.41 ? 109  TYR A CB  1 
ATOM   89   C CG  . TYR A 1 10  ? 9.261   8.464   -7.840  1.00 14.95 ? 109  TYR A CG  1 
ATOM   90   C CD1 . TYR A 1 10  ? 10.365  8.485   -8.698  1.00 15.29 ? 109  TYR A CD1 1 
ATOM   91   C CD2 . TYR A 1 10  ? 7.994   8.349   -8.392  1.00 15.29 ? 109  TYR A CD2 1 
ATOM   92   C CE1 . TYR A 1 10  ? 10.208  8.389   -10.073 1.00 16.62 ? 109  TYR A CE1 1 
ATOM   93   C CE2 . TYR A 1 10  ? 7.818   8.247   -9.765  1.00 16.12 ? 109  TYR A CE2 1 
ATOM   94   C CZ  . TYR A 1 10  ? 8.931   8.266   -10.599 1.00 16.18 ? 109  TYR A CZ  1 
ATOM   95   O OH  . TYR A 1 10  ? 8.780   8.170   -11.965 1.00 18.37 ? 109  TYR A OH  1 
ATOM   96   N N   . GLY A 1 11  ? 8.485   11.740  -6.845  1.00 13.12 ? 110  GLY A N   1 
ATOM   97   C CA  . GLY A 1 11  ? 7.403   12.708  -6.918  1.00 13.59 ? 110  GLY A CA  1 
ATOM   98   C C   . GLY A 1 11  ? 7.507   13.671  -5.750  1.00 13.59 ? 110  GLY A C   1 
ATOM   99   O O   . GLY A 1 11  ? 8.471   14.428  -5.642  1.00 14.07 ? 110  GLY A O   1 
ATOM   100  N N   . ASP A 1 12  ? 6.537   13.605  -4.845  1.00 13.71 ? 111  ASP A N   1 
ATOM   101  C CA  . ASP A 1 12  ? 6.559   14.444  -3.659  1.00 14.48 ? 111  ASP A CA  1 
ATOM   102  C C   . ASP A 1 12  ? 6.586   13.619  -2.363  1.00 13.82 ? 111  ASP A C   1 
ATOM   103  O O   . ASP A 1 12  ? 6.243   14.121  -1.289  1.00 13.89 ? 111  ASP A O   1 
ATOM   104  C CB  . ASP A 1 12  ? 5.345   15.393  -3.671  1.00 15.77 ? 111  ASP A CB  1 
ATOM   105  C CG  A ASP A 1 12  ? 5.544   16.614  -2.796  0.50 16.53 ? 111  ASP A CG  1 
ATOM   106  C CG  B ASP A 1 12  ? 4.054   14.704  -3.276  0.50 17.10 ? 111  ASP A CG  1 
ATOM   107  O OD1 A ASP A 1 12  ? 6.694   17.077  -2.650  0.50 19.03 ? 111  ASP A OD1 1 
ATOM   108  O OD1 B ASP A 1 12  ? 3.781   13.594  -3.781  0.50 20.06 ? 111  ASP A OD1 1 
ATOM   109  O OD2 A ASP A 1 12  ? 4.535   17.123  -2.263  0.50 19.56 ? 111  ASP A OD2 1 
ATOM   110  O OD2 B ASP A 1 12  ? 3.305   15.284  -2.455  0.50 21.43 ? 111  ASP A OD2 1 
ATOM   111  N N   . SER A 1 13  ? 7.003   12.360  -2.472  1.00 11.69 ? 112  SER A N   1 
ATOM   112  C CA  . SER A 1 13  ? 6.903   11.407  -1.365  1.00 10.82 ? 112  SER A CA  1 
ATOM   113  C C   . SER A 1 13  ? 8.237   10.744  -1.063  1.00 9.91  ? 112  SER A C   1 
ATOM   114  O O   . SER A 1 13  ? 9.129   10.650  -1.927  1.00 9.59  ? 112  SER A O   1 
ATOM   115  C CB  . SER A 1 13  ? 5.877   10.314  -1.704  1.00 10.96 ? 112  SER A CB  1 
ATOM   116  O OG  . SER A 1 13  ? 4.563   10.851  -1.876  1.00 13.57 ? 112  SER A OG  1 
ATOM   117  N N   . CYS A 1 14  ? 8.341   10.265  0.170   1.00 8.73  ? 113  CYS A N   1 
ATOM   118  C CA  . CYS A 1 14  ? 9.402   9.362   0.583   1.00 8.75  ? 113  CYS A CA  1 
ATOM   119  C C   . CYS A 1 14  ? 8.791   8.002   0.827   1.00 8.54  ? 113  CYS A C   1 
ATOM   120  O O   . CYS A 1 14  ? 7.803   7.892   1.545   1.00 8.62  ? 113  CYS A O   1 
ATOM   121  C CB  . CYS A 1 14  ? 10.052  9.851   1.870   1.00 9.80  ? 113  CYS A CB  1 
ATOM   122  S SG  . CYS A 1 14  ? 10.973  11.389  1.657   1.00 10.80 ? 113  CYS A SG  1 
ATOM   123  N N   . TYR A 1 15  ? 9.403   6.971   0.250   1.00 8.17  ? 114  TYR A N   1 
ATOM   124  C CA  . TYR A 1 15  ? 8.893   5.600   0.344   1.00 8.36  ? 114  TYR A CA  1 
ATOM   125  C C   . TYR A 1 15  ? 9.866   4.682   1.055   1.00 8.40  ? 114  TYR A C   1 
ATOM   126  O O   . TYR A 1 15  ? 11.054  4.671   0.719   1.00 7.84  ? 114  TYR A O   1 
ATOM   127  C CB  . TYR A 1 15  ? 8.664   5.045   -1.057  1.00 8.84  ? 114  TYR A CB  1 
ATOM   128  C CG  . TYR A 1 15  ? 7.632   5.802   -1.855  1.00 11.76 ? 114  TYR A CG  1 
ATOM   129  C CD1 . TYR A 1 15  ? 6.277   5.663   -1.573  1.00 12.10 ? 114  TYR A CD1 1 
ATOM   130  C CD2 . TYR A 1 15  ? 8.013   6.652   -2.899  1.00 13.02 ? 114  TYR A CD2 1 
ATOM   131  C CE1 . TYR A 1 15  ? 5.310   6.365   -2.307  1.00 12.49 ? 114  TYR A CE1 1 
ATOM   132  C CE2 . TYR A 1 15  ? 7.062   7.348   -3.649  1.00 14.00 ? 114  TYR A CE2 1 
ATOM   133  C CZ  . TYR A 1 15  ? 5.709   7.188   -3.352  1.00 13.06 ? 114  TYR A CZ  1 
ATOM   134  O OH  . TYR A 1 15  ? 4.756   7.860   -4.094  1.00 14.67 ? 114  TYR A OH  1 
ATOM   135  N N   . GLY A 1 16  ? 9.353   3.895   2.000   1.00 7.90  ? 115  GLY A N   1 
ATOM   136  C CA  . GLY A 1 16  ? 10.173  2.960   2.770   1.00 8.32  ? 115  GLY A CA  1 
ATOM   137  C C   . GLY A 1 16  ? 9.662   1.554   2.559   1.00 8.18  ? 115  GLY A C   1 
ATOM   138  O O   . GLY A 1 16  ? 8.457   1.327   2.544   1.00 8.38  ? 115  GLY A O   1 
ATOM   139  N N   . PHE A 1 17  ? 10.585  0.612   2.392   1.00 8.59  ? 116  PHE A N   1 
ATOM   140  C CA  . PHE A 1 17  ? 10.241  -0.782  2.138   1.00 8.89  ? 116  PHE A CA  1 
ATOM   141  C C   . PHE A 1 17  ? 10.773  -1.594  3.287   1.00 9.65  ? 116  PHE A C   1 
ATOM   142  O O   . PHE A 1 17  ? 11.983  -1.575  3.564   1.00 10.90 ? 116  PHE A O   1 
ATOM   143  C CB  . PHE A 1 17  ? 10.884  -1.248  0.814   1.00 9.08  ? 116  PHE A CB  1 
ATOM   144  C CG  . PHE A 1 17  ? 10.495  -0.404  -0.360  1.00 8.51  ? 116  PHE A CG  1 
ATOM   145  C CD1 . PHE A 1 17  ? 9.435   -0.765  -1.177  1.00 11.08 ? 116  PHE A CD1 1 
ATOM   146  C CD2 . PHE A 1 17  ? 11.185  0.776   -0.637  1.00 9.47  ? 116  PHE A CD2 1 
ATOM   147  C CE1 . PHE A 1 17  ? 9.063   0.030   -2.256  1.00 11.40 ? 116  PHE A CE1 1 
ATOM   148  C CE2 . PHE A 1 17  ? 10.813  1.584   -1.711  1.00 8.50  ? 116  PHE A CE2 1 
ATOM   149  C CZ  . PHE A 1 17  ? 9.754   1.199   -2.529  1.00 10.22 ? 116  PHE A CZ  1 
ATOM   150  N N   . PHE A 1 18  ? 9.879   -2.290  3.979   1.00 9.75  ? 117  PHE A N   1 
ATOM   151  C CA  . PHE A 1 18  ? 10.261  -2.962  5.219   1.00 10.25 ? 117  PHE A CA  1 
ATOM   152  C C   . PHE A 1 18  ? 9.912   -4.439  5.190   1.00 9.96  ? 117  PHE A C   1 
ATOM   153  O O   . PHE A 1 18  ? 8.752   -4.803  4.980   1.00 9.87  ? 117  PHE A O   1 
ATOM   154  C CB  . PHE A 1 18  ? 9.640   -2.234  6.417   1.00 10.70 ? 117  PHE A CB  1 
ATOM   155  C CG  . PHE A 1 18  ? 10.060  -0.790  6.506   1.00 11.19 ? 117  PHE A CG  1 
ATOM   156  C CD1 . PHE A 1 18  ? 11.290  -0.441  7.064   1.00 12.97 ? 117  PHE A CD1 1 
ATOM   157  C CD2 . PHE A 1 18  ? 9.252   0.216   5.979   1.00 11.59 ? 117  PHE A CD2 1 
ATOM   158  C CE1 . PHE A 1 18  ? 11.697  0.899   7.109   1.00 13.50 ? 117  PHE A CE1 1 
ATOM   159  C CE2 . PHE A 1 18  ? 9.647   1.542   6.019   1.00 13.12 ? 117  PHE A CE2 1 
ATOM   160  C CZ  . PHE A 1 18  ? 10.873  1.890   6.581   1.00 12.06 ? 117  PHE A CZ  1 
ATOM   161  N N   . ARG A 1 19  ? 10.927  -5.290  5.359   1.00 10.02 ? 118  ARG A N   1 
ATOM   162  C CA  . ARG A 1 19  ? 10.704  -6.738  5.354   1.00 11.03 ? 118  ARG A CA  1 
ATOM   163  C C   . ARG A 1 19  ? 10.330  -7.268  6.724   1.00 10.83 ? 118  ARG A C   1 
ATOM   164  O O   . ARG A 1 19  ? 11.047  -8.079  7.332   1.00 11.07 ? 118  ARG A O   1 
ATOM   165  C CB  . ARG A 1 19  ? 11.877  -7.507  4.750   1.00 12.16 ? 118  ARG A CB  1 
ATOM   166  C CG  . ARG A 1 19  ? 11.581  -7.907  3.321   1.00 14.95 ? 118  ARG A CG  1 
ATOM   167  C CD  . ARG A 1 19  ? 12.612  -8.845  2.758   1.00 18.42 ? 118  ARG A CD  1 
ATOM   168  N NE  . ARG A 1 19  ? 13.810  -8.128  2.335   1.00 19.85 ? 118  ARG A NE  1 
ATOM   169  C CZ  . ARG A 1 19  ? 14.782  -8.659  1.595   1.00 20.47 ? 118  ARG A CZ  1 
ATOM   170  N NH1 . ARG A 1 19  ? 14.700  -9.916  1.173   1.00 20.87 ? 118  ARG A NH1 1 
ATOM   171  N NH2 . ARG A 1 19  ? 15.835  -7.925  1.281   1.00 20.56 ? 118  ARG A NH2 1 
ATOM   172  N N   . HIS A 1 20  ? 9.166   -6.814  7.165   1.00 9.91  ? 119  HIS A N   1 
ATOM   173  C CA  . HIS A 1 20  ? 8.515   -7.298  8.361   1.00 10.13 ? 119  HIS A CA  1 
ATOM   174  C C   . HIS A 1 20  ? 7.259   -7.996  7.894   1.00 9.27  ? 119  HIS A C   1 
ATOM   175  O O   . HIS A 1 20  ? 6.410   -7.379  7.237   1.00 9.59  ? 119  HIS A O   1 
ATOM   176  C CB  . HIS A 1 20  ? 8.168   -6.138  9.279   1.00 10.73 ? 119  HIS A CB  1 
ATOM   177  C CG  . HIS A 1 20  ? 9.368   -5.467  9.854   1.00 13.21 ? 119  HIS A CG  1 
ATOM   178  N ND1 . HIS A 1 20  ? 9.613   -5.425  11.206  1.00 15.58 ? 119  HIS A ND1 1 
ATOM   179  C CD2 . HIS A 1 20  ? 10.413  -4.841  9.258   1.00 14.61 ? 119  HIS A CD2 1 
ATOM   180  C CE1 . HIS A 1 20  ? 10.746  -4.781  11.421  1.00 14.59 ? 119  HIS A CE1 1 
ATOM   181  N NE2 . HIS A 1 20  ? 11.252  -4.417  10.256  1.00 14.34 ? 119  HIS A NE2 1 
ATOM   182  N N   . ASN A 1 21  ? 7.164   -9.281  8.216   1.00 9.22  ? 120  ASN A N   1 
ATOM   183  C CA  . ASN A 1 21  ? 6.047   -10.122 7.775   1.00 8.87  ? 120  ASN A CA  1 
ATOM   184  C C   . ASN A 1 21  ? 4.903   -9.991  8.772   1.00 8.68  ? 120  ASN A C   1 
ATOM   185  O O   . ASN A 1 21  ? 4.922   -10.609 9.852   1.00 9.40  ? 120  ASN A O   1 
ATOM   186  C CB  . ASN A 1 21  ? 6.497   -11.585 7.636   1.00 8.73  ? 120  ASN A CB  1 
ATOM   187  C CG  . ASN A 1 21  ? 5.537   -12.399 6.819   1.00 11.77 ? 120  ASN A CG  1 
ATOM   188  O OD1 . ASN A 1 21  ? 5.045   -11.944 5.773   1.00 12.74 ? 120  ASN A OD1 1 
ATOM   189  N ND2 . ASN A 1 21  ? 5.268   -13.618 7.271   1.00 13.27 ? 120  ASN A ND2 1 
ATOM   190  N N   . LEU A 1 22  ? 3.919   -9.159  8.421   1.00 7.48  ? 121  LEU A N   1 
ATOM   191  C CA  . LEU A 1 22  ? 2.887   -8.743  9.369   1.00 7.76  ? 121  LEU A CA  1 
ATOM   192  C C   . LEU A 1 22  ? 1.510   -8.768  8.737   1.00 7.39  ? 121  LEU A C   1 
ATOM   193  O O   . LEU A 1 22  ? 1.386   -8.756  7.517   1.00 7.62  ? 121  LEU A O   1 
ATOM   194  C CB  . LEU A 1 22  ? 3.172   -7.320  9.852   1.00 7.38  ? 121  LEU A CB  1 
ATOM   195  C CG  . LEU A 1 22  ? 4.487   -7.052  10.596  1.00 7.90  ? 121  LEU A CG  1 
ATOM   196  C CD1 . LEU A 1 22  ? 4.713   -5.563  10.818  1.00 9.70  ? 121  LEU A CD1 1 
ATOM   197  C CD2 . LEU A 1 22  ? 4.476   -7.780  11.911  1.00 9.39  ? 121  LEU A CD2 1 
ATOM   198  N N   . THR A 1 23  ? 0.477   -8.782  9.574   1.00 6.75  ? 122  THR A N   1 
ATOM   199  C CA  . THR A 1 23  ? -0.899  -8.634  9.068   1.00 6.78  ? 122  THR A CA  1 
ATOM   200  C C   . THR A 1 23  ? -1.086  -7.209  8.543   1.00 6.73  ? 122  THR A C   1 
ATOM   201  O O   . THR A 1 23  ? -0.245  -6.329  8.776   1.00 7.08  ? 122  THR A O   1 
ATOM   202  C CB  . THR A 1 23  ? -1.942  -8.883  10.169  1.00 6.90  ? 122  THR A CB  1 
ATOM   203  O OG1 . THR A 1 23  ? -1.850  -7.827  11.136  1.00 7.62  ? 122  THR A OG1 1 
ATOM   204  C CG2 . THR A 1 23  ? -1.727  -10.262 10.822  1.00 8.15  ? 122  THR A CG2 1 
ATOM   205  N N   . TRP A 1 24  ? -2.200  -6.945  7.863   1.00 6.75  ? 123  TRP A N   1 
ATOM   206  C CA  . TRP A 1 24  ? -2.415  -5.595  7.358   1.00 6.37  ? 123  TRP A CA  1 
ATOM   207  C C   . TRP A 1 24  ? -2.486  -4.580  8.506   1.00 6.69  ? 123  TRP A C   1 
ATOM   208  O O   . TRP A 1 24  ? -1.842  -3.540  8.450   1.00 6.07  ? 123  TRP A O   1 
ATOM   209  C CB  . TRP A 1 24  ? -3.665  -5.528  6.471   1.00 6.47  ? 123  TRP A CB  1 
ATOM   210  C CG  . TRP A 1 24  ? -3.837  -4.211  5.775   1.00 5.90  ? 123  TRP A CG  1 
ATOM   211  C CD1 . TRP A 1 24  ? -3.389  -3.874  4.526   1.00 5.93  ? 123  TRP A CD1 1 
ATOM   212  C CD2 . TRP A 1 24  ? -4.536  -3.055  6.272   1.00 5.57  ? 123  TRP A CD2 1 
ATOM   213  N NE1 . TRP A 1 24  ? -3.750  -2.578  4.224   1.00 5.32  ? 123  TRP A NE1 1 
ATOM   214  C CE2 . TRP A 1 24  ? -4.462  -2.054  5.273   1.00 5.88  ? 123  TRP A CE2 1 
ATOM   215  C CE3 . TRP A 1 24  ? -5.210  -2.767  7.472   1.00 7.70  ? 123  TRP A CE3 1 
ATOM   216  C CZ2 . TRP A 1 24  ? -5.031  -0.787  5.439   1.00 6.56  ? 123  TRP A CZ2 1 
ATOM   217  C CZ3 . TRP A 1 24  ? -5.777  -1.520  7.634   1.00 6.69  ? 123  TRP A CZ3 1 
ATOM   218  C CH2 . TRP A 1 24  ? -5.688  -0.537  6.622   1.00 7.40  ? 123  TRP A CH2 1 
ATOM   219  N N   . GLU A 1 25  ? -3.231  -4.908  9.561   1.00 7.65  ? 124  GLU A N   1 
ATOM   220  C CA  . GLU A 1 25  ? -3.367  -3.989  10.698  1.00 8.94  ? 124  GLU A CA  1 
ATOM   221  C C   . GLU A 1 25  ? -2.005  -3.787  11.389  1.00 8.25  ? 124  GLU A C   1 
ATOM   222  O O   . GLU A 1 25  ? -1.667  -2.668  11.803  1.00 7.91  ? 124  GLU A O   1 
ATOM   223  C CB  . GLU A 1 25  ? -4.406  -4.501  11.712  1.00 9.51  ? 124  GLU A CB  1 
ATOM   224  C CG  A GLU A 1 25  ? -4.984  -3.427  12.635  0.50 12.01 ? 124  GLU A CG  1 
ATOM   225  C CG  B GLU A 1 25  ? -4.596  -3.571  12.925  0.50 11.54 ? 124  GLU A CG  1 
ATOM   226  C CD  A GLU A 1 25  ? -5.808  -2.380  11.892  0.50 12.90 ? 124  GLU A CD  1 
ATOM   227  C CD  B GLU A 1 25  ? -5.516  -4.126  13.996  0.50 12.34 ? 124  GLU A CD  1 
ATOM   228  O OE1 A GLU A 1 25  ? -5.753  -1.203  12.287  0.50 16.82 ? 124  GLU A OE1 1 
ATOM   229  O OE1 B GLU A 1 25  ? -6.579  -3.511  14.246  0.50 16.74 ? 124  GLU A OE1 1 
ATOM   230  O OE2 A GLU A 1 25  ? -6.516  -2.739  10.930  0.50 16.53 ? 124  GLU A OE2 1 
ATOM   231  O OE2 B GLU A 1 25  ? -5.175  -5.162  14.614  0.50 17.42 ? 124  GLU A OE2 1 
ATOM   232  N N   . GLU A 1 26  ? -1.240  -4.870  11.521  1.00 7.39  ? 125  GLU A N   1 
ATOM   233  C CA  . GLU A 1 26  ? 0.094   -4.764  12.122  1.00 7.35  ? 125  GLU A CA  1 
ATOM   234  C C   . GLU A 1 26  ? 1.009   -3.894  11.274  1.00 7.10  ? 125  GLU A C   1 
ATOM   235  O O   . GLU A 1 26  ? 1.854   -3.156  11.806  1.00 7.85  ? 125  GLU A O   1 
ATOM   236  C CB  . GLU A 1 26  ? 0.715   -6.132  12.286  1.00 7.69  ? 125  GLU A CB  1 
ATOM   237  C CG  . GLU A 1 26  ? 0.138   -6.883  13.469  1.00 8.47  ? 125  GLU A CG  1 
ATOM   238  C CD  . GLU A 1 26  ? 0.502   -8.355  13.475  1.00 12.94 ? 125  GLU A CD  1 
ATOM   239  O OE1 . GLU A 1 26  ? 1.123   -8.872  12.501  1.00 9.47  ? 125  GLU A OE1 1 
ATOM   240  O OE2 . GLU A 1 26  ? 0.133   -9.002  14.485  1.00 15.43 ? 125  GLU A OE2 1 
ATOM   241  N N   . SER A 1 27  ? 0.837   -3.983  9.956   1.00 6.69  ? 126  SER A N   1 
ATOM   242  C CA  . SER A 1 27  ? 1.621   -3.182  9.015   1.00 6.05  ? 126  SER A CA  1 
ATOM   243  C C   . SER A 1 27  ? 1.244   -1.692  9.127   1.00 6.12  ? 126  SER A C   1 
ATOM   244  O O   . SER A 1 27  ? 2.113   -0.816  9.097   1.00 6.77  ? 126  SER A O   1 
ATOM   245  C CB  . SER A 1 27  ? 1.427   -3.712  7.579   1.00 5.49  ? 126  SER A CB  1 
ATOM   246  O OG  . SER A 1 27  ? 2.016   -5.005  7.439   1.00 6.53  ? 126  SER A OG  1 
ATOM   247  N N   . LYS A 1 28  ? -0.053  -1.417  9.250   1.00 6.51  ? 127  LYS A N   1 
ATOM   248  C CA  . LYS A 1 28  ? -0.520  -0.063  9.495   1.00 6.72  ? 127  LYS A CA  1 
ATOM   249  C C   . LYS A 1 28  ? 0.150   0.506   10.750  1.00 7.27  ? 127  LYS A C   1 
ATOM   250  O O   . LYS A 1 28  ? 0.616   1.658   10.752  1.00 7.47  ? 127  LYS A O   1 
ATOM   251  C CB  . LYS A 1 28  ? -2.044  -0.062  9.638   1.00 7.25  ? 127  LYS A CB  1 
ATOM   252  C CG  . LYS A 1 28  ? -2.607  1.259   10.076  1.00 8.86  ? 127  LYS A CG  1 
ATOM   253  C CD  . LYS A 1 28  ? -4.106  1.272   9.873   1.00 12.26 ? 127  LYS A CD  1 
ATOM   254  C CE  . LYS A 1 28  ? -4.719  2.612   10.239  1.00 16.38 ? 127  LYS A CE  1 
ATOM   255  N NZ  . LYS A 1 28  ? -5.910  2.861   9.351   1.00 20.42 ? 127  LYS A NZ  1 
ATOM   256  N N   . GLN A 1 29  ? 0.187   -0.308  11.802  1.00 7.40  ? 128  GLN A N   1 
ATOM   257  C CA  . GLN A 1 29  ? 0.808   0.086   13.056  1.00 7.72  ? 128  GLN A CA  1 
ATOM   258  C C   . GLN A 1 29  ? 2.298   0.329   12.872  1.00 7.58  ? 128  GLN A C   1 
ATOM   259  O O   . GLN A 1 29  ? 2.841   1.297   13.414  1.00 7.46  ? 128  GLN A O   1 
ATOM   260  C CB  . GLN A 1 29  ? 0.554   -0.957  14.140  1.00 8.68  ? 128  GLN A CB  1 
ATOM   261  C CG  . GLN A 1 29  ? 1.043   -0.507  15.531  1.00 11.22 ? 128  GLN A CG  1 
ATOM   262  C CD  . GLN A 1 29  ? 0.345   0.766   16.026  1.00 14.94 ? 128  GLN A CD  1 
ATOM   263  O OE1 . GLN A 1 29  ? -0.883  0.847   16.033  1.00 17.70 ? 128  GLN A OE1 1 
ATOM   264  N NE2 . GLN A 1 29  ? 1.128   1.770   16.424  1.00 15.06 ? 128  GLN A NE2 1 
ATOM   265  N N   . TYR A 1 30  ? 2.942   -0.522  12.077  1.00 7.65  ? 129  TYR A N   1 
ATOM   266  C CA  . TYR A 1 30  ? 4.368   -0.371  11.832  1.00 7.79  ? 129  TYR A CA  1 
ATOM   267  C C   . TYR A 1 30  ? 4.636   0.996   11.196  1.00 7.17  ? 129  TYR A C   1 
ATOM   268  O O   . TYR A 1 30  ? 5.560   1.710   11.589  1.00 7.65  ? 129  TYR A O   1 
ATOM   269  C CB  . TYR A 1 30  ? 4.920   -1.490  10.945  1.00 8.64  ? 129  TYR A CB  1 
ATOM   270  C CG  . TYR A 1 30  ? 6.426   -1.550  10.983  1.00 10.02 ? 129  TYR A CG  1 
ATOM   271  C CD1 . TYR A 1 30  ? 7.064   -2.328  11.942  1.00 11.87 ? 129  TYR A CD1 1 
ATOM   272  C CD2 . TYR A 1 30  ? 7.206   -0.849  10.072  1.00 11.79 ? 129  TYR A CD2 1 
ATOM   273  C CE1 . TYR A 1 30  ? 8.445   -2.400  12.013  1.00 14.06 ? 129  TYR A CE1 1 
ATOM   274  C CE2 . TYR A 1 30  ? 8.602   -0.900  10.141  1.00 12.28 ? 129  TYR A CE2 1 
ATOM   275  C CZ  . TYR A 1 30  ? 9.205   -1.689  11.118  1.00 12.15 ? 129  TYR A CZ  1 
ATOM   276  O OH  . TYR A 1 30  ? 10.581  -1.777  11.226  1.00 14.51 ? 129  TYR A OH  1 
ATOM   277  N N   . CYS A 1 31  ? 3.842   1.354   10.194  1.00 6.76  ? 130  CYS A N   1 
ATOM   278  C CA  . CYS A 1 31  ? 4.012   2.657   9.544   1.00 6.83  ? 130  CYS A CA  1 
ATOM   279  C C   . CYS A 1 31  ? 3.746   3.813   10.526  1.00 6.75  ? 130  CYS A C   1 
ATOM   280  O O   . CYS A 1 31  ? 4.501   4.787   10.583  1.00 6.37  ? 130  CYS A O   1 
ATOM   281  C CB  . CYS A 1 31  ? 3.118   2.783   8.308   1.00 7.45  ? 130  CYS A CB  1 
ATOM   282  S SG  . CYS A 1 31  ? 3.561   1.681   6.942   1.00 8.15  ? 130  CYS A SG  1 
ATOM   283  N N   . THR A 1 32  ? 2.690   3.673   11.323  1.00 6.97  ? 131  THR A N   1 
ATOM   284  C CA  . THR A 1 32  ? 2.355   4.659   12.360  1.00 7.84  ? 131  THR A CA  1 
ATOM   285  C C   . THR A 1 32  ? 3.537   4.872   13.303  1.00 7.34  ? 131  THR A C   1 
ATOM   286  O O   . THR A 1 32  ? 3.825   6.000   13.700  1.00 6.84  ? 131  THR A O   1 
ATOM   287  C CB  . THR A 1 32  ? 1.102   4.222   13.143  1.00 8.12  ? 131  THR A CB  1 
ATOM   288  O OG1 . THR A 1 32  ? -0.033  4.301   12.275  1.00 9.11  ? 131  THR A OG1 1 
ATOM   289  C CG2 . THR A 1 32  ? 0.857   5.118   14.383  1.00 8.67  ? 131  THR A CG2 1 
ATOM   290  N N   . ASP A 1 33  ? 4.227   3.788   13.650  1.00 8.22  ? 132  ASP A N   1 
ATOM   291  C CA  . ASP A 1 33  ? 5.377   3.887   14.566  1.00 8.75  ? 132  ASP A CA  1 
ATOM   292  C C   . ASP A 1 33  ? 6.534   4.677   13.964  1.00 9.22  ? 132  ASP A C   1 
ATOM   293  O O   . ASP A 1 33  ? 7.420   5.144   14.695  1.00 10.40 ? 132  ASP A O   1 
ATOM   294  C CB  . ASP A 1 33  ? 5.868   2.509   15.001  1.00 8.90  ? 132  ASP A CB  1 
ATOM   295  C CG  . ASP A 1 33  ? 4.871   1.765   15.899  1.00 10.85 ? 132  ASP A CG  1 
ATOM   296  O OD1 . ASP A 1 33  ? 3.905   2.378   16.415  1.00 13.56 ? 132  ASP A OD1 1 
ATOM   297  O OD2 . ASP A 1 33  ? 5.077   0.546   16.093  1.00 16.33 ? 132  ASP A OD2 1 
ATOM   298  N N   . MET A 1 34  ? 6.527   4.821   12.640  1.00 8.64  ? 133  MET A N   1 
ATOM   299  C CA  . MET A 1 34  ? 7.542   5.628   11.952  1.00 10.02 ? 133  MET A CA  1 
ATOM   300  C C   . MET A 1 34  ? 6.991   6.964   11.436  1.00 8.68  ? 133  MET A C   1 
ATOM   301  O O   . MET A 1 34  ? 7.579   7.614   10.558  1.00 8.41  ? 133  MET A O   1 
ATOM   302  C CB  . MET A 1 34  ? 8.194   4.811   10.833  1.00 9.97  ? 133  MET A CB  1 
ATOM   303  C CG  . MET A 1 34  ? 9.059   3.670   11.371  1.00 12.82 ? 133  MET A CG  1 
ATOM   304  S SD  . MET A 1 34  ? 9.701   2.697   10.014  1.00 16.63 ? 133  MET A SD  1 
ATOM   305  C CE  . MET A 1 34  ? 8.195   2.330   9.115   1.00 17.66 ? 133  MET A CE  1 
ATOM   306  N N   . ASN A 1 35  ? 5.856   7.380   12.000  1.00 7.15  ? 134  ASN A N   1 
ATOM   307  C CA  . ASN A 1 35  ? 5.213   8.630   11.597  1.00 6.88  ? 134  ASN A CA  1 
ATOM   308  C C   . ASN A 1 35  ? 4.880   8.638   10.106  1.00 6.34  ? 134  ASN A C   1 
ATOM   309  O O   . ASN A 1 35  ? 4.975   9.660   9.435   1.00 7.16  ? 134  ASN A O   1 
ATOM   310  C CB  . ASN A 1 35  ? 6.070   9.846   11.975  1.00 6.59  ? 134  ASN A CB  1 
ATOM   311  C CG  . ASN A 1 35  ? 6.141   10.062  13.476  1.00 6.62  ? 134  ASN A CG  1 
ATOM   312  O OD1 . ASN A 1 35  ? 5.460   9.380   14.259  1.00 7.34  ? 134  ASN A OD1 1 
ATOM   313  N ND2 . ASN A 1 35  ? 6.963   11.042  13.885  1.00 8.28  ? 134  ASN A ND2 1 
ATOM   314  N N   . ALA A 1 36  ? 4.459   7.473   9.614   1.00 6.51  ? 135  ALA A N   1 
ATOM   315  C CA  . ALA A 1 36  ? 4.193   7.282   8.195   1.00 6.39  ? 135  ALA A CA  1 
ATOM   316  C C   . ALA A 1 36  ? 2.831   6.607   7.998   1.00 6.63  ? 135  ALA A C   1 
ATOM   317  O O   . ALA A 1 36  ? 2.089   6.374   8.966   1.00 6.90  ? 135  ALA A O   1 
ATOM   318  C CB  . ALA A 1 36  ? 5.302   6.443   7.569   1.00 6.74  ? 135  ALA A CB  1 
ATOM   319  N N   . THR A 1 37  ? 2.531   6.275   6.746   1.00 6.90  ? 136  THR A N   1 
ATOM   320  C CA  . THR A 1 37  ? 1.243   5.692   6.381   1.00 7.48  ? 136  THR A CA  1 
ATOM   321  C C   . THR A 1 37  ? 1.497   4.602   5.346   1.00 6.92  ? 136  THR A C   1 
ATOM   322  O O   . THR A 1 37  ? 2.468   4.690   4.570   1.00 7.54  ? 136  THR A O   1 
ATOM   323  C CB  . THR A 1 37  ? 0.322   6.783   5.775   1.00 8.15  ? 136  THR A CB  1 
ATOM   324  O OG1 . THR A 1 37  ? 0.278   7.923   6.656   1.00 11.59 ? 136  THR A OG1 1 
ATOM   325  C CG2 . THR A 1 37  ? -1.076  6.263   5.568   1.00 10.68 ? 136  THR A CG2 1 
ATOM   326  N N   . LEU A 1 38  ? 0.629   3.589   5.307   1.00 6.19  ? 137  LEU A N   1 
ATOM   327  C CA  . LEU A 1 38  ? 0.712   2.624   4.212   1.00 5.89  ? 137  LEU A CA  1 
ATOM   328  C C   . LEU A 1 38  ? 0.534   3.350   2.869   1.00 6.00  ? 137  LEU A C   1 
ATOM   329  O O   . LEU A 1 38  ? -0.160  4.363   2.785   1.00 6.55  ? 137  LEU A O   1 
ATOM   330  C CB  . LEU A 1 38  ? -0.320  1.511   4.378   1.00 5.81  ? 137  LEU A CB  1 
ATOM   331  C CG  . LEU A 1 38  ? -0.088  0.511   5.518   1.00 5.62  ? 137  LEU A CG  1 
ATOM   332  C CD1 . LEU A 1 38  ? -1.336  -0.312  5.799   1.00 7.57  ? 137  LEU A CD1 1 
ATOM   333  C CD2 . LEU A 1 38  ? 1.086   -0.406  5.174   1.00 7.69  ? 137  LEU A CD2 1 
ATOM   334  N N   . LEU A 1 39  ? 1.182   2.820   1.827   1.00 6.88  ? 138  LEU A N   1 
ATOM   335  C CA  . LEU A 1 39  ? 1.255   3.480   0.528   1.00 7.58  ? 138  LEU A CA  1 
ATOM   336  C C   . LEU A 1 39  ? -0.076  3.748   -0.150  1.00 7.63  ? 138  LEU A C   1 
ATOM   337  O O   . LEU A 1 39  ? -0.986  2.932   -0.081  1.00 7.75  ? 138  LEU A O   1 
ATOM   338  C CB  . LEU A 1 39  ? 2.114   2.614   -0.411  1.00 8.64  ? 138  LEU A CB  1 
ATOM   339  C CG  A LEU A 1 39  ? 3.500   3.171   -0.652  0.80 10.30 ? 138  LEU A CG  1 
ATOM   340  C CG  B LEU A 1 39  ? 2.332   2.911   -1.897  0.20 7.24  ? 138  LEU A CG  1 
ATOM   341  C CD1 A LEU A 1 39  ? 4.344   3.050   0.581   0.80 12.67 ? 138  LEU A CD1 1 
ATOM   342  C CD1 B LEU A 1 39  ? 3.034   4.232   -2.114  0.20 6.28  ? 138  LEU A CD1 1 
ATOM   343  C CD2 A LEU A 1 39  ? 4.147   2.433   -1.781  0.80 12.37 ? 138  LEU A CD2 1 
ATOM   344  C CD2 B LEU A 1 39  ? 3.128   1.786   -2.527  0.20 7.47  ? 138  LEU A CD2 1 
ATOM   345  N N   . LYS A 1 40  ? -0.156  4.907   -0.800  1.00 7.64  ? 139  LYS A N   1 
ATOM   346  C CA  . LYS A 1 40  ? -1.207  5.211   -1.772  1.00 7.78  ? 139  LYS A CA  1 
ATOM   347  C C   . LYS A 1 40  ? -0.582  5.175   -3.156  1.00 8.50  ? 139  LYS A C   1 
ATOM   348  O O   . LYS A 1 40  ? 0.490   5.743   -3.370  1.00 8.57  ? 139  LYS A O   1 
ATOM   349  C CB  . LYS A 1 40  ? -1.801  6.596   -1.497  1.00 7.99  ? 139  LYS A CB  1 
ATOM   350  C CG  . LYS A 1 40  ? -2.895  7.025   -2.446  1.00 7.04  ? 139  LYS A CG  1 
ATOM   351  C CD  . LYS A 1 40  ? -3.520  8.349   -2.001  1.00 8.30  ? 139  LYS A CD  1 
ATOM   352  C CE  . LYS A 1 40  ? -4.622  8.799   -2.961  1.00 8.91  ? 139  LYS A CE  1 
ATOM   353  N NZ  . LYS A 1 40  ? -5.210  10.120  -2.553  1.00 10.32 ? 139  LYS A NZ  1 
ATOM   354  N N   . ILE A 1 41  ? -1.254  4.506   -4.090  1.00 8.98  ? 140  ILE A N   1 
ATOM   355  C CA  . ILE A 1 41  ? -0.799  4.408   -5.480  1.00 10.65 ? 140  ILE A CA  1 
ATOM   356  C C   . ILE A 1 41  ? -1.883  5.026   -6.347  1.00 10.88 ? 140  ILE A C   1 
ATOM   357  O O   . ILE A 1 41  ? -2.938  4.422   -6.536  1.00 12.57 ? 140  ILE A O   1 
ATOM   358  C CB  . ILE A 1 41  ? -0.611  2.940   -5.901  1.00 11.34 ? 140  ILE A CB  1 
ATOM   359  C CG1 . ILE A 1 41  ? 0.297   2.199   -4.925  1.00 13.07 ? 140  ILE A CG1 1 
ATOM   360  C CG2 . ILE A 1 41  ? -0.019  2.867   -7.317  1.00 11.46 ? 140  ILE A CG2 1 
ATOM   361  C CD1 . ILE A 1 41  ? 0.461   0.736   -5.255  1.00 16.23 ? 140  ILE A CD1 1 
ATOM   362  N N   . ASP A 1 42  ? -1.647  6.223   -6.875  1.00 11.28 ? 141  ASP A N   1 
ATOM   363  C CA  . ASP A 1 42  ? -2.747  6.918   -7.555  1.00 11.37 ? 141  ASP A CA  1 
ATOM   364  C C   . ASP A 1 42  ? -2.525  7.143   -9.045  1.00 10.70 ? 141  ASP A C   1 
ATOM   365  O O   . ASP A 1 42  ? -3.335  7.788   -9.700  1.00 10.78 ? 141  ASP A O   1 
ATOM   366  C CB  A ASP A 1 42  ? -3.110  8.238   -6.841  0.70 11.89 ? 141  ASP A CB  1 
ATOM   367  C CB  B ASP A 1 42  ? -3.067  8.245   -6.854  0.30 11.83 ? 141  ASP A CB  1 
ATOM   368  C CG  A ASP A 1 42  ? -4.466  8.811   -7.286  0.70 11.91 ? 141  ASP A CG  1 
ATOM   369  C CG  B ASP A 1 42  ? -1.920  9.239   -6.918  0.30 12.71 ? 141  ASP A CG  1 
ATOM   370  O OD1 A ASP A 1 42  ? -5.411  8.026   -7.568  0.70 11.72 ? 141  ASP A OD1 1 
ATOM   371  O OD1 B ASP A 1 42  ? -1.006  9.078   -7.755  0.30 15.18 ? 141  ASP A OD1 1 
ATOM   372  O OD2 A ASP A 1 42  ? -4.589  10.057  -7.356  0.70 14.84 ? 141  ASP A OD2 1 
ATOM   373  O OD2 B ASP A 1 42  ? -1.932  10.197  -6.122  0.30 14.46 ? 141  ASP A OD2 1 
ATOM   374  N N   . ASN A 1 43  ? -1.427  6.627   -9.586  1.00 8.68  ? 142  ASN A N   1 
ATOM   375  C CA  . ASN A 1 43  ? -1.295  6.607   -11.035 1.00 8.37  ? 142  ASN A CA  1 
ATOM   376  C C   . ASN A 1 43  ? -0.362  5.498   -11.518 1.00 7.30  ? 142  ASN A C   1 
ATOM   377  O O   . ASN A 1 43  ? 0.280   4.805   -10.722 1.00 7.09  ? 142  ASN A O   1 
ATOM   378  C CB  . ASN A 1 43  ? -0.917  7.985   -11.604 1.00 8.72  ? 142  ASN A CB  1 
ATOM   379  C CG  . ASN A 1 43  ? 0.481   8.432   -11.202 1.00 10.31 ? 142  ASN A CG  1 
ATOM   380  O OD1 . ASN A 1 43  ? 1.413   7.631   -11.139 1.00 10.44 ? 142  ASN A OD1 1 
ATOM   381  N ND2 . ASN A 1 43  ? 0.639   9.730   -10.963 1.00 11.88 ? 142  ASN A ND2 1 
ATOM   382  N N   . ARG A 1 44  ? -0.337  5.310   -12.834 1.00 6.68  ? 143  ARG A N   1 
ATOM   383  C CA  . ARG A 1 44  ? 0.502   4.302   -13.459 1.00 7.31  ? 143  ARG A CA  1 
ATOM   384  C C   . ARG A 1 44  ? 1.994   4.541   -13.212 1.00 7.82  ? 143  ARG A C   1 
ATOM   385  O O   . ARG A 1 44  ? 2.763   3.587   -13.029 1.00 6.73  ? 143  ARG A O   1 
ATOM   386  C CB  . ARG A 1 44  ? 0.224   4.295   -14.961 1.00 7.90  ? 143  ARG A CB  1 
ATOM   387  C CG  . ARG A 1 44  ? 1.206   3.470   -15.785 1.00 8.28  ? 143  ARG A CG  1 
ATOM   388  C CD  . ARG A 1 44  ? 0.947   3.723   -17.252 1.00 13.33 ? 143  ARG A CD  1 
ATOM   389  N NE  . ARG A 1 44  ? 2.089   3.360   -18.077 1.00 15.76 ? 143  ARG A NE  1 
ATOM   390  C CZ  . ARG A 1 44  ? 2.195   3.665   -19.365 1.00 16.66 ? 143  ARG A CZ  1 
ATOM   391  N NH1 . ARG A 1 44  ? 1.224   4.356   -19.963 1.00 15.60 ? 143  ARG A NH1 1 
ATOM   392  N NH2 . ARG A 1 44  ? 3.282   3.299   -20.043 1.00 17.52 ? 143  ARG A NH2 1 
ATOM   393  N N   . ASN A 1 45  ? 2.401   5.805   -13.210 1.00 8.06  ? 144  ASN A N   1 
ATOM   394  C CA  . ASN A 1 45  ? 3.807   6.104   -12.985 1.00 9.16  ? 144  ASN A CA  1 
ATOM   395  C C   . ASN A 1 45  ? 4.293   5.624   -11.614 1.00 8.31  ? 144  ASN A C   1 
ATOM   396  O O   . ASN A 1 45  ? 5.396   5.061   -11.502 1.00 8.63  ? 144  ASN A O   1 
ATOM   397  C CB  . ASN A 1 45  ? 4.094   7.582   -13.184 1.00 10.80 ? 144  ASN A CB  1 
ATOM   398  C CG  . ASN A 1 45  ? 5.563   7.847   -13.409 1.00 13.84 ? 144  ASN A CG  1 
ATOM   399  O OD1 . ASN A 1 45  ? 6.223   8.404   -12.555 1.00 18.75 ? 144  ASN A OD1 1 
ATOM   400  N ND2 . ASN A 1 45  ? 6.087   7.403   -14.549 1.00 18.97 ? 144  ASN A ND2 1 
ATOM   401  N N   . ILE A 1 46  ? 3.458   5.791   -10.589 1.00 7.61  ? 145  ILE A N   1 
ATOM   402  C CA  . ILE A 1 46  ? 3.814   5.275   -9.257  1.00 7.52  ? 145  ILE A CA  1 
ATOM   403  C C   . ILE A 1 46  ? 3.783   3.733   -9.225  1.00 6.35  ? 145  ILE A C   1 
ATOM   404  O O   . ILE A 1 46  ? 4.642   3.111   -8.604  1.00 6.56  ? 145  ILE A O   1 
ATOM   405  C CB  . ILE A 1 46  ? 2.978   5.921   -8.091  1.00 7.88  ? 145  ILE A CB  1 
ATOM   406  C CG1 A ILE A 1 46  ? 3.404   5.354   -6.735  0.50 8.60  ? 145  ILE A CG1 1 
ATOM   407  C CG1 B ILE A 1 46  ? 3.096   7.449   -8.110  0.50 8.08  ? 145  ILE A CG1 1 
ATOM   408  C CG2 A ILE A 1 46  ? 1.516   5.703   -8.284  0.50 8.88  ? 145  ILE A CG2 1 
ATOM   409  C CG2 B ILE A 1 46  ? 3.390   5.341   -6.735  0.50 7.79  ? 145  ILE A CG2 1 
ATOM   410  C CD1 A ILE A 1 46  ? 4.831   5.637   -6.380  0.50 11.38 ? 145  ILE A CD1 1 
ATOM   411  C CD1 B ILE A 1 46  ? 4.509   7.992   -8.107  0.50 11.06 ? 145  ILE A CD1 1 
ATOM   412  N N   . VAL A 1 47  ? 2.797   3.111   -9.880  1.00 6.22  ? 146  VAL A N   1 
ATOM   413  C CA  . VAL A 1 47  ? 2.819   1.652   -10.063 1.00 5.65  ? 146  VAL A CA  1 
ATOM   414  C C   . VAL A 1 47  ? 4.183   1.179   -10.604 1.00 5.98  ? 146  VAL A C   1 
ATOM   415  O O   . VAL A 1 47  ? 4.788   0.253   -10.089 1.00 6.36  ? 146  VAL A O   1 
ATOM   416  C CB  . VAL A 1 47  ? 1.715   1.176   -11.055 1.00 5.82  ? 146  VAL A CB  1 
ATOM   417  C CG1 . VAL A 1 47  ? 1.918   -0.302  -11.444 1.00 5.86  ? 146  VAL A CG1 1 
ATOM   418  C CG2 . VAL A 1 47  ? 0.310   1.430   -10.481 1.00 5.32  ? 146  VAL A CG2 1 
ATOM   419  N N   . GLU A 1 48  ? 4.643   1.831   -11.660 1.00 5.84  ? 147  GLU A N   1 
ATOM   420  C CA  . GLU A 1 48  ? 5.896   1.471   -12.313 1.00 6.61  ? 147  GLU A CA  1 
ATOM   421  C C   . GLU A 1 48  ? 7.096   1.735   -11.413 1.00 6.20  ? 147  GLU A C   1 
ATOM   422  O O   . GLU A 1 48  ? 8.052   0.951   -11.383 1.00 6.92  ? 147  GLU A O   1 
ATOM   423  C CB  . GLU A 1 48  ? 6.025   2.262   -13.607 1.00 6.65  ? 147  GLU A CB  1 
ATOM   424  C CG  . GLU A 1 48  ? 5.008   1.812   -14.642 1.00 9.50  ? 147  GLU A CG  1 
ATOM   425  C CD  . GLU A 1 48  ? 4.955   2.731   -15.855 1.00 13.08 ? 147  GLU A CD  1 
ATOM   426  O OE1 . GLU A 1 48  ? 5.365   3.918   -15.759 1.00 16.11 ? 147  GLU A OE1 1 
ATOM   427  O OE2 . GLU A 1 48  ? 4.460   2.253   -16.891 1.00 18.17 ? 147  GLU A OE2 1 
ATOM   428  N N   . TYR A 1 49  ? 7.055   2.840   -10.678 1.00 6.71  ? 148  TYR A N   1 
ATOM   429  C CA  . TYR A 1 49  ? 8.149   3.144   -9.760  1.00 7.04  ? 148  TYR A CA  1 
ATOM   430  C C   . TYR A 1 49  ? 8.273   2.078   -8.677  1.00 6.93  ? 148  TYR A C   1 
ATOM   431  O O   . TYR A 1 49  ? 9.371   1.558   -8.406  1.00 7.33  ? 148  TYR A O   1 
ATOM   432  C CB  . TYR A 1 49  ? 7.970   4.516   -9.104  1.00 7.90  ? 148  TYR A CB  1 
ATOM   433  C CG  . TYR A 1 49  ? 9.062   4.808   -8.101  1.00 8.73  ? 148  TYR A CG  1 
ATOM   434  C CD1 . TYR A 1 49  ? 10.348  5.143   -8.523  1.00 9.07  ? 148  TYR A CD1 1 
ATOM   435  C CD2 . TYR A 1 49  ? 8.815   4.723   -6.740  1.00 9.90  ? 148  TYR A CD2 1 
ATOM   436  C CE1 . TYR A 1 49  ? 11.357  5.407   -7.612  1.00 10.44 ? 148  TYR A CE1 1 
ATOM   437  C CE2 . TYR A 1 49  ? 9.824   4.978   -5.822  1.00 10.33 ? 148  TYR A CE2 1 
ATOM   438  C CZ  . TYR A 1 49  ? 11.084  5.318   -6.270  1.00 11.29 ? 148  TYR A CZ  1 
ATOM   439  O OH  . TYR A 1 49  ? 12.097  5.576   -5.358  1.00 13.64 ? 148  TYR A OH  1 
ATOM   440  N N   . ILE A 1 50  ? 7.147   1.750   -8.050  1.00 6.31  ? 149  ILE A N   1 
ATOM   441  C CA  . ILE A 1 50  ? 7.177   0.799   -6.947  1.00 6.39  ? 149  ILE A CA  1 
ATOM   442  C C   . ILE A 1 50  ? 7.654   -0.568  -7.437  1.00 6.64  ? 149  ILE A C   1 
ATOM   443  O O   . ILE A 1 50  ? 8.494   -1.197  -6.793  1.00 7.46  ? 149  ILE A O   1 
ATOM   444  C CB  . ILE A 1 50  ? 5.806   0.703   -6.221  1.00 6.70  ? 149  ILE A CB  1 
ATOM   445  C CG1 . ILE A 1 50  ? 5.422   2.054   -5.604  1.00 7.65  ? 149  ILE A CG1 1 
ATOM   446  C CG2 . ILE A 1 50  ? 5.803   -0.408  -5.164  1.00 8.00  ? 149  ILE A CG2 1 
ATOM   447  C CD1 . ILE A 1 50  ? 6.364   2.586   -4.508  1.00 10.20 ? 149  ILE A CD1 1 
ATOM   448  N N   . LYS A 1 51  ? 7.160   -1.016  -8.591  1.00 6.39  ? 150  LYS A N   1 
ATOM   449  C CA  . LYS A 1 51  ? 7.575   -2.338  -9.065  1.00 7.05  ? 150  LYS A CA  1 
ATOM   450  C C   . LYS A 1 51  ? 9.049   -2.356  -9.489  1.00 6.59  ? 150  LYS A C   1 
ATOM   451  O O   . LYS A 1 51  ? 9.664   -3.415  -9.520  1.00 6.72  ? 150  LYS A O   1 
ATOM   452  C CB  . LYS A 1 51  ? 6.652   -2.884  -10.132 1.00 8.99  ? 150  LYS A CB  1 
ATOM   453  C CG  . LYS A 1 51  ? 6.767   -2.259  -11.475 1.00 10.78 ? 150  LYS A CG  1 
ATOM   454  C CD  . LYS A 1 51  ? 5.836   -2.997  -12.446 1.00 14.40 ? 150  LYS A CD  1 
ATOM   455  C CE  . LYS A 1 51  ? 5.943   -2.458  -13.842 1.00 15.36 ? 150  LYS A CE  1 
ATOM   456  N NZ  . LYS A 1 51  ? 7.245   -2.808  -14.481 1.00 14.42 ? 150  LYS A NZ  1 
ATOM   457  N N   . ALA A 1 52  ? 9.610   -1.180  -9.764  1.00 6.23  ? 151  ALA A N   1 
ATOM   458  C CA  . ALA A 1 52  ? 11.045  -1.067  -10.080 1.00 6.23  ? 151  ALA A CA  1 
ATOM   459  C C   . ALA A 1 52  ? 11.902  -0.970  -8.819  1.00 6.38  ? 151  ALA A C   1 
ATOM   460  O O   . ALA A 1 52  ? 13.146  -0.990  -8.899  1.00 7.05  ? 151  ALA A O   1 
ATOM   461  C CB  . ALA A 1 52  ? 11.309  0.117   -10.995 1.00 6.66  ? 151  ALA A CB  1 
ATOM   462  N N   . ARG A 1 53  ? 11.242  -0.852  -7.670  1.00 6.02  ? 152  ARG A N   1 
ATOM   463  C CA  . ARG A 1 53  ? 11.943  -0.718  -6.382  1.00 5.99  ? 152  ARG A CA  1 
ATOM   464  C C   . ARG A 1 53  ? 11.720  -1.889  -5.411  1.00 5.71  ? 152  ARG A C   1 
ATOM   465  O O   . ARG A 1 53  ? 12.322  -1.948  -4.342  1.00 5.25  ? 152  ARG A O   1 
ATOM   466  C CB  . ARG A 1 53  ? 11.599  0.617   -5.718  1.00 6.32  ? 152  ARG A CB  1 
ATOM   467  C CG  . ARG A 1 53  ? 12.188  1.809   -6.472  1.00 6.06  ? 152  ARG A CG  1 
ATOM   468  C CD  . ARG A 1 53  ? 13.688  1.923   -6.242  1.00 7.88  ? 152  ARG A CD  1 
ATOM   469  N NE  . ARG A 1 53  ? 14.309  2.915   -7.127  1.00 8.32  ? 152  ARG A NE  1 
ATOM   470  C CZ  . ARG A 1 53  ? 15.462  3.533   -6.879  1.00 8.35  ? 152  ARG A CZ  1 
ATOM   471  N NH1 . ARG A 1 53  ? 16.139  3.255   -5.771  1.00 7.03  ? 152  ARG A NH1 1 
ATOM   472  N NH2 . ARG A 1 53  ? 15.940  4.423   -7.751  1.00 7.72  ? 152  ARG A NH2 1 
ATOM   473  N N   . THR A 1 54  ? 10.831  -2.801  -5.780  1.00 5.95  ? 153  THR A N   1 
ATOM   474  C CA  . THR A 1 54  ? 10.605  -4.015  -5.003  1.00 6.10  ? 153  THR A CA  1 
ATOM   475  C C   . THR A 1 54  ? 9.929   -5.066  -5.855  1.00 6.37  ? 153  THR A C   1 
ATOM   476  O O   . THR A 1 54  ? 9.063   -4.732  -6.685  1.00 6.65  ? 153  THR A O   1 
ATOM   477  C CB  . THR A 1 54  ? 9.760   -3.769  -3.721  1.00 6.04  ? 153  THR A CB  1 
ATOM   478  O OG1 . THR A 1 54  ? 9.638   -5.009  -3.023  1.00 7.38  ? 153  THR A OG1 1 
ATOM   479  C CG2 . THR A 1 54  ? 8.343   -3.192  -4.030  1.00 6.88  ? 153  THR A CG2 1 
ATOM   480  N N   . HIS A 1 55  ? 10.323  -6.322  -5.675  1.00 6.64  ? 154  HIS A N   1 
ATOM   481  C CA  . HIS A 1 55  ? 9.628   -7.422  -6.362  1.00 7.03  ? 154  HIS A CA  1 
ATOM   482  C C   . HIS A 1 55  ? 9.181   -8.525  -5.401  1.00 7.48  ? 154  HIS A C   1 
ATOM   483  O O   . HIS A 1 55  ? 9.064   -9.696  -5.794  1.00 8.32  ? 154  HIS A O   1 
ATOM   484  C CB  . HIS A 1 55  ? 10.417  -7.977  -7.574  1.00 6.86  ? 154  HIS A CB  1 
ATOM   485  C CG  . HIS A 1 55  ? 11.849  -8.307  -7.286  1.00 7.37  ? 154  HIS A CG  1 
ATOM   486  N ND1 . HIS A 1 55  ? 12.235  -9.435  -6.589  1.00 8.05  ? 154  HIS A ND1 1 
ATOM   487  C CD2 . HIS A 1 55  ? 12.989  -7.642  -7.594  1.00 8.50  ? 154  HIS A CD2 1 
ATOM   488  C CE1 . HIS A 1 55  ? 13.555  -9.456  -6.497  1.00 7.72  ? 154  HIS A CE1 1 
ATOM   489  N NE2 . HIS A 1 55  ? 14.035  -8.384  -7.098  1.00 6.40  ? 154  HIS A NE2 1 
ATOM   490  N N   . LEU A 1 56  ? 8.936   -8.130  -4.146  1.00 7.38  ? 155  LEU A N   1 
ATOM   491  C CA  . LEU A 1 56  ? 8.266   -8.987  -3.178  1.00 7.14  ? 155  LEU A CA  1 
ATOM   492  C C   . LEU A 1 56  ? 6.855   -8.470  -2.898  1.00 6.96  ? 155  LEU A C   1 
ATOM   493  O O   . LEU A 1 56  ? 6.592   -7.263  -3.013  1.00 7.75  ? 155  LEU A O   1 
ATOM   494  C CB  . LEU A 1 56  ? 9.050   -9.027  -1.864  1.00 7.60  ? 155  LEU A CB  1 
ATOM   495  C CG  . LEU A 1 56  ? 10.487  -9.540  -1.949  1.00 9.25  ? 155  LEU A CG  1 
ATOM   496  C CD1 . LEU A 1 56  ? 11.105  -9.522  -0.562  1.00 12.07 ? 155  LEU A CD1 1 
ATOM   497  C CD2 . LEU A 1 56  ? 10.587  -10.935 -2.551  1.00 12.55 ? 155  LEU A CD2 1 
ATOM   498  N N   . ILE A 1 57  ? 5.953   -9.381  -2.545  1.00 6.45  ? 156  ILE A N   1 
ATOM   499  C CA  . ILE A 1 57  ? 4.598   -8.985  -2.163  1.00 6.13  ? 156  ILE A CA  1 
ATOM   500  C C   . ILE A 1 57  ? 4.652   -8.050  -0.945  1.00 5.93  ? 156  ILE A C   1 
ATOM   501  O O   . ILE A 1 57  ? 5.275   -8.384  0.060   1.00 5.92  ? 156  ILE A O   1 
ATOM   502  C CB  . ILE A 1 57  ? 3.724   -10.212 -1.823  1.00 5.91  ? 156  ILE A CB  1 
ATOM   503  C CG1 . ILE A 1 57  ? 3.488   -11.086 -3.069  1.00 6.80  ? 156  ILE A CG1 1 
ATOM   504  C CG2 . ILE A 1 57  ? 2.407   -9.735  -1.187  1.00 5.97  ? 156  ILE A CG2 1 
ATOM   505  C CD1 . ILE A 1 57  ? 2.852   -12.447 -2.751  1.00 6.71  ? 156  ILE A CD1 1 
ATOM   506  N N   . ARG A 1 58  ? 3.984   -6.900  -1.024  1.00 4.97  ? 157  ARG A N   1 
ATOM   507  C CA  . ARG A 1 58  ? 3.942   -5.972  0.110   1.00 5.25  ? 157  ARG A CA  1 
ATOM   508  C C   . ARG A 1 58  ? 2.580   -5.342  0.233   1.00 5.48  ? 157  ARG A C   1 
ATOM   509  O O   . ARG A 1 58  ? 1.991   -4.935  -0.771  1.00 5.29  ? 157  ARG A O   1 
ATOM   510  C CB  . ARG A 1 58  ? 5.003   -4.872  -0.020  1.00 5.70  ? 157  ARG A CB  1 
ATOM   511  C CG  . ARG A 1 58  ? 6.436   -5.384  -0.059  1.00 5.48  ? 157  ARG A CG  1 
ATOM   512  C CD  . ARG A 1 58  ? 7.434   -4.251  -0.233  1.00 5.49  ? 157  ARG A CD  1 
ATOM   513  N NE  . ARG A 1 58  ? 8.811   -4.739  -0.382  1.00 5.14  ? 157  ARG A NE  1 
ATOM   514  C CZ  . ARG A 1 58  ? 9.653   -4.926  0.637   1.00 5.75  ? 157  ARG A CZ  1 
ATOM   515  N NH1 . ARG A 1 58  ? 9.261   -4.665  1.875   1.00 6.92  ? 157  ARG A NH1 1 
ATOM   516  N NH2 . ARG A 1 58  ? 10.888  -5.364  0.424   1.00 6.13  ? 157  ARG A NH2 1 
ATOM   517  N N   . TRP A 1 59  ? 2.077   -5.264  1.466   1.00 5.57  ? 158  TRP A N   1 
ATOM   518  C CA  . TRP A 1 59  ? 0.828   -4.550  1.702   1.00 5.81  ? 158  TRP A CA  1 
ATOM   519  C C   . TRP A 1 59  ? 0.889   -3.107  1.189   1.00 5.99  ? 158  TRP A C   1 
ATOM   520  O O   . TRP A 1 59  ? 1.931   -2.435  1.298   1.00 6.98  ? 158  TRP A O   1 
ATOM   521  C CB  . TRP A 1 59  ? 0.534   -4.496  3.195   1.00 6.69  ? 158  TRP A CB  1 
ATOM   522  C CG  . TRP A 1 59  ? 0.147   -5.780  3.860   1.00 6.46  ? 158  TRP A CG  1 
ATOM   523  C CD1 . TRP A 1 59  ? 0.814   -6.408  4.883   1.00 7.53  ? 158  TRP A CD1 1 
ATOM   524  C CD2 . TRP A 1 59  ? -1.012  -6.582  3.584   1.00 6.50  ? 158  TRP A CD2 1 
ATOM   525  N NE1 . TRP A 1 59  ? 0.125   -7.535  5.276   1.00 8.74  ? 158  TRP A NE1 1 
ATOM   526  C CE2 . TRP A 1 59  ? -0.994  -7.674  4.491   1.00 7.69  ? 158  TRP A CE2 1 
ATOM   527  C CE3 . TRP A 1 59  ? -2.079  -6.472  2.670   1.00 6.80  ? 158  TRP A CE3 1 
ATOM   528  C CZ2 . TRP A 1 59  ? -1.988  -8.667  4.493   1.00 8.77  ? 158  TRP A CZ2 1 
ATOM   529  C CZ3 . TRP A 1 59  ? -3.080  -7.449  2.691   1.00 7.99  ? 158  TRP A CZ3 1 
ATOM   530  C CH2 . TRP A 1 59  ? -3.022  -8.530  3.605   1.00 8.36  ? 158  TRP A CH2 1 
ATOM   531  N N   . VAL A 1 60  ? -0.228  -2.632  0.648   1.00 6.22  ? 159  VAL A N   1 
ATOM   532  C CA  . VAL A 1 60  ? -0.435  -1.193  0.463   1.00 6.36  ? 159  VAL A CA  1 
ATOM   533  C C   . VAL A 1 60  ? -1.634  -0.703  1.287   1.00 6.27  ? 159  VAL A C   1 
ATOM   534  O O   . VAL A 1 60  ? -2.309  -1.501  1.945   1.00 5.80  ? 159  VAL A O   1 
ATOM   535  C CB  . VAL A 1 60  ? -0.605  -0.803  -1.007  1.00 7.06  ? 159  VAL A CB  1 
ATOM   536  C CG1 . VAL A 1 60  ? 0.719   -1.011  -1.749  1.00 8.42  ? 159  VAL A CG1 1 
ATOM   537  C CG2 . VAL A 1 60  ? -1.745  -1.573  -1.645  1.00 7.08  ? 159  VAL A CG2 1 
ATOM   538  N N   . GLY A 1 61  ? -1.896  0.595   1.235   1.00 5.99  ? 160  GLY A N   1 
ATOM   539  C CA  . GLY A 1 61  ? -2.900  1.207   2.109   1.00 5.99  ? 160  GLY A CA  1 
ATOM   540  C C   . GLY A 1 61  ? -4.324  1.153   1.576   1.00 6.58  ? 160  GLY A C   1 
ATOM   541  O O   . GLY A 1 61  ? -5.119  2.026   1.917   1.00 7.84  ? 160  GLY A O   1 
ATOM   542  N N   . LEU A 1 62  ? -4.649  0.149   0.758   1.00 5.62  ? 161  LEU A N   1 
ATOM   543  C CA  . LEU A 1 62  ? -6.001  0.033   0.180   1.00 5.23  ? 161  LEU A CA  1 
ATOM   544  C C   . LEU A 1 62  ? -6.773  -1.011  0.973   1.00 5.33  ? 161  LEU A C   1 
ATOM   545  O O   . LEU A 1 62  ? -6.318  -2.152  1.129   1.00 5.47  ? 161  LEU A O   1 
ATOM   546  C CB  . LEU A 1 62  ? -5.949  -0.383  -1.295  1.00 5.12  ? 161  LEU A CB  1 
ATOM   547  C CG  . LEU A 1 62  ? -7.259  -0.188  -2.084  1.00 5.50  ? 161  LEU A CG  1 
ATOM   548  C CD1 . LEU A 1 62  ? -7.513  1.268   -2.430  1.00 7.43  ? 161  LEU A CD1 1 
ATOM   549  C CD2 . LEU A 1 62  ? -7.266  -1.046  -3.357  1.00 5.94  ? 161  LEU A CD2 1 
ATOM   550  N N   . SER A 1 63  ? -7.944  -0.618  1.468   1.00 4.95  ? 162  SER A N   1 
ATOM   551  C CA  . SER A 1 63  ? -8.775  -1.533  2.248   1.00 5.81  ? 162  SER A CA  1 
ATOM   552  C C   . SER A 1 63  ? -10.239 -1.112  2.215   1.00 6.25  ? 162  SER A C   1 
ATOM   553  O O   . SER A 1 63  ? -10.570 -0.005  1.816   1.00 6.19  ? 162  SER A O   1 
ATOM   554  C CB  . SER A 1 63  ? -8.279  -1.587  3.703   1.00 6.04  ? 162  SER A CB  1 
ATOM   555  O OG  . SER A 1 63  ? -8.613  -0.403  4.415   1.00 6.75  ? 162  SER A OG  1 
ATOM   556  N N   . ARG A 1 64  ? -11.109 -2.009  2.650   1.00 7.32  ? 163  ARG A N   1 
ATOM   557  C CA  . ARG A 1 64  ? -12.515 -1.645  2.787   1.00 8.27  ? 163  ARG A CA  1 
ATOM   558  C C   . ARG A 1 64  ? -12.860 -1.901  4.224   1.00 9.14  ? 163  ARG A C   1 
ATOM   559  O O   . ARG A 1 64  ? -12.329 -2.843  4.818   1.00 9.59  ? 163  ARG A O   1 
ATOM   560  C CB  . ARG A 1 64  ? -13.423 -2.413  1.840   1.00 9.76  ? 163  ARG A CB  1 
ATOM   561  C CG  . ARG A 1 64  ? -13.049 -3.839  1.533   1.00 9.15  ? 163  ARG A CG  1 
ATOM   562  C CD  . ARG A 1 64  ? -14.171 -4.493  0.739   1.00 9.39  ? 163  ARG A CD  1 
ATOM   563  N NE  . ARG A 1 64  ? -13.787 -5.712  0.044   1.00 9.79  ? 163  ARG A NE  1 
ATOM   564  C CZ  . ARG A 1 64  ? -14.234 -6.063  -1.165  1.00 11.37 ? 163  ARG A CZ  1 
ATOM   565  N NH1 . ARG A 1 64  ? -15.064 -5.277  -1.847  1.00 10.72 ? 163  ARG A NH1 1 
ATOM   566  N NH2 . ARG A 1 64  ? -13.820 -7.196  -1.720  1.00 12.36 ? 163  ARG A NH2 1 
ATOM   567  N N   A GLN A 1 65  ? -13.730 -1.097  4.819   0.70 9.38  ? 164  GLN A N   1 
ATOM   568  N N   B GLN A 1 65  ? -13.786 -1.071  4.719   0.30 8.98  ? 164  GLN A N   1 
ATOM   569  C CA  A GLN A 1 65  ? -13.976 -1.274  6.255   0.70 10.13 ? 164  GLN A CA  1 
ATOM   570  C CA  B GLN A 1 65  ? -14.272 -1.047  6.104   0.30 9.24  ? 164  GLN A CA  1 
ATOM   571  C C   A GLN A 1 65  ? -14.721 -2.565  6.575   0.70 9.64  ? 164  GLN A C   1 
ATOM   572  C C   B GLN A 1 65  ? -14.894 -2.355  6.568   0.30 9.05  ? 164  GLN A C   1 
ATOM   573  O O   A GLN A 1 65  ? -14.576 -3.113  7.667   0.70 9.95  ? 164  GLN A O   1 
ATOM   574  O O   B GLN A 1 65  ? -14.830 -2.699  7.747   0.30 9.05  ? 164  GLN A O   1 
ATOM   575  C CB  A GLN A 1 65  ? -14.736 -0.093  6.834   0.70 10.73 ? 164  GLN A CB  1 
ATOM   576  C CB  B GLN A 1 65  ? -15.296 0.091   6.294   0.30 9.41  ? 164  GLN A CB  1 
ATOM   577  C CG  A GLN A 1 65  ? -15.927 0.277   5.978   0.70 12.47 ? 164  GLN A CG  1 
ATOM   578  C CG  B GLN A 1 65  ? -16.534 0.049   5.374   0.30 9.64  ? 164  GLN A CG  1 
ATOM   579  C CD  A GLN A 1 65  ? -17.199 0.459   6.778   0.70 14.60 ? 164  GLN A CD  1 
ATOM   580  C CD  B GLN A 1 65  ? -17.756 0.775   5.958   0.30 9.35  ? 164  GLN A CD  1 
ATOM   581  O OE1 A GLN A 1 65  ? -17.335 -0.067  7.884   0.70 17.51 ? 164  GLN A OE1 1 
ATOM   582  O OE1 B GLN A 1 65  ? -18.100 0.607   7.135   0.30 10.00 ? 164  GLN A OE1 1 
ATOM   583  N NE2 A GLN A 1 65  ? -18.154 1.193   6.205   0.70 13.45 ? 164  GLN A NE2 1 
ATOM   584  N NE2 B GLN A 1 65  ? -18.421 1.570   5.130   0.30 10.25 ? 164  GLN A NE2 1 
ATOM   585  N N   . LYS A 1 66  ? -15.505 -3.052  5.615   1.00 8.96  ? 165  LYS A N   1 
ATOM   586  C CA  . LYS A 1 66  ? -16.264 -4.285  5.812   1.00 9.24  ? 165  LYS A CA  1 
ATOM   587  C C   . LYS A 1 66  ? -16.371 -4.987  4.464   1.00 8.04  ? 165  LYS A C   1 
ATOM   588  O O   . LYS A 1 66  ? -16.210 -4.364  3.394   1.00 6.38  ? 165  LYS A O   1 
ATOM   589  C CB  . LYS A 1 66  ? -17.708 -3.997  6.264   1.00 9.46  ? 165  LYS A CB  1 
ATOM   590  C CG  . LYS A 1 66  ? -17.927 -3.547  7.693   1.00 13.74 ? 165  LYS A CG  1 
ATOM   591  C CD  . LYS A 1 66  ? -19.425 -3.353  7.960   1.00 12.83 ? 165  LYS A CD  1 
ATOM   592  C CE  . LYS A 1 66  ? -20.039 -2.193  7.161   1.00 17.99 ? 165  LYS A CE  1 
ATOM   593  N NZ  . LYS A 1 66  ? -20.554 -2.559  5.809   1.00 22.71 ? 165  LYS A NZ  1 
ATOM   594  N N   . SER A 1 67  ? -16.685 -6.272  4.515   1.00 7.25  ? 166  SER A N   1 
ATOM   595  C CA  . SER A 1 67  ? -16.832 -7.057  3.291   1.00 6.79  ? 166  SER A CA  1 
ATOM   596  C C   . SER A 1 67  ? -17.816 -6.382  2.350   1.00 7.60  ? 166  SER A C   1 
ATOM   597  O O   . SER A 1 67  ? -18.794 -5.782  2.799   1.00 8.30  ? 166  SER A O   1 
ATOM   598  C CB  . SER A 1 67  ? -17.292 -8.473  3.600   1.00 7.07  ? 166  SER A CB  1 
ATOM   599  O OG  . SER A 1 67  ? -16.401 -9.061  4.532   1.00 5.71  ? 166  SER A OG  1 
ATOM   600  N N   . ASN A 1 68  ? -17.521 -6.477  1.059   1.00 7.95  ? 167  ASN A N   1 
ATOM   601  C CA  . ASN A 1 68  ? -18.407 -6.007  -0.011  1.00 9.48  ? 167  ASN A CA  1 
ATOM   602  C C   . ASN A 1 68  ? -18.533 -4.491  -0.150  1.00 9.98  ? 167  ASN A C   1 
ATOM   603  O O   . ASN A 1 68  ? -19.325 -4.015  -0.974  1.00 11.88 ? 167  ASN A O   1 
ATOM   604  C CB  . ASN A 1 68  ? -19.804 -6.641  0.109   1.00 10.05 ? 167  ASN A CB  1 
ATOM   605  C CG  . ASN A 1 68  ? -19.742 -8.121  0.321   1.00 12.17 ? 167  ASN A CG  1 
ATOM   606  O OD1 . ASN A 1 68  ? -20.190 -8.627  1.355   1.00 16.51 ? 167  ASN A OD1 1 
ATOM   607  N ND2 . ASN A 1 68  ? -19.181 -8.836  -0.645  1.00 12.75 ? 167  ASN A ND2 1 
ATOM   608  N N   . GLU A 1 69  ? -17.783 -3.726  0.646   1.00 8.50  ? 168  GLU A N   1 
ATOM   609  C CA  A GLU A 1 69  ? -17.825 -2.270  0.537   0.80 8.84  ? 168  GLU A CA  1 
ATOM   610  C CA  B GLU A 1 69  ? -17.793 -2.268  0.557   0.20 8.25  ? 168  GLU A CA  1 
ATOM   611  C C   A GLU A 1 69  ? -16.761 -1.773  -0.451  0.80 7.69  ? 168  GLU A C   1 
ATOM   612  C C   B GLU A 1 69  ? -16.799 -1.778  -0.494  0.20 7.69  ? 168  GLU A C   1 
ATOM   613  O O   A GLU A 1 69  ? -15.977 -2.562  -0.990  0.80 7.32  ? 168  GLU A O   1 
ATOM   614  O O   B GLU A 1 69  ? -16.100 -2.578  -1.121  0.20 7.57  ? 168  GLU A O   1 
ATOM   615  C CB  A GLU A 1 69  ? -17.607 -1.619  1.907   0.80 9.09  ? 168  GLU A CB  1 
ATOM   616  C CB  B GLU A 1 69  ? -17.460 -1.640  1.913   0.20 8.12  ? 168  GLU A CB  1 
ATOM   617  C CG  A GLU A 1 69  ? -18.644 -2.001  2.963   0.80 13.63 ? 168  GLU A CG  1 
ATOM   618  C CG  B GLU A 1 69  ? -18.666 -1.356  2.800   0.20 8.37  ? 168  GLU A CG  1 
ATOM   619  C CD  A GLU A 1 69  ? -19.969 -1.270  2.805   0.80 19.06 ? 168  GLU A CD  1 
ATOM   620  C CD  B GLU A 1 69  ? -18.331 -0.437  3.966   0.20 8.65  ? 168  GLU A CD  1 
ATOM   621  O OE1 A GLU A 1 69  ? -19.986 -0.122  2.312   0.80 22.03 ? 168  GLU A OE1 1 
ATOM   622  O OE1 B GLU A 1 69  ? -19.268 0.168   4.532   0.20 9.97  ? 168  GLU A OE1 1 
ATOM   623  O OE2 A GLU A 1 69  ? -21.012 -1.845  3.191   0.80 24.06 ? 168  GLU A OE2 1 
ATOM   624  O OE2 B GLU A 1 69  ? -17.136 -0.314  4.313   0.20 8.83  ? 168  GLU A OE2 1 
ATOM   625  N N   . VAL A 1 70  ? -16.743 -0.461  -0.677  1.00 7.21  ? 169  VAL A N   1 
ATOM   626  C CA  . VAL A 1 70  ? -15.821 0.150   -1.655  1.00 6.96  ? 169  VAL A CA  1 
ATOM   627  C C   . VAL A 1 70  ? -14.393 0.169   -1.118  1.00 6.82  ? 169  VAL A C   1 
ATOM   628  O O   . VAL A 1 70  ? -14.168 0.144   0.106   1.00 6.25  ? 169  VAL A O   1 
ATOM   629  C CB  . VAL A 1 70  ? -16.296 1.559   -2.096  1.00 7.54  ? 169  VAL A CB  1 
ATOM   630  C CG1 . VAL A 1 70  ? -17.687 1.476   -2.747  1.00 8.27  ? 169  VAL A CG1 1 
ATOM   631  C CG2 . VAL A 1 70  ? -16.341 2.508   -0.921  1.00 7.09  ? 169  VAL A CG2 1 
ATOM   632  N N   . TRP A 1 71  ? -13.434 0.166   -2.044  1.00 5.52  ? 170  TRP A N   1 
ATOM   633  C CA  . TRP A 1 71  ? -12.009 0.213   -1.705  1.00 6.17  ? 170  TRP A CA  1 
ATOM   634  C C   . TRP A 1 71  ? -11.519 1.633   -1.525  1.00 6.28  ? 170  TRP A C   1 
ATOM   635  O O   . TRP A 1 71  ? -11.729 2.485   -2.398  1.00 6.53  ? 170  TRP A O   1 
ATOM   636  C CB  . TRP A 1 71  ? -11.209 -0.443  -2.826  1.00 6.20  ? 170  TRP A CB  1 
ATOM   637  C CG  . TRP A 1 71  ? -11.433 -1.885  -2.951  1.00 5.81  ? 170  TRP A CG  1 
ATOM   638  C CD1 . TRP A 1 71  ? -12.277 -2.516  -3.820  1.00 6.27  ? 170  TRP A CD1 1 
ATOM   639  C CD2 . TRP A 1 71  ? -10.776 -2.924  -2.203  1.00 5.67  ? 170  TRP A CD2 1 
ATOM   640  N NE1 . TRP A 1 71  ? -12.200 -3.885  -3.652  1.00 8.04  ? 170  TRP A NE1 1 
ATOM   641  C CE2 . TRP A 1 71  ? -11.274 -4.165  -2.679  1.00 7.50  ? 170  TRP A CE2 1 
ATOM   642  C CE3 . TRP A 1 71  ? -9.808  -2.924  -1.187  1.00 6.71  ? 170  TRP A CE3 1 
ATOM   643  C CZ2 . TRP A 1 71  ? -10.856 -5.402  -2.151  1.00 7.07  ? 170  TRP A CZ2 1 
ATOM   644  C CZ3 . TRP A 1 71  ? -9.382  -4.147  -0.666  1.00 6.09  ? 170  TRP A CZ3 1 
ATOM   645  C CH2 . TRP A 1 71  ? -9.901  -5.374  -1.159  1.00 6.59  ? 170  TRP A CH2 1 
ATOM   646  N N   . LYS A 1 72  ? -10.850 1.885   -0.399  1.00 6.46  ? 171  LYS A N   1 
ATOM   647  C CA  . LYS A 1 72  ? -10.382 3.223   -0.060  1.00 6.83  ? 171  LYS A CA  1 
ATOM   648  C C   . LYS A 1 72  ? -8.940  3.194   0.397   1.00 5.75  ? 171  LYS A C   1 
ATOM   649  O O   . LYS A 1 72  ? -8.476  2.214   0.965   1.00 5.77  ? 171  LYS A O   1 
ATOM   650  C CB  . LYS A 1 72  ? -11.242 3.821   1.060   1.00 6.29  ? 171  LYS A CB  1 
ATOM   651  C CG  . LYS A 1 72  ? -12.657 4.198   0.583   1.00 7.92  ? 171  LYS A CG  1 
ATOM   652  C CD  . LYS A 1 72  ? -13.629 4.455   1.731   1.00 9.64  ? 171  LYS A CD  1 
ATOM   653  C CE  . LYS A 1 72  ? -13.274 5.628   2.585   1.00 14.23 ? 171  LYS A CE  1 
ATOM   654  N NZ  . LYS A 1 72  ? -14.057 5.584   3.872   1.00 20.67 ? 171  LYS A NZ  1 
ATOM   655  N N   . TRP A 1 73  ? -8.237  4.286   0.127   1.00 5.82  ? 172  TRP A N   1 
ATOM   656  C CA  . TRP A 1 73  ? -6.896  4.482   0.676   1.00 6.06  ? 172  TRP A CA  1 
ATOM   657  C C   . TRP A 1 73  ? -6.953  4.929   2.135   1.00 6.18  ? 172  TRP A C   1 
ATOM   658  O O   . TRP A 1 73  ? -8.012  5.269   2.661   1.00 6.93  ? 172  TRP A O   1 
ATOM   659  C CB  . TRP A 1 73  ? -6.138  5.513   -0.152  1.00 7.08  ? 172  TRP A CB  1 
ATOM   660  C CG  . TRP A 1 73  ? -5.950  5.063   -1.560  1.00 7.58  ? 172  TRP A CG  1 
ATOM   661  C CD1 . TRP A 1 73  ? -6.566  5.573   -2.673  1.00 8.96  ? 172  TRP A CD1 1 
ATOM   662  C CD2 . TRP A 1 73  ? -5.091  4.010   -2.012  1.00 7.30  ? 172  TRP A CD2 1 
ATOM   663  N NE1 . TRP A 1 73  ? -6.138  4.892   -3.794  1.00 8.71  ? 172  TRP A NE1 1 
ATOM   664  C CE2 . TRP A 1 73  ? -5.235  3.930   -3.419  1.00 8.37  ? 172  TRP A CE2 1 
ATOM   665  C CE3 . TRP A 1 73  ? -4.212  3.128   -1.366  1.00 7.85  ? 172  TRP A CE3 1 
ATOM   666  C CZ2 . TRP A 1 73  ? -4.519  2.995   -4.195  1.00 6.82  ? 172  TRP A CZ2 1 
ATOM   667  C CZ3 . TRP A 1 73  ? -3.500  2.185   -2.142  1.00 8.43  ? 172  TRP A CZ3 1 
ATOM   668  C CH2 . TRP A 1 73  ? -3.667  2.137   -3.537  1.00 8.37  ? 172  TRP A CH2 1 
ATOM   669  N N   . GLU A 1 74  ? -5.796  4.949   2.789   1.00 5.79  ? 173  GLU A N   1 
ATOM   670  C CA  . GLU A 1 74  ? -5.736  5.388   4.177   1.00 6.48  ? 173  GLU A CA  1 
ATOM   671  C C   . GLU A 1 74  ? -6.285  6.795   4.369   1.00 6.33  ? 173  GLU A C   1 
ATOM   672  O O   . GLU A 1 74  ? -6.834  7.094   5.431   1.00 7.84  ? 173  GLU A O   1 
ATOM   673  C CB  . GLU A 1 74  ? -4.305  5.304   4.705   1.00 6.34  ? 173  GLU A CB  1 
ATOM   674  C CG  . GLU A 1 74  ? -3.842  3.867   4.967   1.00 8.79  ? 173  GLU A CG  1 
ATOM   675  C CD  . GLU A 1 74  ? -4.491  3.264   6.183   1.00 11.53 ? 173  GLU A CD  1 
ATOM   676  O OE1 . GLU A 1 74  ? -3.884  3.330   7.269   1.00 13.60 ? 173  GLU A OE1 1 
ATOM   677  O OE2 . GLU A 1 74  ? -5.627  2.759   6.074   1.00 13.06 ? 173  GLU A OE2 1 
ATOM   678  N N   . ASP A 1 75  ? -6.138  7.648   3.359   1.00 6.02  ? 174  ASP A N   1 
ATOM   679  C CA  . ASP A 1 75  ? -6.611  9.039   3.469   1.00 6.21  ? 174  ASP A CA  1 
ATOM   680  C C   . ASP A 1 75  ? -8.132  9.166   3.339   1.00 6.30  ? 174  ASP A C   1 
ATOM   681  O O   . ASP A 1 75  ? -8.678  10.276  3.413   1.00 6.54  ? 174  ASP A O   1 
ATOM   682  C CB  . ASP A 1 75  ? -5.886  9.964   2.486   1.00 6.35  ? 174  ASP A CB  1 
ATOM   683  C CG  . ASP A 1 75  ? -6.211  9.684   1.017   1.00 6.56  ? 174  ASP A CG  1 
ATOM   684  O OD1 . ASP A 1 75  ? -7.039  8.808   0.696   1.00 6.72  ? 174  ASP A OD1 1 
ATOM   685  O OD2 . ASP A 1 75  ? -5.601  10.389  0.173   1.00 10.61 ? 174  ASP A OD2 1 
ATOM   686  N N   . GLY A 1 76  ? -8.788  8.024   3.137   1.00 6.27  ? 175  GLY A N   1 
ATOM   687  C CA  . GLY A 1 76  ? -10.236 7.954   3.071   1.00 6.55  ? 175  GLY A CA  1 
ATOM   688  C C   . GLY A 1 76  ? -10.793 8.152   1.671   1.00 7.08  ? 175  GLY A C   1 
ATOM   689  O O   . GLY A 1 76  ? -12.015 8.106   1.493   1.00 8.40  ? 175  GLY A O   1 
ATOM   690  N N   . SER A 1 77  ? -9.930  8.368   0.681   1.00 6.52  ? 176  SER A N   1 
ATOM   691  C CA  . SER A 1 77  ? -10.407 8.546   -0.688  1.00 6.82  ? 176  SER A CA  1 
ATOM   692  C C   . SER A 1 77  ? -10.678 7.187   -1.333  1.00 6.29  ? 176  SER A C   1 
ATOM   693  O O   . SER A 1 77  ? -9.916  6.243   -1.146  1.00 6.42  ? 176  SER A O   1 
ATOM   694  C CB  . SER A 1 77  ? -9.412  9.362   -1.529  1.00 7.01  ? 176  SER A CB  1 
ATOM   695  O OG  . SER A 1 77  ? -8.178  8.688   -1.705  1.00 8.23  ? 176  SER A OG  1 
ATOM   696  N N   . VAL A 1 78  ? -11.771 7.091   -2.086  1.00 6.84  ? 177  VAL A N   1 
ATOM   697  C CA  . VAL A 1 78  ? -12.069 5.877   -2.838  1.00 7.03  ? 177  VAL A CA  1 
ATOM   698  C C   . VAL A 1 78  ? -11.048 5.768   -3.976  1.00 6.05  ? 177  VAL A C   1 
ATOM   699  O O   . VAL A 1 78  ? -10.643 6.795   -4.559  1.00 6.80  ? 177  VAL A O   1 
ATOM   700  C CB  . VAL A 1 78  ? -13.509 5.926   -3.409  1.00 7.29  ? 177  VAL A CB  1 
ATOM   701  C CG1 . VAL A 1 78  ? -13.819 4.687   -4.250  1.00 8.60  ? 177  VAL A CG1 1 
ATOM   702  C CG2 . VAL A 1 78  ? -14.519 6.061   -2.264  1.00 8.91  ? 177  VAL A CG2 1 
ATOM   703  N N   . ILE A 1 79  ? -10.633 4.540   -4.286  1.00 6.07  ? 178  ILE A N   1 
ATOM   704  C CA  . ILE A 1 79  ? -9.703  4.296   -5.401  1.00 5.68  ? 178  ILE A CA  1 
ATOM   705  C C   . ILE A 1 79  ? -10.185 5.035   -6.663  1.00 5.88  ? 178  ILE A C   1 
ATOM   706  O O   . ILE A 1 79  ? -11.377 5.010   -6.973  1.00 6.09  ? 178  ILE A O   1 
ATOM   707  C CB  . ILE A 1 79  ? -9.506  2.782   -5.642  1.00 6.16  ? 178  ILE A CB  1 
ATOM   708  C CG1 . ILE A 1 79  ? -8.510  2.542   -6.779  1.00 5.51  ? 178  ILE A CG1 1 
ATOM   709  C CG2 . ILE A 1 79  ? -10.843 2.105   -5.946  1.00 6.69  ? 178  ILE A CG2 1 
ATOM   710  C CD1 . ILE A 1 79  ? -8.092  1.080   -6.898  1.00 7.93  ? 178  ILE A CD1 1 
ATOM   711  N N   . SER A 1 80  ? -9.281  5.737   -7.351  1.00 5.85  ? 179  SER A N   1 
ATOM   712  C CA  . SER A 1 80  ? -9.670  6.483   -8.557  1.00 6.73  ? 179  SER A CA  1 
ATOM   713  C C   . SER A 1 80  ? -10.101 5.527   -9.667  1.00 6.20  ? 179  SER A C   1 
ATOM   714  O O   . SER A 1 80  ? -9.607  4.402   -9.761  1.00 6.48  ? 179  SER A O   1 
ATOM   715  C CB  . SER A 1 80  ? -8.511  7.346   -9.058  1.00 7.30  ? 179  SER A CB  1 
ATOM   716  O OG  . SER A 1 80  ? -8.103  8.264   -8.051  1.00 10.87 ? 179  SER A OG  1 
ATOM   717  N N   . GLU A 1 81  ? -11.000 6.006   -10.525 1.00 6.10  ? 180  GLU A N   1 
ATOM   718  C CA  . GLU A 1 81  ? -11.530 5.151   -11.576 1.00 6.35  ? 180  GLU A CA  1 
ATOM   719  C C   . GLU A 1 81  ? -10.394 4.633   -12.472 1.00 6.34  ? 180  GLU A C   1 
ATOM   720  O O   . GLU A 1 81  ? -10.412 3.460   -12.883 1.00 6.86  ? 180  GLU A O   1 
ATOM   721  C CB  . GLU A 1 81  ? -12.592 5.893   -12.384 1.00 6.67  ? 180  GLU A CB  1 
ATOM   722  C CG  . GLU A 1 81  ? -13.385 4.975   -13.324 1.00 6.77  ? 180  GLU A CG  1 
ATOM   723  C CD  . GLU A 1 81  ? -14.481 4.145   -12.624 1.00 7.87  ? 180  GLU A CD  1 
ATOM   724  O OE1 . GLU A 1 81  ? -14.800 4.412   -11.455 1.00 8.35  ? 180  GLU A OE1 1 
ATOM   725  O OE2 . GLU A 1 81  ? -15.018 3.226   -13.264 1.00 8.40  ? 180  GLU A OE2 1 
ATOM   726  N N   . ASN A 1 82  ? -9.403  5.499   -12.735 1.00 7.44  ? 181  ASN A N   1 
ATOM   727  C CA  . ASN A 1 82  ? -8.241  5.119   -13.561 1.00 7.94  ? 181  ASN A CA  1 
ATOM   728  C C   . ASN A 1 82  ? -7.457  3.961   -12.971 1.00 8.34  ? 181  ASN A C   1 
ATOM   729  O O   . ASN A 1 82  ? -6.744  3.266   -13.694 1.00 9.28  ? 181  ASN A O   1 
ATOM   730  C CB  . ASN A 1 82  ? -7.257  6.289   -13.741 1.00 8.72  ? 181  ASN A CB  1 
ATOM   731  C CG  . ASN A 1 82  ? -7.770  7.361   -14.676 1.00 10.75 ? 181  ASN A CG  1 
ATOM   732  O OD1 . ASN A 1 82  ? -8.837  7.225   -15.288 1.00 12.64 ? 181  ASN A OD1 1 
ATOM   733  N ND2 . ASN A 1 82  ? -6.990  8.438   -14.809 1.00 12.29 ? 181  ASN A ND2 1 
ATOM   734  N N   . MET A 1 83  ? -7.574  3.773   -11.655 1.00 6.79  ? 182  MET A N   1 
ATOM   735  C CA  . MET A 1 83  ? -6.759  2.783   -10.962 1.00 7.20  ? 182  MET A CA  1 
ATOM   736  C C   . MET A 1 83  ? -7.390  1.383   -10.890 1.00 6.46  ? 182  MET A C   1 
ATOM   737  O O   . MET A 1 83  ? -6.731  0.420   -10.530 1.00 6.66  ? 182  MET A O   1 
ATOM   738  C CB  . MET A 1 83  ? -6.323  3.295   -9.586  1.00 7.73  ? 182  MET A CB  1 
ATOM   739  C CG  . MET A 1 83  ? -5.381  4.504   -9.667  1.00 8.88  ? 182  MET A CG  1 
ATOM   740  S SD  . MET A 1 83  ? -3.882  4.185   -10.644 1.00 13.21 ? 182  MET A SD  1 
ATOM   741  C CE  . MET A 1 83  ? -3.106  2.943   -9.633  1.00 12.39 ? 182  MET A CE  1 
ATOM   742  N N   . PHE A 1 84  ? -8.662  1.266   -11.275 1.00 5.86  ? 183  PHE A N   1 
ATOM   743  C CA  . PHE A 1 84  ? -9.288  -0.052  -11.337 1.00 6.62  ? 183  PHE A CA  1 
ATOM   744  C C   . PHE A 1 84  ? -8.573  -1.053  -12.258 1.00 6.56  ? 183  PHE A C   1 
ATOM   745  O O   . PHE A 1 84  ? -8.577  -2.248  -11.990 1.00 7.53  ? 183  PHE A O   1 
ATOM   746  C CB  . PHE A 1 84  ? -10.780 0.058   -11.696 1.00 6.13  ? 183  PHE A CB  1 
ATOM   747  C CG  . PHE A 1 84  ? -11.652 0.470   -10.531 1.00 5.92  ? 183  PHE A CG  1 
ATOM   748  C CD1 . PHE A 1 84  ? -11.684 -0.307  -9.361  1.00 5.15  ? 183  PHE A CD1 1 
ATOM   749  C CD2 . PHE A 1 84  ? -12.457 1.611   -10.617 1.00 4.78  ? 183  PHE A CD2 1 
ATOM   750  C CE1 . PHE A 1 84  ? -12.497 0.065   -8.288  1.00 5.66  ? 183  PHE A CE1 1 
ATOM   751  C CE2 . PHE A 1 84  ? -13.277 1.991   -9.554  1.00 5.80  ? 183  PHE A CE2 1 
ATOM   752  C CZ  . PHE A 1 84  ? -13.291 1.206   -8.384  1.00 4.39  ? 183  PHE A CZ  1 
ATOM   753  N N   . GLU A 1 85  ? -7.934  -0.543  -13.314 1.00 7.33  ? 184  GLU A N   1 
ATOM   754  C CA  . GLU A 1 85  ? -7.151  -1.381  -14.220 1.00 8.95  ? 184  GLU A CA  1 
ATOM   755  C C   . GLU A 1 85  ? -6.034  -2.133  -13.491 1.00 8.21  ? 184  GLU A C   1 
ATOM   756  O O   . GLU A 1 85  ? -5.584  -3.190  -13.964 1.00 9.04  ? 184  GLU A O   1 
ATOM   757  C CB  A GLU A 1 85  ? -6.541  -0.486  -15.313 0.95 8.90  ? 184  GLU A CB  1 
ATOM   758  C CB  B GLU A 1 85  ? -6.616  -0.596  -15.424 0.05 8.32  ? 184  GLU A CB  1 
ATOM   759  C CG  A GLU A 1 85  ? -5.607  -1.207  -16.281 0.95 12.74 ? 184  GLU A CG  1 
ATOM   760  C CG  B GLU A 1 85  ? -5.535  0.414   -15.100 0.05 8.34  ? 184  GLU A CG  1 
ATOM   761  C CD  A GLU A 1 85  ? -4.748  -0.263  -17.135 0.95 12.90 ? 184  GLU A CD  1 
ATOM   762  C CD  B GLU A 1 85  ? -4.563  0.637   -16.249 0.05 8.40  ? 184  GLU A CD  1 
ATOM   763  O OE1 A GLU A 1 85  ? -4.875  0.962   -17.015 0.95 17.21 ? 184  GLU A OE1 1 
ATOM   764  O OE1 B GLU A 1 85  ? -4.164  1.800   -16.461 0.05 8.51  ? 184  GLU A OE1 1 
ATOM   765  O OE2 A GLU A 1 85  ? -3.937  -0.777  -17.939 0.95 20.47 ? 184  GLU A OE2 1 
ATOM   766  O OE2 B GLU A 1 85  ? -4.191  -0.337  -16.934 0.05 8.60  ? 184  GLU A OE2 1 
ATOM   767  N N   . PHE A 1 86  ? -5.627  -1.604  -12.332 1.00 7.83  ? 185  PHE A N   1 
ATOM   768  C CA  . PHE A 1 86  ? -4.532  -2.179  -11.555 1.00 7.68  ? 185  PHE A CA  1 
ATOM   769  C C   . PHE A 1 86  ? -4.985  -3.006  -10.371 1.00 8.00  ? 185  PHE A C   1 
ATOM   770  O O   . PHE A 1 86  ? -4.154  -3.501  -9.620  1.00 8.81  ? 185  PHE A O   1 
ATOM   771  C CB  . PHE A 1 86  ? -3.576  -1.081  -11.080 1.00 8.12  ? 185  PHE A CB  1 
ATOM   772  C CG  . PHE A 1 86  ? -2.877  -0.376  -12.204 1.00 7.33  ? 185  PHE A CG  1 
ATOM   773  C CD1 . PHE A 1 86  ? -1.860  -1.016  -12.903 1.00 7.51  ? 185  PHE A CD1 1 
ATOM   774  C CD2 . PHE A 1 86  ? -3.256  0.910   -12.582 1.00 9.12  ? 185  PHE A CD2 1 
ATOM   775  C CE1 . PHE A 1 86  ? -1.200  -0.361  -13.960 1.00 8.27  ? 185  PHE A CE1 1 
ATOM   776  C CE2 . PHE A 1 86  ? -2.602  1.569   -13.634 1.00 9.75  ? 185  PHE A CE2 1 
ATOM   777  C CZ  . PHE A 1 86  ? -1.575  0.928   -14.317 1.00 9.21  ? 185  PHE A CZ  1 
ATOM   778  N N   . LEU A 1 87  ? -6.300  -3.162  -10.209 1.00 6.23  ? 186  LEU A N   1 
ATOM   779  C CA  . LEU A 1 87  ? -6.843  -3.925  -9.085  1.00 6.83  ? 186  LEU A CA  1 
ATOM   780  C C   . LEU A 1 87  ? -7.362  -5.256  -9.585  1.00 6.82  ? 186  LEU A C   1 
ATOM   781  O O   . LEU A 1 87  ? -8.328  -5.295  -10.361 1.00 7.12  ? 186  LEU A O   1 
ATOM   782  C CB  . LEU A 1 87  ? -7.956  -3.147  -8.384  1.00 6.44  ? 186  LEU A CB  1 
ATOM   783  C CG  . LEU A 1 87  ? -8.530  -3.811  -7.130  1.00 6.46  ? 186  LEU A CG  1 
ATOM   784  C CD1 . LEU A 1 87  ? -7.466  -3.936  -6.036  1.00 7.41  ? 186  LEU A CD1 1 
ATOM   785  C CD2 . LEU A 1 87  ? -9.714  -3.014  -6.594  1.00 6.70  ? 186  LEU A CD2 1 
ATOM   786  N N   . GLU A 1 88  ? -6.715  -6.337  -9.158  1.00 6.43  ? 187  GLU A N   1 
ATOM   787  C CA  . GLU A 1 88  ? -7.033  -7.669  -9.683  1.00 7.28  ? 187  GLU A CA  1 
ATOM   788  C C   . GLU A 1 88  ? -8.236  -8.288  -8.961  1.00 7.38  ? 187  GLU A C   1 
ATOM   789  O O   . GLU A 1 88  ? -8.830  -7.656  -8.095  1.00 6.44  ? 187  GLU A O   1 
ATOM   790  C CB  . GLU A 1 88  ? -5.800  -8.592  -9.609  1.00 8.92  ? 187  GLU A CB  1 
ATOM   791  C CG  . GLU A 1 88  ? -4.644  -8.120  -10.518 1.00 11.29 ? 187  GLU A CG  1 
ATOM   792  C CD  . GLU A 1 88  ? -4.914  -8.296  -12.016 1.00 17.70 ? 187  GLU A CD  1 
ATOM   793  O OE1 . GLU A 1 88  ? -5.623  -9.249  -12.394 1.00 20.73 ? 187  GLU A OE1 1 
ATOM   794  O OE2 . GLU A 1 88  ? -4.407  -7.482  -12.827 1.00 22.34 ? 187  GLU A OE2 1 
ATOM   795  N N   . ASP A 1 89  ? -8.598  -9.511  -9.362  1.00 7.64  ? 188  ASP A N   1 
ATOM   796  C CA  . ASP A 1 89  ? -9.781  -10.210 -8.840  1.00 9.11  ? 188  ASP A CA  1 
ATOM   797  C C   . ASP A 1 89  ? -9.643  -10.529 -7.359  1.00 8.92  ? 188  ASP A C   1 
ATOM   798  O O   . ASP A 1 89  ? -8.535  -10.772 -6.855  1.00 9.45  ? 188  ASP A O   1 
ATOM   799  C CB  . ASP A 1 89  ? -9.965  -11.556 -9.534  1.00 10.10 ? 188  ASP A CB  1 
ATOM   800  C CG  . ASP A 1 89  ? -10.394 -11.442 -10.975 1.00 12.47 ? 188  ASP A CG  1 
ATOM   801  O OD1 . ASP A 1 89  ? -11.076 -10.473 -11.356 1.00 15.72 ? 188  ASP A OD1 1 
ATOM   802  O OD2 . ASP A 1 89  ? -10.056 -12.390 -11.714 1.00 18.34 ? 188  ASP A OD2 1 
ATOM   803  N N   . GLY A 1 90  ? -10.788 -10.593 -6.690  1.00 9.67  ? 189  GLY A N   1 
ATOM   804  C CA  . GLY A 1 90  ? -10.861 -11.035 -5.315  1.00 10.09 ? 189  GLY A CA  1 
ATOM   805  C C   . GLY A 1 90  ? -12.288 -11.397 -4.934  1.00 10.55 ? 189  GLY A C   1 
ATOM   806  O O   . GLY A 1 90  ? -13.233 -11.202 -5.720  1.00 11.76 ? 189  GLY A O   1 
ATOM   807  N N   . LYS A 1 91  ? -12.428 -11.921 -3.726  1.00 10.82 ? 190  LYS A N   1 
ATOM   808  C CA  . LYS A 1 91  ? -13.726 -12.243 -3.154  1.00 11.04 ? 190  LYS A CA  1 
ATOM   809  C C   . LYS A 1 91  ? -14.210 -11.096 -2.273  1.00 10.71 ? 190  LYS A C   1 
ATOM   810  O O   . LYS A 1 91  ? -13.420 -10.245 -1.828  1.00 10.13 ? 190  LYS A O   1 
ATOM   811  C CB  . LYS A 1 91  ? -13.634 -13.530 -2.322  1.00 11.75 ? 190  LYS A CB  1 
ATOM   812  C CG  . LYS A 1 91  ? -13.124 -14.776 -3.059  1.00 15.25 ? 190  LYS A CG  1 
ATOM   813  C CD  . LYS A 1 91  ? -14.117 -15.280 -4.089  1.00 20.17 ? 190  LYS A CD  1 
ATOM   814  C CE  . LYS A 1 91  ? -13.774 -16.702 -4.513  1.00 22.71 ? 190  LYS A CE  1 
ATOM   815  N NZ  . LYS A 1 91  ? -14.540 -17.150 -5.716  1.00 25.95 ? 190  LYS A NZ  1 
ATOM   816  N N   . GLY A 1 92  ? -15.518 -11.087 -2.012  1.00 9.81  ? 191  GLY A N   1 
ATOM   817  C CA  . GLY A 1 92  ? -16.171 -9.985  -1.299  1.00 9.44  ? 191  GLY A CA  1 
ATOM   818  C C   . GLY A 1 92  ? -15.671 -9.766  0.126   1.00 9.45  ? 191  GLY A C   1 
ATOM   819  O O   . GLY A 1 92  ? -15.757 -8.657  0.653   1.00 9.78  ? 191  GLY A O   1 
ATOM   820  N N   . ASN A 1 93  ? -15.129 -10.809 0.753   1.00 9.02  ? 192  ASN A N   1 
ATOM   821  C CA  . ASN A 1 93  ? -14.657 -10.657 2.127   1.00 8.61  ? 192  ASN A CA  1 
ATOM   822  C C   . ASN A 1 93  ? -13.143 -10.606 2.231   1.00 8.63  ? 192  ASN A C   1 
ATOM   823  O O   . ASN A 1 93  ? -12.575 -10.798 3.311   1.00 8.05  ? 192  ASN A O   1 
ATOM   824  C CB  . ASN A 1 93  ? -15.239 -11.742 3.039   1.00 9.26  ? 192  ASN A CB  1 
ATOM   825  C CG  . ASN A 1 93  ? -14.744 -13.114 2.687   1.00 9.92  ? 192  ASN A CG  1 
ATOM   826  O OD1 . ASN A 1 93  ? -14.292 -13.370 1.559   1.00 11.44 ? 192  ASN A OD1 1 
ATOM   827  N ND2 . ASN A 1 93  ? -14.818 -14.025 3.657   1.00 14.67 ? 192  ASN A ND2 1 
ATOM   828  N N   . MET A 1 94  ? -12.496 -10.376 1.090   1.00 7.63  ? 193  MET A N   1 
ATOM   829  C CA  . MET A 1 94  ? -11.086 -10.000 1.091   1.00 7.50  ? 193  MET A CA  1 
ATOM   830  C C   . MET A 1 94  ? -11.050 -8.482  1.144   1.00 6.69  ? 193  MET A C   1 
ATOM   831  O O   . MET A 1 94  ? -11.484 -7.820  0.208   1.00 6.38  ? 193  MET A O   1 
ATOM   832  C CB  . MET A 1 94  ? -10.392 -10.502 -0.169  1.00 8.13  ? 193  MET A CB  1 
ATOM   833  C CG  . MET A 1 94  ? -10.317 -12.014 -0.272  1.00 7.73  ? 193  MET A CG  1 
ATOM   834  S SD  . MET A 1 94  ? -9.588  -12.394 -1.881  1.00 9.51  ? 193  MET A SD  1 
ATOM   835  C CE  . MET A 1 94  ? -9.416  -14.179 -1.754  1.00 11.87 ? 193  MET A CE  1 
ATOM   836  N N   . ASN A 1 95  ? -10.555 -7.930  2.255   1.00 5.85  ? 194  ASN A N   1 
ATOM   837  C CA  . ASN A 1 95  ? -10.812 -6.517  2.573   1.00 5.32  ? 194  ASN A CA  1 
ATOM   838  C C   . ASN A 1 95  ? -9.565  -5.629  2.656   1.00 5.29  ? 194  ASN A C   1 
ATOM   839  O O   . ASN A 1 95  ? -9.650  -4.464  3.032   1.00 5.22  ? 194  ASN A O   1 
ATOM   840  C CB  . ASN A 1 95  ? -11.628 -6.396  3.869   1.00 6.24  ? 194  ASN A CB  1 
ATOM   841  C CG  . ASN A 1 95  ? -12.964 -7.116  3.784   1.00 8.41  ? 194  ASN A CG  1 
ATOM   842  O OD1 . ASN A 1 95  ? -13.485 -7.334  2.691   1.00 8.25  ? 194  ASN A OD1 1 
ATOM   843  N ND2 . ASN A 1 95  ? -13.508 -7.509  4.940   1.00 7.65  ? 194  ASN A ND2 1 
ATOM   844  N N   . CYS A 1 96  ? -8.421  -6.206  2.289   1.00 5.63  ? 195  CYS A N   1 
ATOM   845  C CA  . CYS A 1 96  ? -7.115  -5.508  2.274   1.00 6.09  ? 195  CYS A CA  1 
ATOM   846  C C   . CYS A 1 96  ? -6.390  -5.890  0.998   1.00 6.52  ? 195  CYS A C   1 
ATOM   847  O O   . CYS A 1 96  ? -6.575  -7.012  0.500   1.00 8.32  ? 195  CYS A O   1 
ATOM   848  C CB  . CYS A 1 96  ? -6.270  -5.954  3.457   1.00 6.61  ? 195  CYS A CB  1 
ATOM   849  S SG  . CYS A 1 96  ? -6.931  -5.416  5.060   1.00 7.38  ? 195  CYS A SG  1 
ATOM   850  N N   . ALA A 1 97  ? -5.567  -4.988  0.457   1.00 6.15  ? 196  ALA A N   1 
ATOM   851  C CA  . ALA A 1 97  ? -4.840  -5.304  -0.789  1.00 5.97  ? 196  ALA A CA  1 
ATOM   852  C C   . ALA A 1 97  ? -3.329  -5.224  -0.635  1.00 5.83  ? 196  ALA A C   1 
ATOM   853  O O   . ALA A 1 97  ? -2.817  -4.347  0.063   1.00 6.48  ? 196  ALA A O   1 
ATOM   854  C CB  . ALA A 1 97  ? -5.292  -4.396  -1.937  1.00 6.67  ? 196  ALA A CB  1 
ATOM   855  N N   . TYR A 1 98  ? -2.633  -6.142  -1.295  1.00 5.48  ? 197  TYR A N   1 
ATOM   856  C CA  . TYR A 1 98  ? -1.181  -6.015  -1.427  1.00 5.76  ? 197  TYR A CA  1 
ATOM   857  C C   . TYR A 1 98  ? -0.832  -5.646  -2.866  1.00 5.38  ? 197  TYR A C   1 
ATOM   858  O O   . TYR A 1 98  ? -1.674  -5.720  -3.758  1.00 5.39  ? 197  TYR A O   1 
ATOM   859  C CB  . TYR A 1 98  ? -0.458  -7.291  -0.987  1.00 6.01  ? 197  TYR A CB  1 
ATOM   860  C CG  . TYR A 1 98  ? -0.755  -8.553  -1.789  1.00 6.77  ? 197  TYR A CG  1 
ATOM   861  C CD1 . TYR A 1 98  ? -0.224  -8.742  -3.073  1.00 5.78  ? 197  TYR A CD1 1 
ATOM   862  C CD2 . TYR A 1 98  ? -1.515  -9.574  -1.241  1.00 7.83  ? 197  TYR A CD2 1 
ATOM   863  C CE1 . TYR A 1 98  ? -0.464  -9.920  -3.795  1.00 6.72  ? 197  TYR A CE1 1 
ATOM   864  C CE2 . TYR A 1 98  ? -1.761  -10.744 -1.939  1.00 8.47  ? 197  TYR A CE2 1 
ATOM   865  C CZ  . TYR A 1 98  ? -1.239  -10.919 -3.206  1.00 8.02  ? 197  TYR A CZ  1 
ATOM   866  O OH  . TYR A 1 98  ? -1.507  -12.099 -3.874  1.00 12.02 ? 197  TYR A OH  1 
ATOM   867  N N   . PHE A 1 99  ? 0.414   -5.230  -3.057  1.00 5.44  ? 198  PHE A N   1 
ATOM   868  C CA  . PHE A 1 99  ? 0.941   -4.875  -4.372  1.00 6.28  ? 198  PHE A CA  1 
ATOM   869  C C   . PHE A 1 99  ? 2.025   -5.880  -4.721  1.00 6.26  ? 198  PHE A C   1 
ATOM   870  O O   . PHE A 1 99  ? 2.839   -6.255  -3.872  1.00 6.48  ? 198  PHE A O   1 
ATOM   871  C CB  . PHE A 1 99  ? 1.549   -3.468  -4.320  1.00 6.77  ? 198  PHE A CB  1 
ATOM   872  C CG  . PHE A 1 99  ? 2.132   -3.001  -5.622  1.00 7.24  ? 198  PHE A CG  1 
ATOM   873  C CD1 . PHE A 1 99  ? 1.326   -2.382  -6.570  1.00 9.12  ? 198  PHE A CD1 1 
ATOM   874  C CD2 . PHE A 1 99  ? 3.490   -3.170  -5.898  1.00 8.40  ? 198  PHE A CD2 1 
ATOM   875  C CE1 . PHE A 1 99  ? 1.859   -1.938  -7.769  1.00 10.31 ? 198  PHE A CE1 1 
ATOM   876  C CE2 . PHE A 1 99  ? 4.041   -2.723  -7.095  1.00 9.34  ? 198  PHE A CE2 1 
ATOM   877  C CZ  . PHE A 1 99  ? 3.223   -2.106  -8.032  1.00 8.42  ? 198  PHE A CZ  1 
ATOM   878  N N   . HIS A 1 100 ? 2.026   -6.345  -5.961  1.00 6.32  ? 199  HIS A N   1 
ATOM   879  C CA  . HIS A 1 100 ? 3.138   -7.178  -6.409  1.00 6.92  ? 199  HIS A CA  1 
ATOM   880  C C   . HIS A 1 100 ? 3.350   -7.001  -7.885  1.00 7.41  ? 199  HIS A C   1 
ATOM   881  O O   . HIS A 1 100 ? 2.434   -7.255  -8.665  1.00 6.93  ? 199  HIS A O   1 
ATOM   882  C CB  . HIS A 1 100 ? 2.898   -8.649  -6.087  1.00 7.54  ? 199  HIS A CB  1 
ATOM   883  C CG  . HIS A 1 100 ? 4.144   -9.483  -6.174  1.00 8.22  ? 199  HIS A CG  1 
ATOM   884  N ND1 . HIS A 1 100 ? 4.125   -10.815 -6.522  1.00 10.31 ? 199  HIS A ND1 1 
ATOM   885  C CD2 . HIS A 1 100 ? 5.445   -9.166  -5.949  1.00 9.71  ? 199  HIS A CD2 1 
ATOM   886  C CE1 . HIS A 1 100 ? 5.362   -11.286 -6.506  1.00 10.62 ? 199  HIS A CE1 1 
ATOM   887  N NE2 . HIS A 1 100 ? 6.182   -10.302 -6.178  1.00 11.41 ? 199  HIS A NE2 1 
ATOM   888  N N   . ASN A 1 101 ? 4.558   -6.565  -8.245  1.00 7.52  ? 200  ASN A N   1 
ATOM   889  C CA  . ASN A 1 101 ? 4.985   -6.502  -9.649  1.00 8.18  ? 200  ASN A CA  1 
ATOM   890  C C   . ASN A 1 101 ? 3.970   -5.808  -10.572 1.00 8.12  ? 200  ASN A C   1 
ATOM   891  O O   . ASN A 1 101 ? 3.711   -6.268  -11.696 1.00 9.73  ? 200  ASN A O   1 
ATOM   892  C CB  . ASN A 1 101 ? 5.291   -7.915  -10.165 1.00 8.69  ? 200  ASN A CB  1 
ATOM   893  C CG  . ASN A 1 101 ? 6.446   -8.582  -9.433  1.00 9.12  ? 200  ASN A CG  1 
ATOM   894  O OD1 . ASN A 1 101 ? 6.605   -9.809  -9.492  1.00 12.13 ? 200  ASN A OD1 1 
ATOM   895  N ND2 . ASN A 1 101 ? 7.242   -7.795  -8.734  1.00 8.63  ? 200  ASN A ND2 1 
ATOM   896  N N   . GLY A 1 102 ? 3.402   -4.704  -10.093 1.00 8.31  ? 201  GLY A N   1 
ATOM   897  C CA  . GLY A 1 102 ? 2.592   -3.840  -10.939 1.00 7.71  ? 201  GLY A CA  1 
ATOM   898  C C   . GLY A 1 102 ? 1.097   -4.002  -10.789 1.00 7.93  ? 201  GLY A C   1 
ATOM   899  O O   . GLY A 1 102 ? 0.349   -3.329  -11.479 1.00 8.15  ? 201  GLY A O   1 
ATOM   900  N N   . LYS A 1 103 ? 0.658   -4.893  -9.901  1.00 7.44  ? 202  LYS A N   1 
ATOM   901  C CA  . LYS A 1 103 ? -0.769  -5.123  -9.687  1.00 7.97  ? 202  LYS A CA  1 
ATOM   902  C C   . LYS A 1 103 ? -1.112  -5.157  -8.208  1.00 7.46  ? 202  LYS A C   1 
ATOM   903  O O   . LYS A 1 103 ? -0.321  -5.638  -7.399  1.00 7.32  ? 202  LYS A O   1 
ATOM   904  C CB  . LYS A 1 103 ? -1.192  -6.449  -10.309 1.00 9.04  ? 202  LYS A CB  1 
ATOM   905  C CG  . LYS A 1 103 ? -1.163  -6.439  -11.818 1.00 12.65 ? 202  LYS A CG  1 
ATOM   906  C CD  . LYS A 1 103 ? -1.172  -7.855  -12.324 1.00 17.67 ? 202  LYS A CD  1 
ATOM   907  C CE  . LYS A 1 103 ? -0.676  -7.929  -13.738 1.00 20.65 ? 202  LYS A CE  1 
ATOM   908  N NZ  . LYS A 1 103 ? -0.817  -9.318  -14.236 1.00 21.90 ? 202  LYS A NZ  1 
ATOM   909  N N   . MET A 1 104 ? -2.302  -4.667  -7.865  1.00 6.91  ? 203  MET A N   1 
ATOM   910  C CA  . MET A 1 104 ? -2.824  -4.810  -6.512  1.00 7.52  ? 203  MET A CA  1 
ATOM   911  C C   . MET A 1 104 ? -3.762  -5.991  -6.460  1.00 7.10  ? 203  MET A C   1 
ATOM   912  O O   . MET A 1 104 ? -4.542  -6.216  -7.389  1.00 7.56  ? 203  MET A O   1 
ATOM   913  C CB  . MET A 1 104 ? -3.558  -3.539  -6.093  1.00 7.54  ? 203  MET A CB  1 
ATOM   914  C CG  . MET A 1 104 ? -2.617  -2.345  -6.083  1.00 8.44  ? 203  MET A CG  1 
ATOM   915  S SD  . MET A 1 104 ? -3.413  -0.840  -5.491  1.00 11.63 ? 203  MET A SD  1 
ATOM   916  C CE  . MET A 1 104 ? -4.365  -0.381  -6.936  1.00 13.19 ? 203  MET A CE  1 
ATOM   917  N N   . HIS A 1 105 ? -3.683  -6.750  -5.375  1.00 6.35  ? 204  HIS A N   1 
ATOM   918  C CA  . HIS A 1 105 ? -4.523  -7.931  -5.207  1.00 7.13  ? 204  HIS A CA  1 
ATOM   919  C C   . HIS A 1 105 ? -5.244  -7.865  -3.879  1.00 6.50  ? 204  HIS A C   1 
ATOM   920  O O   . HIS A 1 105 ? -4.588  -7.756  -2.834  1.00 6.46  ? 204  HIS A O   1 
ATOM   921  C CB  . HIS A 1 105 ? -3.675  -9.202  -5.199  1.00 8.17  ? 204  HIS A CB  1 
ATOM   922  C CG  . HIS A 1 105 ? -2.935  -9.452  -6.472  1.00 9.06  ? 204  HIS A CG  1 
ATOM   923  N ND1 . HIS A 1 105 ? -3.404  -10.312 -7.446  1.00 11.94 ? 204  HIS A ND1 1 
ATOM   924  C CD2 . HIS A 1 105 ? -1.749  -8.974  -6.926  1.00 10.32 ? 204  HIS A CD2 1 
ATOM   925  C CE1 . HIS A 1 105 ? -2.537  -10.348 -8.446  1.00 11.08 ? 204  HIS A CE1 1 
ATOM   926  N NE2 . HIS A 1 105 ? -1.525  -9.547  -8.154  1.00 10.38 ? 204  HIS A NE2 1 
ATOM   927  N N   . PRO A 1 106 ? -6.589  -7.959  -3.901  1.00 5.53  ? 205  PRO A N   1 
ATOM   928  C CA  . PRO A 1 106 ? -7.308  -8.185  -2.647  1.00 5.69  ? 205  PRO A CA  1 
ATOM   929  C C   . PRO A 1 106 ? -6.870  -9.498  -2.003  1.00 5.93  ? 205  PRO A C   1 
ATOM   930  O O   . PRO A 1 106 ? -6.556  -10.483 -2.691  1.00 6.05  ? 205  PRO A O   1 
ATOM   931  C CB  . PRO A 1 106 ? -8.770  -8.309  -3.097  1.00 6.37  ? 205  PRO A CB  1 
ATOM   932  C CG  . PRO A 1 106 ? -8.831  -7.546  -4.396  1.00 6.11  ? 205  PRO A CG  1 
ATOM   933  C CD  . PRO A 1 106 ? -7.508  -7.873  -5.052  1.00 6.08  ? 205  PRO A CD  1 
ATOM   934  N N   . THR A 1 107 ? -6.868  -9.509  -0.670  1.00 5.59  ? 206  THR A N   1 
ATOM   935  C CA  . THR A 1 107 ? -6.663  -10.752 0.058   1.00 6.16  ? 206  THR A CA  1 
ATOM   936  C C   . THR A 1 107 ? -7.224  -10.585 1.464   1.00 5.17  ? 206  THR A C   1 
ATOM   937  O O   . THR A 1 107 ? -7.827  -9.550  1.778   1.00 5.51  ? 206  THR A O   1 
ATOM   938  C CB  . THR A 1 107 ? -5.163  -11.168 0.074   1.00 5.59  ? 206  THR A CB  1 
ATOM   939  O OG1 . THR A 1 107 ? -5.043  -12.534 0.512   1.00 7.51  ? 206  THR A OG1 1 
ATOM   940  C CG2 . THR A 1 107 ? -4.335  -10.210 0.967   1.00 7.08  ? 206  THR A CG2 1 
ATOM   941  N N   . PHE A 1 108 ? -7.048  -11.611 2.297   1.00 5.90  ? 207  PHE A N   1 
ATOM   942  C CA  . PHE A 1 108 ? -7.551  -11.562 3.667   1.00 6.50  ? 207  PHE A CA  1 
ATOM   943  C C   . PHE A 1 108 ? -6.614  -10.746 4.534   1.00 6.64  ? 207  PHE A C   1 
ATOM   944  O O   . PHE A 1 108 ? -5.405  -10.949 4.513   1.00 7.24  ? 207  PHE A O   1 
ATOM   945  C CB  . PHE A 1 108 ? -7.739  -12.987 4.183   1.00 6.94  ? 207  PHE A CB  1 
ATOM   946  C CG  . PHE A 1 108 ? -8.733  -13.767 3.376   1.00 7.14  ? 207  PHE A CG  1 
ATOM   947  C CD1 . PHE A 1 108 ? -10.093 -13.488 3.489   1.00 9.08  ? 207  PHE A CD1 1 
ATOM   948  C CD2 . PHE A 1 108 ? -8.315  -14.724 2.457   1.00 7.81  ? 207  PHE A CD2 1 
ATOM   949  C CE1 . PHE A 1 108 ? -11.032 -14.174 2.731   1.00 10.68 ? 207  PHE A CE1 1 
ATOM   950  C CE2 . PHE A 1 108 ? -9.268  -15.421 1.679   1.00 9.18  ? 207  PHE A CE2 1 
ATOM   951  C CZ  . PHE A 1 108 ? -10.616 -15.142 1.832   1.00 9.97  ? 207  PHE A CZ  1 
ATOM   952  N N   . CYS A 1 109 ? -7.181  -9.809  5.277   1.00 6.68  ? 208  CYS A N   1 
ATOM   953  C CA  . CYS A 1 109 ? -6.386  -8.871  6.083   1.00 7.39  ? 208  CYS A CA  1 
ATOM   954  C C   . CYS A 1 109 ? -5.501  -9.568  7.128   1.00 7.52  ? 208  CYS A C   1 
ATOM   955  O O   . CYS A 1 109 ? -4.489  -8.999  7.539   1.00 7.69  ? 208  CYS A O   1 
ATOM   956  C CB  . CYS A 1 109 ? -7.286  -7.850  6.778   1.00 7.67  ? 208  CYS A CB  1 
ATOM   957  S SG  . CYS A 1 109 ? -8.252  -6.862  5.632   1.00 8.95  ? 208  CYS A SG  1 
ATOM   958  N N   . GLU A 1 110 ? -5.883  -10.783 7.540   1.00 8.05  ? 209  GLU A N   1 
ATOM   959  C CA  A GLU A 1 110 ? -5.134  -11.508 8.600   0.50 8.65  ? 209  GLU A CA  1 
ATOM   960  C CA  B GLU A 1 110 ? -5.202  -11.558 8.583   0.50 9.12  ? 209  GLU A CA  1 
ATOM   961  C C   A GLU A 1 110 ? -3.951  -12.311 8.069   0.50 8.92  ? 209  GLU A C   1 
ATOM   962  C C   B GLU A 1 110 ? -3.908  -12.193 8.075   0.50 9.13  ? 209  GLU A C   1 
ATOM   963  O O   A GLU A 1 110 ? -3.213  -12.945 8.842   0.50 9.46  ? 209  GLU A O   1 
ATOM   964  O O   B GLU A 1 110 ? -3.047  -12.595 8.875   0.50 9.89  ? 209  GLU A O   1 
ATOM   965  C CB  A GLU A 1 110 ? -6.049  -12.430 9.421   0.50 8.94  ? 209  GLU A CB  1 
ATOM   966  C CB  B GLU A 1 110 ? -6.150  -12.646 9.118   0.50 9.58  ? 209  GLU A CB  1 
ATOM   967  C CG  A GLU A 1 110 ? -7.236  -11.761 10.053  0.50 8.81  ? 209  GLU A CG  1 
ATOM   968  C CG  B GLU A 1 110 ? -6.375  -13.797 8.134   0.50 10.44 ? 209  GLU A CG  1 
ATOM   969  C CD  A GLU A 1 110 ? -8.228  -11.258 9.031   0.50 8.69  ? 209  GLU A CD  1 
ATOM   970  C CD  B GLU A 1 110 ? -7.635  -14.607 8.411   0.50 9.57  ? 209  GLU A CD  1 
ATOM   971  O OE1 A GLU A 1 110 ? -8.789  -10.160 9.259   0.50 8.75  ? 209  GLU A OE1 1 
ATOM   972  O OE1 B GLU A 1 110 ? -7.661  -15.310 9.436   0.50 14.42 ? 209  GLU A OE1 1 
ATOM   973  O OE2 A GLU A 1 110 ? -8.413  -11.951 7.993   0.50 7.31  ? 209  GLU A OE2 1 
ATOM   974  O OE2 B GLU A 1 110 ? -8.584  -14.562 7.605   0.50 9.43  ? 209  GLU A OE2 1 
ATOM   975  N N   . ASN A 1 111 ? -3.784  -12.308 6.752   1.00 8.85  ? 210  ASN A N   1 
ATOM   976  C CA  . ASN A 1 111 ? -2.606  -12.917 6.129   1.00 9.13  ? 210  ASN A CA  1 
ATOM   977  C C   . ASN A 1 111 ? -1.368  -12.072 6.404   1.00 9.03  ? 210  ASN A C   1 
ATOM   978  O O   . ASN A 1 111 ? -1.481  -10.882 6.696   1.00 10.34 ? 210  ASN A O   1 
ATOM   979  C CB  . ASN A 1 111 ? -2.808  -13.119 4.628   1.00 9.03  ? 210  ASN A CB  1 
ATOM   980  C CG  . ASN A 1 111 ? -3.787  -14.247 4.319   1.00 11.08 ? 210  ASN A CG  1 
ATOM   981  O OD1 . ASN A 1 111 ? -4.231  -14.981 5.223   1.00 11.62 ? 210  ASN A OD1 1 
ATOM   982  N ND2 . ASN A 1 111 ? -4.134  -14.387 3.049   1.00 12.17 ? 210  ASN A ND2 1 
ATOM   983  N N   . LYS A 1 112 ? -0.201  -12.706 6.350   1.00 9.54  ? 211  LYS A N   1 
ATOM   984  C CA  . LYS A 1 112 ? 1.042   -12.013 6.633   1.00 9.35  ? 211  LYS A CA  1 
ATOM   985  C C   . LYS A 1 112 ? 1.800   -11.700 5.354   1.00 8.63  ? 211  LYS A C   1 
ATOM   986  O O   . LYS A 1 112 ? 1.988   -12.569 4.498   1.00 8.62  ? 211  LYS A O   1 
ATOM   987  C CB  . LYS A 1 112 ? 1.923   -12.842 7.555   1.00 10.10 ? 211  LYS A CB  1 
ATOM   988  C CG  . LYS A 1 112 ? 1.399   -12.941 8.979   1.00 13.59 ? 211  LYS A CG  1 
ATOM   989  C CD  . LYS A 1 112 ? 2.227   -13.964 9.748   1.00 18.65 ? 211  LYS A CD  1 
ATOM   990  C CE  . LYS A 1 112 ? 1.384   -14.746 10.731  1.00 22.38 ? 211  LYS A CE  1 
ATOM   991  N NZ  . LYS A 1 112 ? 1.958   -16.102 10.991  1.00 26.15 ? 211  LYS A NZ  1 
ATOM   992  N N   . HIS A 1 113 ? 2.258   -10.449 5.256   1.00 7.88  ? 212  HIS A N   1 
ATOM   993  C CA  . HIS A 1 113 ? 3.075   -10.000 4.134   1.00 7.52  ? 212  HIS A CA  1 
ATOM   994  C C   . HIS A 1 113 ? 4.024   -8.905  4.588   1.00 6.71  ? 212  HIS A C   1 
ATOM   995  O O   . HIS A 1 113 ? 3.794   -8.267  5.611   1.00 7.61  ? 212  HIS A O   1 
ATOM   996  C CB  . HIS A 1 113 ? 2.202   -9.455  2.997   1.00 7.79  ? 212  HIS A CB  1 
ATOM   997  C CG  . HIS A 1 113 ? 1.369   -10.499 2.330   1.00 7.90  ? 212  HIS A CG  1 
ATOM   998  N ND1 . HIS A 1 113 ? 1.927   -11.564 1.658   1.00 7.74  ? 212  HIS A ND1 1 
ATOM   999  C CD2 . HIS A 1 113 ? 0.025   -10.654 2.245   1.00 7.59  ? 212  HIS A CD2 1 
ATOM   1000 C CE1 . HIS A 1 113 ? 0.957   -12.331 1.183   1.00 8.15  ? 212  HIS A CE1 1 
ATOM   1001 N NE2 . HIS A 1 113 ? -0.205  -11.794 1.515   1.00 8.88  ? 212  HIS A NE2 1 
ATOM   1002 N N   . TYR A 1 114 ? 5.088   -8.698  3.816   1.00 6.47  ? 213  TYR A N   1 
ATOM   1003 C CA  . TYR A 1 114 ? 5.946   -7.527  3.994   1.00 7.07  ? 213  TYR A CA  1 
ATOM   1004 C C   . TYR A 1 114 ? 5.156   -6.255  3.706   1.00 6.65  ? 213  TYR A C   1 
ATOM   1005 O O   . TYR A 1 114 ? 3.979   -6.310  3.311   1.00 6.23  ? 213  TYR A O   1 
ATOM   1006 C CB  . TYR A 1 114 ? 7.185   -7.621  3.088   1.00 7.56  ? 213  TYR A CB  1 
ATOM   1007 C CG  . TYR A 1 114 ? 7.996   -8.876  3.323   1.00 9.81  ? 213  TYR A CG  1 
ATOM   1008 C CD1 . TYR A 1 114 ? 8.271   -9.332  4.621   1.00 10.54 ? 213  TYR A CD1 1 
ATOM   1009 C CD2 . TYR A 1 114 ? 8.493   -9.607  2.243   1.00 12.09 ? 213  TYR A CD2 1 
ATOM   1010 C CE1 . TYR A 1 114 ? 9.008   -10.512 4.819   1.00 13.98 ? 213  TYR A CE1 1 
ATOM   1011 C CE2 . TYR A 1 114 ? 9.235   -10.761 2.436   1.00 14.71 ? 213  TYR A CE2 1 
ATOM   1012 C CZ  . TYR A 1 114 ? 9.483   -11.212 3.716   1.00 14.27 ? 213  TYR A CZ  1 
ATOM   1013 O OH  . TYR A 1 114 ? 10.228  -12.377 3.872   1.00 15.45 ? 213  TYR A OH  1 
ATOM   1014 N N   . LEU A 1 115 ? 5.778   -5.097  3.927   1.00 7.40  ? 214  LEU A N   1 
ATOM   1015 C CA  . LEU A 1 115 ? 5.028   -3.862  3.781   1.00 7.74  ? 214  LEU A CA  1 
ATOM   1016 C C   . LEU A 1 115 ? 5.866   -2.740  3.204   1.00 8.12  ? 214  LEU A C   1 
ATOM   1017 O O   . LEU A 1 115 ? 7.078   -2.884  2.993   1.00 7.49  ? 214  LEU A O   1 
ATOM   1018 C CB  . LEU A 1 115 ? 4.434   -3.434  5.130   1.00 8.56  ? 214  LEU A CB  1 
ATOM   1019 C CG  . LEU A 1 115 ? 5.446   -2.976  6.191   1.00 9.52  ? 214  LEU A CG  1 
ATOM   1020 C CD1 . LEU A 1 115 ? 5.095   -1.595  6.715   1.00 12.76 ? 214  LEU A CD1 1 
ATOM   1021 C CD2 . LEU A 1 115 ? 5.484   -3.993  7.326   1.00 12.56 ? 214  LEU A CD2 1 
ATOM   1022 N N   . MET A 1 116 ? 5.191   -1.633  2.936   1.00 8.93  ? 215  MET A N   1 
ATOM   1023 C CA  . MET A 1 116 ? 5.874   -0.402  2.606   1.00 9.38  ? 215  MET A CA  1 
ATOM   1024 C C   . MET A 1 116 ? 5.108   0.781   3.183   1.00 8.94  ? 215  MET A C   1 
ATOM   1025 O O   . MET A 1 116 ? 3.892   0.706   3.385   1.00 10.69 ? 215  MET A O   1 
ATOM   1026 C CB  . MET A 1 116 ? 6.110   -0.279  1.093   1.00 10.15 ? 215  MET A CB  1 
ATOM   1027 C CG  . MET A 1 116 ? 4.980   -0.733  0.181   1.00 11.09 ? 215  MET A CG  1 
ATOM   1028 S SD  . MET A 1 116 ? 5.644   -1.082  -1.488  1.00 10.43 ? 215  MET A SD  1 
ATOM   1029 C CE  . MET A 1 116 ? 4.208   -1.826  -2.281  1.00 10.83 ? 215  MET A CE  1 
ATOM   1030 N N   . CYS A 1 117 ? 5.828   1.860   3.453   1.00 8.25  ? 216  CYS A N   1 
ATOM   1031 C CA  . CYS A 1 117 ? 5.240   3.071   4.038   1.00 8.24  ? 216  CYS A CA  1 
ATOM   1032 C C   . CYS A 1 117 ? 5.587   4.306   3.206   1.00 8.55  ? 216  CYS A C   1 
ATOM   1033 O O   . CYS A 1 117 ? 6.531   4.305   2.401   1.00 9.09  ? 216  CYS A O   1 
ATOM   1034 C CB  . CYS A 1 117 ? 5.760   3.294   5.469   1.00 8.52  ? 216  CYS A CB  1 
ATOM   1035 S SG  . CYS A 1 117 ? 5.596   1.906   6.625   1.00 9.15  ? 216  CYS A SG  1 
ATOM   1036 N N   . GLU A 1 118 ? 4.840   5.377   3.445   1.00 8.38  ? 217  GLU A N   1 
ATOM   1037 C CA  . GLU A 1 118 ? 4.974   6.624   2.698   1.00 9.71  ? 217  GLU A CA  1 
ATOM   1038 C C   . GLU A 1 118 ? 4.924   7.802   3.675   1.00 10.15 ? 217  GLU A C   1 
ATOM   1039 O O   . GLU A 1 118 ? 4.159   7.768   4.643   1.00 9.57  ? 217  GLU A O   1 
ATOM   1040 C CB  . GLU A 1 118 ? 3.805   6.734   1.709   1.00 10.11 ? 217  GLU A CB  1 
ATOM   1041 C CG  . GLU A 1 118 ? 3.889   7.881   0.726   1.00 11.39 ? 217  GLU A CG  1 
ATOM   1042 C CD  . GLU A 1 118 ? 2.730   7.943   -0.264  1.00 11.52 ? 217  GLU A CD  1 
ATOM   1043 O OE1 . GLU A 1 118 ? 1.821   7.079   -0.234  1.00 10.37 ? 217  GLU A OE1 1 
ATOM   1044 O OE2 . GLU A 1 118 ? 2.731   8.873   -1.101  1.00 13.56 ? 217  GLU A OE2 1 
ATOM   1045 N N   . ARG A 1 119 ? 5.769   8.814   3.440   1.00 10.63 ? 218  ARG A N   1 
ATOM   1046 C CA  A ARG A 1 119 ? 5.732   10.114  4.143   0.90 12.15 ? 218  ARG A CA  1 
ATOM   1047 C CA  B ARG A 1 119 ? 5.580   10.113  4.088   0.10 11.78 ? 218  ARG A CA  1 
ATOM   1048 C C   . ARG A 1 119 ? 5.825   11.204  3.067   1.00 12.48 ? 218  ARG A C   1 
ATOM   1049 O O   . ARG A 1 119 ? 6.460   10.983  2.034   1.00 12.00 ? 218  ARG A O   1 
ATOM   1050 C CB  A ARG A 1 119 ? 6.952   10.279  5.075   0.90 12.26 ? 218  ARG A CB  1 
ATOM   1051 C CB  B ARG A 1 119 ? 6.463   10.338  5.328   0.10 11.76 ? 218  ARG A CB  1 
ATOM   1052 C CG  A ARG A 1 119 ? 7.097   9.312   6.258   0.90 13.89 ? 218  ARG A CG  1 
ATOM   1053 C CG  B ARG A 1 119 ? 7.273   9.165   5.830   0.10 12.23 ? 218  ARG A CG  1 
ATOM   1054 C CD  A ARG A 1 119 ? 8.515   9.383   6.924   0.90 15.38 ? 218  ARG A CD  1 
ATOM   1055 C CD  B ARG A 1 119 ? 8.752   9.433   5.626   0.10 12.58 ? 218  ARG A CD  1 
ATOM   1056 N NE  A ARG A 1 119 ? 9.612   9.665   5.972   0.90 22.18 ? 218  ARG A NE  1 
ATOM   1057 N NE  B ARG A 1 119 ? 9.305   10.301  6.667   0.10 13.11 ? 218  ARG A NE  1 
ATOM   1058 C CZ  A ARG A 1 119 ? 10.924  9.539   6.216   0.90 21.98 ? 218  ARG A CZ  1 
ATOM   1059 C CZ  B ARG A 1 119 ? 10.192  9.914   7.581   0.10 12.76 ? 218  ARG A CZ  1 
ATOM   1060 N NH1 A ARG A 1 119 ? 11.367  9.102   7.400   0.90 21.88 ? 218  ARG A NH1 1 
ATOM   1061 N NH1 B ARG A 1 119 ? 10.652  8.668   7.592   0.10 13.39 ? 218  ARG A NH1 1 
ATOM   1062 N NH2 A ARG A 1 119 ? 11.810  9.845   5.252   0.90 22.73 ? 218  ARG A NH2 1 
ATOM   1063 N NH2 B ARG A 1 119 ? 10.630  10.781  8.483   0.10 12.43 ? 218  ARG A NH2 1 
ATOM   1064 N N   . LYS A 1 120 ? 5.251   12.384  3.317   1.00 14.21 ? 219  LYS A N   1 
ATOM   1065 C CA  . LYS A 1 120 ? 5.446   13.522  2.415   1.00 16.21 ? 219  LYS A CA  1 
ATOM   1066 C C   . LYS A 1 120 ? 6.899   13.945  2.484   1.00 16.68 ? 219  LYS A C   1 
ATOM   1067 O O   . LYS A 1 120 ? 7.476   13.984  3.570   1.00 17.19 ? 219  LYS A O   1 
ATOM   1068 C CB  . LYS A 1 120 ? 4.595   14.714  2.866   1.00 16.67 ? 219  LYS A CB  1 
ATOM   1069 C CG  . LYS A 1 120 ? 3.180   14.717  2.347   1.00 20.54 ? 219  LYS A CG  1 
ATOM   1070 C CD  . LYS A 1 120 ? 3.079   15.325  0.940   1.00 25.38 ? 219  LYS A CD  1 
ATOM   1071 C CE  . LYS A 1 120 ? 3.788   16.677  0.814   1.00 27.98 ? 219  LYS A CE  1 
ATOM   1072 N NZ  . LYS A 1 120 ? 3.326   17.708  1.787   1.00 29.72 ? 219  LYS A NZ  1 
ATOM   1073 N N   . ALA A 1 121 ? 7.493   14.277  1.340   1.00 17.69 ? 220  ALA A N   1 
ATOM   1074 C CA  . ALA A 1 121 ? 8.865   14.773  1.336   1.00 19.02 ? 220  ALA A CA  1 
ATOM   1075 C C   . ALA A 1 121 ? 8.917   16.208  1.867   1.00 20.12 ? 220  ALA A C   1 
ATOM   1076 O O   . ALA A 1 121 ? 7.991   16.993  1.650   1.00 20.40 ? 220  ALA A O   1 
ATOM   1077 C CB  . ALA A 1 121 ? 9.460   14.698  -0.050  1.00 18.81 ? 220  ALA A CB  1 
ATOM   1078 N N   . GLY A 1 122 ? 9.997   16.537  2.566   1.00 21.35 ? 221  GLY A N   1 
ATOM   1079 C CA  . GLY A 1 122 ? 10.166  17.877  3.120   1.00 22.92 ? 221  GLY A CA  1 
ATOM   1080 C C   . GLY A 1 122 ? 11.570  18.418  2.960   1.00 23.93 ? 221  GLY A C   1 
ATOM   1081 O O   . GLY A 1 122 ? 11.840  19.557  3.345   1.00 24.34 ? 221  GLY A O   1 
ATOM   1082 O OXT . GLY A 1 122 ? 12.471  17.737  2.449   1.00 24.82 ? 221  GLY A OXT 1 
HETATM 1083 O O   . HOH B 2 .   ? 21.215  14.970  -2.367  1.00 33.02 ? 2001 HOH A O   1 
HETATM 1084 O O   . HOH B 2 .   ? 18.610  15.495  -2.645  1.00 33.75 ? 2002 HOH A O   1 
HETATM 1085 O O   . HOH B 2 .   ? 15.865  13.788  5.216   1.00 29.48 ? 2003 HOH A O   1 
HETATM 1086 O O   . HOH B 2 .   ? 11.697  14.505  3.610   1.00 31.60 ? 2004 HOH A O   1 
HETATM 1087 O O   . HOH B 2 .   ? 16.157  13.741  8.536   1.00 21.88 ? 2005 HOH A O   1 
HETATM 1088 O O   . HOH B 2 .   ? 14.597  7.842   10.160  1.00 34.36 ? 2006 HOH A O   1 
HETATM 1089 O O   . HOH B 2 .   ? 14.384  11.940  10.663  1.00 40.81 ? 2007 HOH A O   1 
HETATM 1090 O O   . HOH B 2 .   ? 16.698  6.497   8.553   1.00 29.57 ? 2008 HOH A O   1 
HETATM 1091 O O   . HOH B 2 .   ? 22.151  6.616   3.669   1.00 27.44 ? 2009 HOH A O   1 
HETATM 1092 O O   . HOH B 2 .   ? 13.550  0.922   2.221   1.00 21.28 ? 2010 HOH A O   1 
HETATM 1093 O O   . HOH B 2 .   ? 19.133  4.543   2.185   1.00 22.08 ? 2011 HOH A O   1 
HETATM 1094 O O   . HOH B 2 .   ? 17.415  1.038   1.730   1.00 30.83 ? 2012 HOH A O   1 
HETATM 1095 O O   . HOH B 2 .   ? 14.841  -0.681  8.080   1.00 48.87 ? 2013 HOH A O   1 
HETATM 1096 O O   . HOH B 2 .   ? 16.655  -0.917  3.363   1.00 38.09 ? 2014 HOH A O   1 
HETATM 1097 O O   . HOH B 2 .   ? 20.055  0.961   7.485   1.00 46.75 ? 2015 HOH A O   1 
HETATM 1098 O O   . HOH B 2 .   ? 13.648  4.247   8.865   1.00 25.06 ? 2016 HOH A O   1 
HETATM 1099 O O   . HOH B 2 .   ? 17.350  8.404   1.186   1.00 21.97 ? 2017 HOH A O   1 
HETATM 1100 O O   . HOH B 2 .   ? 17.445  7.549   -1.117  1.00 32.05 ? 2018 HOH A O   1 
HETATM 1101 O O   . HOH B 2 .   ? 13.367  10.774  -7.566  1.00 16.39 ? 2019 HOH A O   1 
HETATM 1102 O O   . HOH B 2 .   ? 13.260  17.829  -5.219  1.00 25.68 ? 2020 HOH A O   1 
HETATM 1103 O O   . HOH B 2 .   ? 7.980   5.572   -12.750 1.00 21.45 ? 2021 HOH A O   1 
HETATM 1104 O O   . HOH B 2 .   ? 5.697   9.543   -5.873  1.00 30.41 ? 2022 HOH A O   1 
HETATM 1105 O O   . HOH B 2 .   ? 11.101  12.259  -8.378  1.00 18.20 ? 2023 HOH A O   1 
HETATM 1106 O O   . HOH B 2 .   ? 10.482  14.782  -7.617  1.00 22.34 ? 2024 HOH A O   1 
HETATM 1107 O O   . HOH B 2 .   ? 4.234   11.280  -4.566  1.00 30.54 ? 2025 HOH A O   1 
HETATM 1108 O O   . HOH B 2 .   ? 1.396   12.167  -3.979  1.00 42.79 ? 2026 HOH A O   1 
HETATM 1109 O O   . HOH B 2 .   ? 3.094   12.705  -0.732  1.00 33.75 ? 2027 HOH A O   1 
HETATM 1110 O O   . HOH B 2 .   ? 14.375  -1.374  5.402   1.00 27.26 ? 2028 HOH A O   1 
HETATM 1111 O O   . HOH B 2 .   ? 16.133  -11.878 -0.140  1.00 19.32 ? 2029 HOH A O   1 
HETATM 1112 O O   . HOH B 2 .   ? 12.814  -12.032 2.115   1.00 32.41 ? 2030 HOH A O   1 
HETATM 1113 O O   . HOH B 2 .   ? 17.545  -5.338  2.409   1.00 35.96 ? 2031 HOH A O   1 
HETATM 1114 O O   . HOH B 2 .   ? 7.990   -6.394  13.163  1.00 25.36 ? 2032 HOH A O   1 
HETATM 1115 O O   . HOH B 2 .   ? 5.092   -13.031 3.340   1.00 26.35 ? 2033 HOH A O   1 
HETATM 1116 O O   . HOH B 2 .   ? 6.680   -14.670 9.883   1.00 32.72 ? 2034 HOH A O   1 
HETATM 1117 O O   . HOH B 2 .   ? 8.602   -14.451 6.809   1.00 37.79 ? 2035 HOH A O   1 
HETATM 1118 O O   . HOH B 2 .   ? 5.051   -11.769 12.045  1.00 38.20 ? 2036 HOH A O   1 
HETATM 1119 O O   . HOH B 2 .   ? -3.531  -8.058  13.210  1.00 12.40 ? 2037 HOH A O   1 
HETATM 1120 O O   . HOH B 2 .   ? -3.453  -0.749  13.121  1.00 25.03 ? 2038 HOH A O   1 
HETATM 1121 O O   . HOH B 2 .   ? -2.964  -6.126  15.224  1.00 16.64 ? 2039 HOH A O   1 
HETATM 1122 O O   . HOH B 2 .   ? -6.025  -7.462  12.368  1.00 35.76 ? 2040 HOH A O   1 
HETATM 1123 O O   . HOH B 2 .   ? -7.595  -5.589  9.783   1.00 36.54 ? 2041 HOH A O   1 
HETATM 1124 O O   . HOH B 2 .   ? -6.177  1.399   13.559  1.00 37.28 ? 2042 HOH A O   1 
HETATM 1125 O O   . HOH B 2 .   ? -5.063  -5.581  17.197  1.00 35.80 ? 2043 HOH A O   1 
HETATM 1126 O O   . HOH B 2 .   ? -1.506  -3.765  15.197  1.00 18.36 ? 2044 HOH A O   1 
HETATM 1127 O O   . HOH B 2 .   ? 3.063   -3.665  14.254  1.00 15.77 ? 2045 HOH A O   1 
HETATM 1128 O O   . HOH B 2 .   ? 2.085   -11.348 12.290  1.00 35.63 ? 2046 HOH A O   1 
HETATM 1129 O O   . HOH B 2 .   ? -1.300  -7.767  16.705  1.00 16.89 ? 2047 HOH A O   1 
HETATM 1130 O O   . HOH B 2 .   ? 2.053   -9.087  16.168  1.00 53.03 ? 2048 HOH A O   1 
HETATM 1131 O O   . HOH B 2 .   ? -8.220  0.984   9.134   1.00 22.00 ? 2049 HOH A O   1 
HETATM 1132 O O   . HOH B 2 .   ? -7.136  5.208   10.352  1.00 37.01 ? 2050 HOH A O   1 
HETATM 1133 O O   . HOH B 2 .   ? -2.426  -1.645  16.213  1.00 36.03 ? 2051 HOH A O   1 
HETATM 1134 O O   . HOH B 2 .   ? 13.171  -1.003  10.119  1.00 39.20 ? 2052 HOH A O   1 
HETATM 1135 O O   . HOH B 2 .   ? 8.058   0.972   13.223  1.00 39.26 ? 2053 HOH A O   1 
HETATM 1136 O O   . HOH B 2 .   ? 22.620  14.138  -4.426  1.00 35.89 ? 2054 HOH A O   1 
HETATM 1137 O O   . HOH B 2 .   ? 19.965  17.033  -1.145  1.00 48.13 ? 2055 HOH A O   1 
HETATM 1138 O O   . HOH B 2 .   ? 20.257  15.256  -4.811  1.00 37.40 ? 2056 HOH A O   1 
HETATM 1139 O O   . HOH B 2 .   ? 17.041  17.133  -4.068  1.00 38.00 ? 2057 HOH A O   1 
HETATM 1140 O O   . HOH B 2 .   ? -0.085  4.694   9.583   1.00 13.07 ? 2058 HOH A O   1 
HETATM 1141 O O   . HOH B 2 .   ? 2.187   8.195   13.429  1.00 8.34  ? 2059 HOH A O   1 
HETATM 1142 O O   . HOH B 2 .   ? -2.432  3.626   13.235  1.00 24.28 ? 2060 HOH A O   1 
HETATM 1143 O O   . HOH B 2 .   ? 14.612  -0.021  -0.204  1.00 23.93 ? 2061 HOH A O   1 
HETATM 1144 O O   . HOH B 2 .   ? 3.760   -0.572  18.410  1.00 38.44 ? 2062 HOH A O   1 
HETATM 1145 O O   . HOH B 2 .   ? 9.161   4.276   16.580  1.00 24.10 ? 2063 HOH A O   1 
HETATM 1146 O O   . HOH B 2 .   ? 3.918   4.521   18.009  1.00 13.83 ? 2064 HOH A O   1 
HETATM 1147 O O   . HOH B 2 .   ? 6.735   -0.907  14.803  1.00 27.21 ? 2065 HOH A O   1 
HETATM 1148 O O   . HOH B 2 .   ? 13.582  18.462  -2.118  1.00 36.64 ? 2066 HOH A O   1 
HETATM 1149 O O   . HOH B 2 .   ? 9.786   11.953  -10.949 1.00 22.14 ? 2067 HOH A O   1 
HETATM 1150 O O   . HOH B 2 .   ? 8.244   16.150  -9.049  1.00 37.70 ? 2068 HOH A O   1 
HETATM 1151 O O   . HOH B 2 .   ? 7.116   7.763   15.944  1.00 13.50 ? 2069 HOH A O   1 
HETATM 1152 O O   . HOH B 2 .   ? 7.322   11.660  9.288   1.00 27.19 ? 2070 HOH A O   1 
HETATM 1153 O O   . HOH B 2 .   ? 1.355   8.374   10.816  1.00 13.27 ? 2071 HOH A O   1 
HETATM 1154 O O   . HOH B 2 .   ? -1.955  8.559   8.028   1.00 35.02 ? 2072 HOH A O   1 
HETATM 1155 O O   . HOH B 2 .   ? 6.374   -12.444 0.121   1.00 47.93 ? 2073 HOH A O   1 
HETATM 1156 O O   . HOH B 2 .   ? -2.936  4.759   1.701   1.00 7.21  ? 2074 HOH A O   1 
HETATM 1157 O O   . HOH B 2 .   ? 0.211   7.076   2.125   1.00 18.28 ? 2075 HOH A O   1 
HETATM 1158 O O   . HOH B 2 .   ? -8.921  -3.808  8.184   1.00 34.19 ? 2076 HOH A O   1 
HETATM 1159 O O   . HOH B 2 .   ? -8.117  3.314   12.496  1.00 25.49 ? 2077 HOH A O   1 
HETATM 1160 O O   . HOH B 2 .   ? 1.016   -3.902  16.060  1.00 25.29 ? 2078 HOH A O   1 
HETATM 1161 O O   . HOH B 2 .   ? -7.183  10.400  -4.519  1.00 21.00 ? 2079 HOH A O   1 
HETATM 1162 O O   . HOH B 2 .   ? -3.077  11.822  -3.417  1.00 27.95 ? 2080 HOH A O   1 
HETATM 1163 O O   . HOH B 2 .   ? 3.508   -6.471  15.404  1.00 33.13 ? 2081 HOH A O   1 
HETATM 1164 O O   . HOH B 2 .   ? -0.565  -13.094 12.535  1.00 39.94 ? 2082 HOH A O   1 
HETATM 1165 O O   . HOH B 2 .   ? 0.974   -7.118  17.645  1.00 44.39 ? 2083 HOH A O   1 
HETATM 1166 O O   . HOH B 2 .   ? 16.185  18.031  -1.415  1.00 25.13 ? 2084 HOH A O   1 
HETATM 1167 O O   . HOH B 2 .   ? 17.559  19.414  -5.285  1.00 41.06 ? 2085 HOH A O   1 
HETATM 1168 O O   . HOH B 2 .   ? -6.588  6.190   -6.391  1.00 14.17 ? 2086 HOH A O   1 
HETATM 1169 O O   . HOH B 2 .   ? -3.851  10.517  -11.113 1.00 24.76 ? 2087 HOH A O   1 
HETATM 1170 O O   . HOH B 2 .   ? -3.451  12.097  -5.993  1.00 45.56 ? 2088 HOH A O   1 
HETATM 1171 O O   . HOH B 2 .   ? -5.731  7.862   -10.868 1.00 14.12 ? 2089 HOH A O   1 
HETATM 1172 O O   . HOH B 2 .   ? -1.698  11.881  -8.375  1.00 31.58 ? 2090 HOH A O   1 
HETATM 1173 O O   . HOH B 2 .   ? -1.171  9.555   -3.844  1.00 28.63 ? 2091 HOH A O   1 
HETATM 1174 O O   . HOH B 2 .   ? 0.254   8.065   -5.598  1.00 22.04 ? 2092 HOH A O   1 
HETATM 1175 O O   . HOH B 2 .   ? 9.046   1.691   17.307  1.00 37.93 ? 2093 HOH A O   1 
HETATM 1176 O O   . HOH B 2 .   ? 11.557  2.780   16.374  1.00 26.70 ? 2094 HOH A O   1 
HETATM 1177 O O   . HOH B 2 .   ? 7.325   3.149   18.451  1.00 34.25 ? 2095 HOH A O   1 
HETATM 1178 O O   . HOH B 2 .   ? 2.513   -2.710  18.414  1.00 32.67 ? 2096 HOH A O   1 
HETATM 1179 O O   . HOH B 2 .   ? 3.013   0.977   20.359  1.00 48.59 ? 2097 HOH A O   1 
HETATM 1180 O O   . HOH B 2 .   ? 5.428   1.981   20.032  1.00 33.28 ? 2098 HOH A O   1 
HETATM 1181 O O   . HOH B 2 .   ? 6.893   0.002   19.393  1.00 39.25 ? 2099 HOH A O   1 
HETATM 1182 O O   . HOH B 2 .   ? 3.079   11.324  -10.624 1.00 30.62 ? 2100 HOH A O   1 
HETATM 1183 O O   . HOH B 2 .   ? -1.719  9.407   0.985   1.00 27.08 ? 2101 HOH A O   1 
HETATM 1184 O O   . HOH B 2 .   ? 1.713   9.981   2.752   1.00 40.21 ? 2102 HOH A O   1 
HETATM 1185 O O   . HOH B 2 .   ? -7.572  9.878   -11.421 1.00 15.13 ? 2103 HOH A O   1 
HETATM 1186 O O   . HOH B 2 .   ? 7.082   11.883  -10.544 1.00 33.94 ? 2104 HOH A O   1 
HETATM 1187 O O   . HOH B 2 .   ? 5.245   10.804  -12.092 1.00 32.49 ? 2105 HOH A O   1 
HETATM 1188 O O   . HOH B 2 .   ? 6.050   8.685   -17.233 1.00 44.67 ? 2106 HOH A O   1 
HETATM 1189 O O   . HOH B 2 .   ? 0.145   0.064   -17.621 1.00 28.15 ? 2107 HOH A O   1 
HETATM 1190 O O   . HOH B 2 .   ? 10.758  -7.259  -11.118 1.00 11.46 ? 2108 HOH A O   1 
HETATM 1191 O O   . HOH B 2 .   ? 7.032   -8.666  -13.132 1.00 22.45 ? 2109 HOH A O   1 
HETATM 1192 O O   . HOH B 2 .   ? -14.365 1.400   15.711  1.00 39.56 ? 2110 HOH A O   1 
HETATM 1193 O O   . HOH B 2 .   ? 2.183   -0.324  -15.739 1.00 27.39 ? 2111 HOH A O   1 
HETATM 1194 O O   . HOH B 2 .   ? 4.662   6.275   -17.091 1.00 21.89 ? 2112 HOH A O   1 
HETATM 1195 O O   . HOH B 2 .   ? 6.009   3.380   -18.909 1.00 27.27 ? 2113 HOH A O   1 
HETATM 1196 O O   . HOH B 2 .   ? 7.122   -14.234 -7.422  1.00 37.69 ? 2114 HOH A O   1 
HETATM 1197 O O   . HOH B 2 .   ? 9.673   -14.825 -2.810  1.00 40.52 ? 2115 HOH A O   1 
HETATM 1198 O O   . HOH B 2 .   ? 11.210  -9.937  -10.391 1.00 14.25 ? 2116 HOH A O   1 
HETATM 1199 O O   . HOH B 2 .   ? 13.552  -12.421 -3.641  1.00 36.19 ? 2117 HOH A O   1 
HETATM 1200 O O   . HOH B 2 .   ? 12.527  -13.482 -7.832  1.00 27.15 ? 2118 HOH A O   1 
HETATM 1201 O O   . HOH B 2 .   ? 8.476   -13.510 -0.699  1.00 33.27 ? 2119 HOH A O   1 
HETATM 1202 O O   . HOH B 2 .   ? 13.986  7.235   -6.004  1.00 14.50 ? 2120 HOH A O   1 
HETATM 1203 O O   . HOH B 2 .   ? -10.349 -14.733 -5.227  1.00 30.55 ? 2121 HOH A O   1 
HETATM 1204 O O   . HOH B 2 .   ? 7.328   -5.718  -12.684 1.00 34.20 ? 2122 HOH A O   1 
HETATM 1205 O O   . HOH B 2 .   ? 12.045  -5.009  -9.730  1.00 7.50  ? 2123 HOH A O   1 
HETATM 1206 O O   . HOH B 2 .   ? 8.517   -5.572  -15.322 1.00 20.35 ? 2124 HOH A O   1 
HETATM 1207 O O   . HOH B 2 .   ? -15.754 0.288   13.038  1.00 47.80 ? 2125 HOH A O   1 
HETATM 1208 O O   . HOH B 2 .   ? 13.929  -3.080  -10.465 1.00 8.32  ? 2126 HOH A O   1 
HETATM 1209 O O   . HOH B 2 .   ? 13.818  3.667   -10.224 1.00 2.71  ? 2127 HOH A O   1 
HETATM 1210 O O   . HOH B 2 .   ? 13.859  0.040   -2.925  1.00 8.29  ? 2128 HOH A O   1 
HETATM 1211 O O   . HOH B 2 .   ? 16.104  1.135   -3.928  1.00 10.89 ? 2129 HOH A O   1 
HETATM 1212 O O   . HOH B 2 .   ? 0.608   15.273  4.069   1.00 46.86 ? 2130 HOH A O   1 
HETATM 1213 O O   . HOH B 2 .   ? 6.373   -5.327  -6.402  1.00 11.49 ? 2131 HOH A O   1 
HETATM 1214 O O   . HOH B 2 .   ? -12.183 11.759  -0.909  1.00 33.66 ? 2132 HOH A O   1 
HETATM 1215 O O   . HOH B 2 .   ? 8.522   -12.655 -5.235  1.00 22.27 ? 2133 HOH A O   1 
HETATM 1216 O O   . HOH B 2 .   ? 11.243  -11.972 -6.009  1.00 18.39 ? 2134 HOH A O   1 
HETATM 1217 O O   . HOH B 2 .   ? 9.202   -11.074 -8.429  1.00 21.18 ? 2135 HOH A O   1 
HETATM 1218 O O   . HOH B 2 .   ? -11.133 11.515  -3.512  1.00 47.69 ? 2136 HOH A O   1 
HETATM 1219 O O   . HOH B 2 .   ? -14.658 8.737   -5.889  1.00 18.82 ? 2137 HOH A O   1 
HETATM 1220 O O   . HOH B 2 .   ? 5.470   -5.040  -3.851  1.00 10.52 ? 2138 HOH A O   1 
HETATM 1221 O O   . HOH B 2 .   ? -12.118 0.362   -15.360 1.00 14.31 ? 2139 HOH A O   1 
HETATM 1222 O O   . HOH B 2 .   ? 5.075   -10.666 1.518   1.00 12.56 ? 2140 HOH A O   1 
HETATM 1223 O O   . HOH B 2 .   ? 6.932   -12.310 -2.717  1.00 13.34 ? 2141 HOH A O   1 
HETATM 1224 O O   . HOH B 2 .   ? -8.325  13.363  -16.522 1.00 37.58 ? 2142 HOH A O   1 
HETATM 1225 O O   . HOH B 2 .   ? 12.676  -4.487  2.422   1.00 15.39 ? 2143 HOH A O   1 
HETATM 1226 O O   . HOH B 2 .   ? -1.650  -3.877  -15.232 1.00 29.52 ? 2144 HOH A O   1 
HETATM 1227 O O   . HOH B 2 .   ? -3.231  -13.795 -9.873  1.00 39.01 ? 2145 HOH A O   1 
HETATM 1228 O O   . HOH B 2 .   ? -6.122  -13.134 -9.824  1.00 39.10 ? 2146 HOH A O   1 
HETATM 1229 O O   . HOH B 2 .   ? -11.138 -14.685 -7.773  1.00 27.32 ? 2147 HOH A O   1 
HETATM 1230 O O   . HOH B 2 .   ? -7.507  -15.238 -8.847  1.00 32.94 ? 2148 HOH A O   1 
HETATM 1231 O O   . HOH B 2 .   ? -7.900  -14.289 -5.470  1.00 40.95 ? 2149 HOH A O   1 
HETATM 1232 O O   . HOH B 2 .   ? -12.496 -17.574 -0.750  1.00 34.73 ? 2150 HOH A O   1 
HETATM 1233 O O   . HOH B 2 .   ? -9.350  -0.043  7.029   1.00 28.62 ? 2151 HOH A O   1 
HETATM 1234 O O   . HOH B 2 .   ? -7.188  1.829   3.885   1.00 11.73 ? 2152 HOH A O   1 
HETATM 1235 O O   . HOH B 2 .   ? -10.896 1.766   4.203   1.00 16.67 ? 2153 HOH A O   1 
HETATM 1236 O O   . HOH B 2 .   ? 1.403   -15.344 -5.090  1.00 43.24 ? 2154 HOH A O   1 
HETATM 1237 O O   . HOH B 2 .   ? -15.795 -7.670  -3.870  1.00 29.76 ? 2155 HOH A O   1 
HETATM 1238 O O   . HOH B 2 .   ? -11.026 -3.859  7.038   1.00 17.07 ? 2156 HOH A O   1 
HETATM 1239 O O   . HOH B 2 .   ? -19.624 0.717   9.473   1.00 28.90 ? 2157 HOH A O   1 
HETATM 1240 O O   . HOH B 2 .   ? -15.498 -1.230  10.607  1.00 31.56 ? 2158 HOH A O   1 
HETATM 1241 O O   . HOH B 2 .   ? -12.520 -2.763  9.411   1.00 29.41 ? 2159 HOH A O   1 
HETATM 1242 O O   . HOH B 2 .   ? -6.460  -16.852 -0.315  1.00 35.35 ? 2160 HOH A O   1 
HETATM 1243 O O   . HOH B 2 .   ? -6.201  -11.604 13.542  1.00 16.76 ? 2161 HOH A O   1 
HETATM 1244 O O   . HOH B 2 .   ? -22.138 -5.259  6.628   1.00 27.29 ? 2162 HOH A O   1 
HETATM 1245 O O   . HOH B 2 .   ? -20.194 -6.408  5.135   1.00 11.27 ? 2163 HOH A O   1 
HETATM 1246 O O   . HOH B 2 .   ? -21.004 -10.903 3.284   1.00 31.06 ? 2164 HOH A O   1 
HETATM 1247 O O   . HOH B 2 .   ? -19.214 -11.708 -0.958  1.00 27.95 ? 2165 HOH A O   1 
HETATM 1248 O O   . HOH B 2 .   ? -19.664 -2.020  -2.570  1.00 10.32 ? 2166 HOH A O   1 
HETATM 1249 O O   . HOH B 2 .   ? -18.357 -6.052  -3.174  1.00 19.20 ? 2167 HOH A O   1 
HETATM 1250 O O   . HOH B 2 .   ? 3.500   14.889  6.956   1.00 41.77 ? 2168 HOH A O   1 
HETATM 1251 O O   . HOH B 2 .   ? -19.020 0.921   0.557   1.00 14.67 ? 2169 HOH A O   1 
HETATM 1252 O O   . HOH B 2 .   ? -21.248 -4.290  2.451   1.00 27.84 ? 2170 HOH A O   1 
HETATM 1253 O O   . HOH B 2 .   ? -22.182 -1.960  0.595   1.00 46.05 ? 2171 HOH A O   1 
HETATM 1254 O O   . HOH B 2 .   ? -14.252 8.682   3.595   1.00 16.05 ? 2172 HOH A O   1 
HETATM 1255 O O   . HOH B 2 .   ? -11.959 5.887   5.388   1.00 13.44 ? 2173 HOH A O   1 
HETATM 1256 O O   . HOH B 2 .   ? -13.260 2.619   5.573   1.00 41.00 ? 2174 HOH A O   1 
HETATM 1257 O O   . HOH B 2 .   ? -9.816  4.225   4.757   1.00 16.80 ? 2175 HOH A O   1 
HETATM 1258 O O   . HOH B 2 .   ? -1.194  3.395   7.415   1.00 17.19 ? 2176 HOH A O   1 
HETATM 1259 O O   . HOH B 2 .   ? -6.492  5.875   7.902   1.00 23.46 ? 2177 HOH A O   1 
HETATM 1260 O O   . HOH B 2 .   ? -3.539  12.076  0.682   1.00 19.88 ? 2178 HOH A O   1 
HETATM 1261 O O   . HOH B 2 .   ? -3.703  8.872   5.590   1.00 25.15 ? 2179 HOH A O   1 
HETATM 1262 O O   . HOH B 2 .   ? -10.464 11.467  1.709   1.00 16.99 ? 2180 HOH A O   1 
HETATM 1263 O O   . HOH B 2 .   ? -3.534  7.558   1.764   1.00 12.90 ? 2181 HOH A O   1 
HETATM 1264 O O   . HOH B 2 .   ? -7.264  12.574  -0.849  1.00 42.00 ? 2182 HOH A O   1 
HETATM 1265 O O   . HOH B 2 .   ? -13.964 9.883   0.093   1.00 34.66 ? 2183 HOH A O   1 
HETATM 1266 O O   . HOH B 2 .   ? -12.123 8.333   -6.314  1.00 20.56 ? 2184 HOH A O   1 
HETATM 1267 O O   . HOH B 2 .   ? -13.385 9.594   -2.406  1.00 25.04 ? 2185 HOH A O   1 
HETATM 1268 O O   . HOH B 2 .   ? -8.226  8.024   -4.625  1.00 13.18 ? 2186 HOH A O   1 
HETATM 1269 O O   . HOH B 2 .   ? -11.025 10.012  -7.932  1.00 26.57 ? 2187 HOH A O   1 
HETATM 1270 O O   . HOH B 2 .   ? -11.928 9.051   -10.325 1.00 5.34  ? 2188 HOH A O   1 
HETATM 1271 O O   . HOH B 2 .   ? -14.057 0.600   -13.508 1.00 8.13  ? 2189 HOH A O   1 
HETATM 1272 O O   . HOH B 2 .   ? -9.426  1.635   -14.759 1.00 12.22 ? 2190 HOH A O   1 
HETATM 1273 O O   . HOH B 2 .   ? -8.323  10.692  -16.457 1.00 30.15 ? 2191 HOH A O   1 
HETATM 1274 O O   . HOH B 2 .   ? -8.783  8.398   -18.195 1.00 44.96 ? 2192 HOH A O   1 
HETATM 1275 O O   . HOH B 2 .   ? -9.709  8.443   -12.442 1.00 8.83  ? 2193 HOH A O   1 
HETATM 1276 O O   . HOH B 2 .   ? -4.415  -3.736  -18.454 1.00 29.06 ? 2194 HOH A O   1 
HETATM 1277 O O   . HOH B 2 .   ? -5.738  -4.660  -16.267 1.00 30.88 ? 2195 HOH A O   1 
HETATM 1278 O O   . HOH B 2 .   ? -1.997  1.984   -17.652 1.00 23.03 ? 2196 HOH A O   1 
HETATM 1279 O O   . HOH B 2 .   ? -3.387  -4.919  -13.733 1.00 34.02 ? 2197 HOH A O   1 
HETATM 1280 O O   . HOH B 2 .   ? -5.801  3.371   -16.238 1.00 25.27 ? 2198 HOH A O   1 
HETATM 1281 O O   . HOH B 2 .   ? -7.226  -0.363  -19.184 1.00 40.59 ? 2199 HOH A O   1 
HETATM 1282 O O   . HOH B 2 .   ? -7.333  -10.840 -11.515 1.00 25.24 ? 2200 HOH A O   1 
HETATM 1283 O O   . HOH B 2 .   ? -6.451  -9.367  -15.299 1.00 29.16 ? 2201 HOH A O   1 
HETATM 1284 O O   . HOH B 2 .   ? -3.629  -11.197 -11.398 1.00 34.24 ? 2202 HOH A O   1 
HETATM 1285 O O   . HOH B 2 .   ? -5.951  -11.573 -7.681  1.00 20.09 ? 2203 HOH A O   1 
HETATM 1286 O O   . HOH B 2 .   ? -7.227  -11.750 -4.927  1.00 28.27 ? 2204 HOH A O   1 
HETATM 1287 O O   . HOH B 2 .   ? -9.878  -13.361 -14.149 1.00 18.27 ? 2205 HOH A O   1 
HETATM 1288 O O   . HOH B 2 .   ? -9.637  -15.285 -10.388 1.00 30.55 ? 2206 HOH A O   1 
HETATM 1289 O O   . HOH B 2 .   ? -11.994 -8.555  -3.873  1.00 17.55 ? 2207 HOH A O   1 
HETATM 1290 O O   . HOH B 2 .   ? -14.383 -19.448 -7.691  1.00 38.86 ? 2208 HOH A O   1 
HETATM 1291 O O   . HOH B 2 .   ? -17.281 -13.243 -2.906  1.00 17.66 ? 2209 HOH A O   1 
HETATM 1292 O O   . HOH B 2 .   ? -13.210 -16.724 4.093   1.00 23.54 ? 2210 HOH A O   1 
HETATM 1293 O O   . HOH B 2 .   ? -14.706 -15.790 0.628   1.00 23.21 ? 2211 HOH A O   1 
HETATM 1294 O O   . HOH B 2 .   ? -10.283 -9.698  4.748   1.00 7.48  ? 2212 HOH A O   1 
HETATM 1295 O O   . HOH B 2 .   ? -12.311 -6.433  7.449   1.00 16.13 ? 2213 HOH A O   1 
HETATM 1296 O O   . HOH B 2 .   ? -0.134  -12.784 -6.052  1.00 26.33 ? 2214 HOH A O   1 
HETATM 1297 O O   . HOH B 2 .   ? -2.387  -14.132 -1.947  1.00 35.15 ? 2215 HOH A O   1 
HETATM 1298 O O   . HOH B 2 .   ? 1.805   -11.659 -7.559  1.00 25.38 ? 2216 HOH A O   1 
HETATM 1299 O O   . HOH B 2 .   ? 8.643   -5.891  -9.991  1.00 11.54 ? 2217 HOH A O   1 
HETATM 1300 O O   . HOH B 2 .   ? 4.735   -7.772  -13.733 1.00 28.29 ? 2218 HOH A O   1 
HETATM 1301 O O   . HOH B 2 .   ? 2.002   -6.021  -14.119 1.00 42.54 ? 2219 HOH A O   1 
HETATM 1302 O O   . HOH B 2 .   ? 0.944   -3.282  -14.090 1.00 18.77 ? 2220 HOH A O   1 
HETATM 1303 O O   . HOH B 2 .   ? 0.942   -9.493  -9.424  1.00 11.53 ? 2221 HOH A O   1 
HETATM 1304 O O   . HOH B 2 .   ? -4.220  -12.793 -5.673  1.00 42.76 ? 2222 HOH A O   1 
HETATM 1305 O O   . HOH B 2 .   ? -5.829  -13.209 -3.433  1.00 38.33 ? 2223 HOH A O   1 
HETATM 1306 O O   . HOH B 2 .   ? -2.425  -13.307 0.893   1.00 13.08 ? 2224 HOH A O   1 
HETATM 1307 O O   . HOH B 2 .   ? -6.036  -14.481 -1.195  1.00 26.51 ? 2225 HOH A O   1 
HETATM 1308 O O   . HOH B 2 .   ? -5.173  -7.104  9.651   1.00 12.07 ? 2226 HOH A O   1 
HETATM 1309 O O   . HOH B 2 .   ? -10.031 -16.375 9.095   1.00 10.65 ? 2227 HOH A O   1 
HETATM 1310 O O   . HOH B 2 .   ? -2.338  -13.964 10.975  1.00 31.99 ? 2228 HOH A O   1 
HETATM 1311 O O   . HOH B 2 .   ? -7.549  -9.613  12.153  1.00 33.72 ? 2229 HOH A O   1 
HETATM 1312 O O   . HOH B 2 .   ? -2.702  -16.816 6.966   1.00 36.66 ? 2230 HOH A O   1 
HETATM 1313 O O   . HOH B 2 .   ? 0.417   -14.580 3.649   1.00 39.43 ? 2231 HOH A O   1 
HETATM 1314 O O   . HOH B 2 .   ? -0.205  -15.544 6.211   1.00 31.55 ? 2232 HOH A O   1 
HETATM 1315 O O   . HOH B 2 .   ? 10.716  -13.307 6.132   1.00 26.69 ? 2233 HOH A O   1 
HETATM 1316 O O   . HOH B 2 .   ? 2.224   0.122   1.872   1.00 17.51 ? 2234 HOH A O   1 
HETATM 1317 O O   . HOH B 2 .   ? 2.127   7.751   -3.338  1.00 14.02 ? 2235 HOH A O   1 
HETATM 1318 O O   . HOH B 2 .   ? 2.301   9.581   5.410   1.00 13.00 ? 2236 HOH A O   1 
HETATM 1319 O O   . HOH B 2 .   ? 0.071   9.745   -1.244  1.00 24.91 ? 2237 HOH A O   1 
HETATM 1320 O O   . HOH B 2 .   ? 10.600  10.592  11.245  1.00 35.51 ? 2238 HOH A O   1 
HETATM 1321 O O   . HOH B 2 .   ? 12.375  12.764  7.552   1.00 31.45 ? 2239 HOH A O   1 
HETATM 1322 O O   . HOH B 2 .   ? 10.066  12.367  4.973   1.00 36.62 ? 2240 HOH A O   1 
HETATM 1323 O O   . HOH B 2 .   ? 10.195  7.851   10.068  1.00 31.76 ? 2241 HOH A O   1 
HETATM 1324 O O   . HOH B 2 .   ? 2.907   20.038  3.494   1.00 40.99 ? 2242 HOH A O   1 
HETATM 1325 O O   . HOH B 2 .   ? 3.936   12.620  5.891   1.00 33.22 ? 2243 HOH A O   1 
HETATM 1326 O O   . HOH B 2 .   ? 6.366   18.691  3.040   1.00 31.60 ? 2244 HOH A O   1 
HETATM 1327 O O   . HOH B 2 .   ? 6.603   18.257  -0.238  1.00 53.18 ? 2245 HOH A O   1 
HETATM 1328 O O   . HOH B 2 .   ? 11.386  17.984  -0.439  1.00 36.26 ? 2246 HOH A O   1 
# 
